data_6KEU
#
_entry.id   6KEU
#
_cell.length_a   70.605
_cell.length_b   129.888
_cell.length_c   221.239
_cell.angle_alpha   90.000
_cell.angle_beta   90.000
_cell.angle_gamma   90.000
#
_symmetry.space_group_name_H-M   'P 21 2 21'
#
loop_
_entity.id
_entity.type
_entity.pdbx_description
1 polymer Lipase
2 non-polymer '(4-nitrophenyl) hexanoate'
3 non-polymer 'SULFATE ION'
4 non-polymer 1,2-ETHANEDIOL
5 non-polymer GLYCEROL
6 non-polymer 'HEXANOIC ACID'
7 water water
#
_entity_poly.entity_id   1
_entity_poly.type   'polypeptide(L)'
_entity_poly.pdbx_seq_one_letter_code
;TPFIRPDMKAFLEAIAAMAGPTLAEMTLEEARASYVALHGMADRPARELAVIRNLSCPGPAGDIPLRLYDARESREAGPV
ITFYHGGGFVIGDLDTHHNLCTEIAALMDLPVVAVDYRLAPEHPFPAAIEDCEAATRWVASSPSELGRTASGVIPIGDSA
GGNATIVVSQLLGAKPADVPVVLQVPIFPLASDAVGSASLEAFAEGFVLTKASIEFFDTAYKADRADPRGFPILGDHTAA
PPTIVATASLDPIRDSGRDYAKALVEAGRDVVYLEMEGVTHSFTNIRAAVPSTQGDLERIIAAMKMMLGTA
;
_entity_poly.pdbx_strand_id   A,B,C,D
#
loop_
_chem_comp.id
_chem_comp.type
_chem_comp.name
_chem_comp.formula
6NA non-polymer 'HEXANOIC ACID' 'C6 H12 O2'
D8F non-polymer '(4-nitrophenyl) hexanoate' 'C12 H15 N O4'
EDO non-polymer 1,2-ETHANEDIOL 'C2 H6 O2'
GOL non-polymer GLYCEROL 'C3 H8 O3'
SO4 non-polymer 'SULFATE ION' 'O4 S -2'
#
# COMPACT_ATOMS: atom_id res chain seq x y z
N THR A 1 2.36 20.31 -13.28
CA THR A 1 1.82 19.41 -12.27
C THR A 1 2.50 19.66 -10.92
N PRO A 2 1.72 19.70 -9.84
CA PRO A 2 2.29 20.00 -8.52
C PRO A 2 3.18 18.88 -8.04
N PHE A 3 4.17 19.24 -7.22
CA PHE A 3 5.10 18.26 -6.71
C PHE A 3 4.42 17.35 -5.69
N ILE A 4 4.62 16.04 -5.84
CA ILE A 4 4.12 15.03 -4.93
C ILE A 4 5.26 14.09 -4.59
N ARG A 5 5.46 13.80 -3.30
CA ARG A 5 6.47 12.82 -2.93
C ARG A 5 6.12 11.45 -3.49
N PRO A 6 7.13 10.64 -3.85
CA PRO A 6 6.81 9.29 -4.38
C PRO A 6 5.96 8.45 -3.44
N ASP A 7 6.28 8.41 -2.14
CA ASP A 7 5.45 7.59 -1.25
C ASP A 7 4.06 8.17 -1.10
N MET A 8 3.94 9.50 -1.15
CA MET A 8 2.61 10.13 -1.14
C MET A 8 1.82 9.73 -2.38
N LYS A 9 2.47 9.79 -3.55
CA LYS A 9 1.78 9.46 -4.80
C LYS A 9 1.30 8.01 -4.83
N ALA A 10 2.10 7.09 -4.28
CA ALA A 10 1.68 5.69 -4.23
C ALA A 10 0.40 5.53 -3.42
N PHE A 11 0.30 6.27 -2.30
CA PHE A 11 -0.90 6.20 -1.48
C PHE A 11 -2.10 6.75 -2.23
N LEU A 12 -1.92 7.87 -2.95
CA LEU A 12 -3.02 8.44 -3.72
C LEU A 12 -3.49 7.51 -4.82
N GLU A 13 -2.55 6.77 -5.42
CA GLU A 13 -2.92 5.85 -6.50
C GLU A 13 -3.72 4.67 -5.96
N ALA A 14 -3.39 4.21 -4.76
CA ALA A 14 -4.18 3.16 -4.13
C ALA A 14 -5.58 3.66 -3.80
N ILE A 15 -5.72 4.89 -3.31
CA ILE A 15 -7.04 5.45 -3.05
C ILE A 15 -7.83 5.55 -4.35
N ALA A 16 -7.16 5.96 -5.43
CA ALA A 16 -7.82 6.02 -6.73
C ALA A 16 -8.26 4.63 -7.21
N ALA A 17 -7.43 3.62 -6.97
CA ALA A 17 -7.79 2.24 -7.33
C ALA A 17 -9.03 1.78 -6.56
N MET A 18 -9.05 2.08 -5.26
CA MET A 18 -10.19 1.71 -4.41
C MET A 18 -11.49 2.31 -4.93
N ALA A 19 -11.48 3.60 -5.26
CA ALA A 19 -12.60 4.29 -5.90
C ALA A 19 -13.93 4.06 -5.17
N GLY A 20 -13.95 4.31 -3.87
CA GLY A 20 -15.14 4.03 -3.10
C GLY A 20 -16.28 5.02 -3.35
N PRO A 21 -17.41 4.79 -2.69
CA PRO A 21 -18.43 5.84 -2.62
C PRO A 21 -17.91 7.07 -1.91
N THR A 22 -18.53 8.22 -2.21
CA THR A 22 -18.25 9.44 -1.47
C THR A 22 -18.85 9.38 -0.07
N LEU A 23 -18.48 10.34 0.77
CA LEU A 23 -19.03 10.38 2.13
C LEU A 23 -20.54 10.58 2.10
N ALA A 24 -21.03 11.45 1.22
CA ALA A 24 -22.45 11.74 1.16
C ALA A 24 -23.27 10.53 0.70
N GLU A 25 -22.66 9.65 -0.11
CA GLU A 25 -23.35 8.46 -0.60
C GLU A 25 -23.44 7.35 0.44
N MET A 26 -22.65 7.42 1.51
CA MET A 26 -22.73 6.41 2.57
C MET A 26 -23.74 6.84 3.62
N THR A 27 -24.19 5.88 4.42
CA THR A 27 -24.83 6.27 5.67
C THR A 27 -23.80 6.95 6.55
N LEU A 28 -24.30 7.71 7.55
CA LEU A 28 -23.41 8.35 8.51
C LEU A 28 -22.54 7.32 9.22
N GLU A 29 -23.14 6.21 9.66
CA GLU A 29 -22.34 5.19 10.34
C GLU A 29 -21.28 4.62 9.41
N GLU A 30 -21.62 4.42 8.13
CA GLU A 30 -20.63 3.94 7.17
C GLU A 30 -19.52 4.97 6.96
N ALA A 31 -19.90 6.25 6.80
CA ALA A 31 -18.90 7.29 6.62
C ALA A 31 -17.92 7.33 7.79
N ARG A 32 -18.44 7.25 9.01
CA ARG A 32 -17.56 7.26 10.18
C ARG A 32 -16.69 6.02 10.25
N ALA A 33 -17.26 4.86 9.95
CA ALA A 33 -16.49 3.63 9.95
C ALA A 33 -15.36 3.66 8.91
N SER A 34 -15.59 4.29 7.75
CA SER A 34 -14.56 4.31 6.73
C SER A 34 -13.36 5.16 7.15
N TYR A 35 -13.60 6.20 7.96
CA TYR A 35 -12.53 7.02 8.50
C TYR A 35 -11.73 6.24 9.53
N VAL A 36 -12.41 5.49 10.40
CA VAL A 36 -11.70 4.60 11.32
C VAL A 36 -10.81 3.66 10.54
N ALA A 37 -11.34 3.06 9.48
CA ALA A 37 -10.57 2.07 8.70
C ALA A 37 -9.40 2.71 7.98
N LEU A 38 -9.58 3.92 7.44
CA LEU A 38 -8.50 4.61 6.75
C LEU A 38 -7.32 4.87 7.69
N HIS A 39 -7.58 5.53 8.82
CA HIS A 39 -6.51 5.78 9.77
C HIS A 39 -5.99 4.48 10.40
N GLY A 40 -6.87 3.50 10.59
CA GLY A 40 -6.41 2.24 11.13
C GLY A 40 -5.34 1.59 10.27
N MET A 41 -5.53 1.62 8.95
CA MET A 41 -4.55 1.00 8.05
C MET A 41 -3.38 1.92 7.72
N ALA A 42 -3.60 3.25 7.72
CA ALA A 42 -2.58 4.15 7.20
C ALA A 42 -1.62 4.66 8.26
N ASP A 43 -2.01 4.71 9.54
CA ASP A 43 -1.16 5.35 10.52
C ASP A 43 -0.24 4.34 11.21
N ARG A 44 0.88 4.86 11.72
CA ARG A 44 1.75 4.06 12.57
C ARG A 44 1.00 3.57 13.80
N PRO A 45 1.44 2.45 14.39
CA PRO A 45 0.77 1.94 15.59
C PRO A 45 1.00 2.82 16.80
N ALA A 46 0.15 2.63 17.81
CA ALA A 46 0.22 3.40 19.03
C ALA A 46 1.56 3.19 19.75
N ARG A 47 2.08 4.26 20.35
CA ARG A 47 3.18 4.11 21.28
C ARG A 47 2.70 3.53 22.60
N GLU A 48 3.57 2.77 23.24
CA GLU A 48 3.32 2.37 24.62
C GLU A 48 3.57 3.57 25.55
N LEU A 49 2.68 3.75 26.52
CA LEU A 49 2.77 4.85 27.47
C LEU A 49 2.41 4.34 28.86
N ALA A 50 2.94 5.02 29.87
CA ALA A 50 2.60 4.65 31.25
C ALA A 50 1.12 4.86 31.54
N VAL A 51 0.50 5.90 30.97
CA VAL A 51 -0.87 6.28 31.31
C VAL A 51 -1.67 6.47 30.04
N ILE A 52 -2.74 5.69 29.89
CA ILE A 52 -3.77 5.95 28.88
C ILE A 52 -5.08 5.69 29.59
N ARG A 53 -5.84 6.75 29.87
CA ARG A 53 -6.94 6.67 30.82
C ARG A 53 -8.12 7.46 30.28
N ASN A 54 -9.30 6.84 30.31
CA ASN A 54 -10.53 7.53 29.93
C ASN A 54 -11.07 8.31 31.11
N LEU A 55 -11.47 9.56 30.87
CA LEU A 55 -12.09 10.44 31.85
C LEU A 55 -13.30 11.10 31.22
N SER A 56 -13.96 11.96 32.00
CA SER A 56 -14.97 12.84 31.45
C SER A 56 -15.01 14.10 32.29
N CYS A 57 -15.61 15.14 31.73
CA CYS A 57 -15.81 16.38 32.46
C CYS A 57 -17.18 16.95 32.11
N PRO A 58 -17.72 17.83 32.95
CA PRO A 58 -19.04 18.41 32.65
C PRO A 58 -18.98 19.32 31.44
N GLY A 59 -20.03 19.27 30.63
CA GLY A 59 -20.16 20.14 29.49
C GLY A 59 -21.53 20.76 29.44
N PRO A 60 -21.74 21.70 28.52
CA PRO A 60 -23.06 22.35 28.45
C PRO A 60 -24.18 21.41 28.08
N ALA A 61 -23.93 20.34 27.33
CA ALA A 61 -24.99 19.40 26.97
C ALA A 61 -25.00 18.13 27.82
N GLY A 62 -24.03 17.96 28.69
CA GLY A 62 -23.83 16.72 29.41
C GLY A 62 -22.35 16.47 29.58
N ASP A 63 -22.00 15.25 29.99
CA ASP A 63 -20.60 14.93 30.18
C ASP A 63 -19.89 14.83 28.83
N ILE A 64 -18.61 15.22 28.82
CA ILE A 64 -17.76 15.14 27.64
C ILE A 64 -16.74 14.04 27.87
N PRO A 65 -16.71 12.98 27.06
CA PRO A 65 -15.66 11.96 27.23
C PRO A 65 -14.30 12.53 26.86
N LEU A 66 -13.27 12.10 27.60
CA LEU A 66 -11.90 12.54 27.42
C LEU A 66 -10.96 11.34 27.50
N ARG A 67 -9.77 11.48 26.94
CA ARG A 67 -8.74 10.46 27.12
C ARG A 67 -7.40 11.13 27.42
N LEU A 68 -6.77 10.71 28.51
CA LEU A 68 -5.49 11.23 28.95
C LEU A 68 -4.37 10.32 28.49
N TYR A 69 -3.33 10.92 27.90
CA TYR A 69 -2.13 10.21 27.48
C TYR A 69 -0.94 10.82 28.21
N ASP A 70 -0.10 9.99 28.80
CA ASP A 70 1.10 10.50 29.47
C ASP A 70 2.16 9.42 29.50
N ALA A 71 3.37 9.77 29.07
CA ALA A 71 4.50 8.87 29.16
C ALA A 71 4.98 8.66 30.60
N ARG A 72 4.53 9.48 31.54
CA ARG A 72 4.95 9.40 32.93
C ARG A 72 3.75 9.09 33.81
N GLU A 73 3.93 8.17 34.77
CA GLU A 73 2.86 7.88 35.71
C GLU A 73 2.64 9.05 36.67
N SER A 74 3.69 9.81 36.99
CA SER A 74 3.59 10.94 37.89
C SER A 74 4.42 12.08 37.33
N ARG A 75 3.88 13.29 37.34
CA ARG A 75 4.70 14.38 36.86
C ARG A 75 4.30 15.67 37.55
N GLU A 76 5.28 16.58 37.58
CA GLU A 76 5.13 17.89 38.20
C GLU A 76 4.31 18.81 37.30
N ALA A 77 3.94 19.96 37.86
CA ALA A 77 3.16 20.95 37.13
C ALA A 77 3.89 21.39 35.87
N GLY A 78 3.13 21.60 34.81
CA GLY A 78 3.67 21.98 33.52
C GLY A 78 2.53 22.18 32.55
N PRO A 79 2.82 22.52 31.30
CA PRO A 79 1.73 22.70 30.34
C PRO A 79 1.08 21.37 29.99
N VAL A 80 -0.22 21.42 29.68
CA VAL A 80 -0.97 20.24 29.28
C VAL A 80 -1.50 20.47 27.87
N ILE A 81 -1.30 19.48 27.01
CA ILE A 81 -1.78 19.55 25.64
C ILE A 81 -3.24 19.13 25.61
N THR A 82 -4.08 19.93 24.96
CA THR A 82 -5.51 19.62 24.85
C THR A 82 -5.79 19.47 23.36
N PHE A 83 -6.11 18.25 22.95
CA PHE A 83 -6.15 17.85 21.55
C PHE A 83 -7.59 17.68 21.05
N TYR A 84 -7.85 18.17 19.84
CA TYR A 84 -9.16 18.08 19.18
C TYR A 84 -9.00 17.42 17.83
N HIS A 85 -9.66 16.27 17.63
CA HIS A 85 -9.44 15.50 16.41
C HIS A 85 -10.09 16.13 15.18
N GLY A 86 -9.56 15.78 14.00
CA GLY A 86 -10.17 16.18 12.75
C GLY A 86 -11.33 15.26 12.34
N GLY A 87 -11.90 15.55 11.17
CA GLY A 87 -13.08 14.84 10.71
C GLY A 87 -14.26 15.71 10.35
N GLY A 88 -14.01 16.99 10.09
CA GLY A 88 -15.06 17.86 9.56
C GLY A 88 -16.11 18.26 10.56
N PHE A 89 -15.90 17.98 11.85
CA PHE A 89 -16.92 18.05 12.90
C PHE A 89 -18.06 17.04 12.68
N VAL A 90 -17.87 16.07 11.79
CA VAL A 90 -18.88 15.06 11.48
C VAL A 90 -18.40 13.64 11.80
N ILE A 91 -17.15 13.33 11.46
CA ILE A 91 -16.59 12.01 11.72
C ILE A 91 -15.37 12.12 12.63
N GLY A 92 -14.70 10.99 12.90
CA GLY A 92 -13.61 10.94 13.84
C GLY A 92 -14.09 10.71 15.27
N ASP A 93 -13.17 10.23 16.11
CA ASP A 93 -13.48 10.02 17.53
C ASP A 93 -12.16 9.89 18.28
N LEU A 94 -12.21 9.34 19.50
CA LEU A 94 -10.96 9.20 20.26
C LEU A 94 -10.04 8.14 19.65
N ASP A 95 -10.60 7.18 18.91
CA ASP A 95 -9.77 6.11 18.35
C ASP A 95 -9.14 6.47 17.02
N THR A 96 -9.80 7.30 16.19
CA THR A 96 -9.21 7.62 14.88
C THR A 96 -7.90 8.38 15.03
N HIS A 97 -7.73 9.11 16.14
CA HIS A 97 -6.55 9.93 16.35
C HIS A 97 -5.76 9.46 17.55
N HIS A 98 -6.07 8.26 18.06
CA HIS A 98 -5.42 7.73 19.25
C HIS A 98 -3.92 7.57 19.05
N ASN A 99 -3.51 6.94 17.95
CA ASN A 99 -2.09 6.66 17.75
C ASN A 99 -1.30 7.96 17.64
N LEU A 100 -1.84 8.93 16.90
CA LEU A 100 -1.20 10.24 16.83
C LEU A 100 -1.08 10.87 18.22
N CYS A 101 -2.11 10.72 19.06
CA CYS A 101 -2.00 11.29 20.40
C CYS A 101 -0.92 10.59 21.23
N THR A 102 -0.79 9.26 21.10
CA THR A 102 0.30 8.61 21.83
C THR A 102 1.66 9.08 21.32
N GLU A 103 1.75 9.38 20.02
CA GLU A 103 2.99 9.88 19.45
C GLU A 103 3.32 11.28 19.98
N ILE A 104 2.32 12.16 20.02
CA ILE A 104 2.54 13.50 20.55
C ILE A 104 2.98 13.43 22.00
N ALA A 105 2.30 12.60 22.80
CA ALA A 105 2.67 12.46 24.21
C ALA A 105 4.09 11.91 24.35
N ALA A 106 4.44 10.91 23.56
CA ALA A 106 5.77 10.32 23.63
C ALA A 106 6.85 11.33 23.24
N LEU A 107 6.64 12.02 22.12
CA LEU A 107 7.70 12.88 21.59
C LEU A 107 7.81 14.21 22.34
N MET A 108 6.69 14.75 22.84
CA MET A 108 6.75 15.99 23.61
C MET A 108 7.11 15.77 25.07
N ASP A 109 6.92 14.56 25.59
CA ASP A 109 7.03 14.31 27.03
C ASP A 109 6.18 15.31 27.80
N LEU A 110 4.93 15.47 27.36
CA LEU A 110 3.93 16.26 28.07
C LEU A 110 2.63 15.45 28.06
N PRO A 111 1.74 15.69 29.02
CA PRO A 111 0.45 15.01 29.00
C PRO A 111 -0.43 15.57 27.89
N VAL A 112 -1.26 14.69 27.33
CA VAL A 112 -2.19 15.02 26.25
C VAL A 112 -3.58 14.58 26.68
N VAL A 113 -4.55 15.49 26.58
CA VAL A 113 -5.95 15.16 26.83
C VAL A 113 -6.71 15.37 25.53
N ALA A 114 -7.20 14.27 24.94
CA ALA A 114 -8.04 14.34 23.75
C ALA A 114 -9.50 14.48 24.13
N VAL A 115 -10.25 15.25 23.33
CA VAL A 115 -11.64 15.62 23.60
C VAL A 115 -12.54 14.85 22.63
N ASP A 116 -13.49 14.10 23.18
CA ASP A 116 -14.49 13.41 22.36
C ASP A 116 -15.73 14.29 22.25
N TYR A 117 -15.61 15.35 21.45
CA TYR A 117 -16.65 16.36 21.35
C TYR A 117 -17.83 15.89 20.49
N ARG A 118 -18.99 16.51 20.71
CA ARG A 118 -20.20 16.15 19.98
C ARG A 118 -20.10 16.50 18.51
N LEU A 119 -20.69 15.65 17.67
CA LEU A 119 -20.52 15.72 16.22
C LEU A 119 -21.81 16.12 15.52
N ALA A 120 -21.64 16.80 14.39
CA ALA A 120 -22.72 17.05 13.46
C ALA A 120 -22.91 15.84 12.55
N PRO A 121 -24.07 15.71 11.88
CA PRO A 121 -25.24 16.59 11.88
C PRO A 121 -26.10 16.47 13.14
N GLU A 122 -25.89 15.43 13.96
CA GLU A 122 -26.73 15.27 15.14
C GLU A 122 -26.63 16.46 16.06
N HIS A 123 -25.43 17.03 16.20
CA HIS A 123 -25.17 18.21 17.03
C HIS A 123 -24.48 19.24 16.17
N PRO A 124 -25.24 20.15 15.56
CA PRO A 124 -24.64 21.12 14.64
C PRO A 124 -23.84 22.17 15.38
N PHE A 125 -23.12 22.97 14.61
CA PHE A 125 -22.38 24.14 15.10
C PHE A 125 -23.27 24.87 16.10
N PRO A 126 -22.74 25.32 17.25
CA PRO A 126 -21.36 25.27 17.70
C PRO A 126 -21.06 24.15 18.70
N ALA A 127 -21.79 23.04 18.60
CA ALA A 127 -21.66 21.96 19.60
C ALA A 127 -20.20 21.53 19.79
N ALA A 128 -19.49 21.27 18.70
CA ALA A 128 -18.10 20.84 18.83
C ALA A 128 -17.27 21.89 19.57
N ILE A 129 -17.48 23.18 19.26
CA ILE A 129 -16.73 24.26 19.89
C ILE A 129 -17.07 24.34 21.39
N GLU A 130 -18.36 24.27 21.73
CA GLU A 130 -18.79 24.27 23.13
C GLU A 130 -18.03 23.24 23.93
N ASP A 131 -17.93 22.01 23.40
CA ASP A 131 -17.30 20.92 24.12
C ASP A 131 -15.80 21.09 24.21
N CYS A 132 -15.15 21.45 23.10
CA CYS A 132 -13.70 21.67 23.17
C CYS A 132 -13.35 22.80 24.14
N GLU A 133 -14.13 23.90 24.15
CA GLU A 133 -13.83 24.98 25.09
C GLU A 133 -14.00 24.50 26.53
N ALA A 134 -15.13 23.86 26.81
CA ALA A 134 -15.40 23.40 28.18
C ALA A 134 -14.33 22.44 28.66
N ALA A 135 -13.97 21.46 27.81
CA ALA A 135 -12.94 20.50 28.20
C ALA A 135 -11.61 21.20 28.42
N THR A 136 -11.29 22.19 27.58
CA THR A 136 -10.00 22.86 27.74
C THR A 136 -9.98 23.68 29.04
N ARG A 137 -11.08 24.37 29.35
CA ARG A 137 -11.19 25.08 30.62
C ARG A 137 -11.06 24.11 31.80
N TRP A 138 -11.67 22.94 31.69
CA TRP A 138 -11.62 21.96 32.76
C TRP A 138 -10.20 21.49 33.00
N VAL A 139 -9.50 21.10 31.94
CA VAL A 139 -8.10 20.74 32.07
C VAL A 139 -7.31 21.88 32.69
N ALA A 140 -7.59 23.11 32.25
CA ALA A 140 -6.85 24.26 32.75
C ALA A 140 -7.07 24.53 34.24
N SER A 141 -8.13 23.95 34.84
CA SER A 141 -8.42 24.13 36.25
C SER A 141 -7.69 23.13 37.14
N SER A 142 -6.83 22.27 36.58
CA SER A 142 -6.12 21.25 37.34
C SER A 142 -7.07 20.44 38.23
N PRO A 143 -8.05 19.75 37.66
CA PRO A 143 -8.93 18.93 38.49
C PRO A 143 -8.21 17.72 39.04
N SER A 144 -8.70 17.22 40.17
CA SER A 144 -8.03 16.07 40.80
C SER A 144 -8.13 14.82 39.94
N GLU A 145 -9.21 14.67 39.16
CA GLU A 145 -9.36 13.50 38.31
C GLU A 145 -8.26 13.40 37.27
N LEU A 146 -7.66 14.52 36.89
CA LEU A 146 -6.62 14.49 35.87
C LEU A 146 -5.30 13.98 36.43
N GLY A 147 -5.02 14.26 37.69
CA GLY A 147 -3.83 13.72 38.31
C GLY A 147 -2.54 14.40 37.94
N ARG A 148 -2.59 15.54 37.25
CA ARG A 148 -1.39 16.36 37.09
C ARG A 148 -1.83 17.80 36.90
N THR A 149 -0.99 18.70 37.39
CA THR A 149 -1.33 20.12 37.46
C THR A 149 -0.90 20.82 36.17
N ALA A 150 -1.78 21.67 35.66
CA ALA A 150 -1.52 22.45 34.46
C ALA A 150 -1.04 23.84 34.85
N SER A 151 0.12 24.23 34.34
CA SER A 151 0.56 25.61 34.44
C SER A 151 0.18 26.43 33.22
N GLY A 152 -0.31 25.77 32.18
CA GLY A 152 -0.78 26.39 30.95
C GLY A 152 -1.38 25.30 30.12
N VAL A 153 -2.06 25.68 29.04
CA VAL A 153 -2.62 24.69 28.14
C VAL A 153 -2.12 24.94 26.73
N ILE A 154 -2.08 23.87 25.94
CA ILE A 154 -1.57 23.92 24.57
C ILE A 154 -2.64 23.30 23.68
N PRO A 155 -3.55 24.09 23.13
CA PRO A 155 -4.55 23.54 22.20
C PRO A 155 -3.90 23.13 20.89
N ILE A 156 -4.28 21.94 20.40
CA ILE A 156 -3.74 21.43 19.15
C ILE A 156 -4.81 20.58 18.51
N GLY A 157 -4.82 20.55 17.18
CA GLY A 157 -5.79 19.71 16.47
C GLY A 157 -5.55 19.79 14.98
N ASP A 158 -6.06 18.80 14.27
CA ASP A 158 -5.90 18.73 12.82
C ASP A 158 -7.22 19.06 12.14
N SER A 159 -7.15 19.95 11.15
CA SER A 159 -8.28 20.26 10.27
C SER A 159 -9.43 20.91 11.02
N ALA A 160 -10.60 20.25 11.11
CA ALA A 160 -11.66 20.75 12.00
C ALA A 160 -11.12 20.96 13.42
N GLY A 161 -10.27 20.04 13.88
CA GLY A 161 -9.62 20.25 15.16
C GLY A 161 -8.63 21.42 15.17
N GLY A 162 -8.09 21.78 14.00
CA GLY A 162 -7.29 22.99 13.92
C GLY A 162 -8.15 24.24 13.97
N ASN A 163 -9.32 24.20 13.32
CA ASN A 163 -10.34 25.22 13.53
C ASN A 163 -10.68 25.37 15.00
N ALA A 164 -10.98 24.25 15.68
CA ALA A 164 -11.31 24.29 17.10
C ALA A 164 -10.16 24.87 17.92
N THR A 165 -8.92 24.51 17.56
CA THR A 165 -7.74 25.04 18.23
C THR A 165 -7.77 26.57 18.28
N ILE A 166 -7.97 27.20 17.11
CA ILE A 166 -7.94 28.65 17.06
C ILE A 166 -9.13 29.27 17.79
N VAL A 167 -10.31 28.68 17.61
CA VAL A 167 -11.51 29.22 18.26
C VAL A 167 -11.35 29.15 19.77
N VAL A 168 -10.91 28.00 20.28
CA VAL A 168 -10.71 27.83 21.72
C VAL A 168 -9.70 28.84 22.24
N SER A 169 -8.62 29.06 21.50
CA SER A 169 -7.63 30.03 21.97
C SER A 169 -8.22 31.43 22.01
N GLN A 170 -9.09 31.78 21.05
CA GLN A 170 -9.73 33.09 21.05
C GLN A 170 -10.73 33.21 22.20
N LEU A 171 -11.51 32.17 22.45
CA LEU A 171 -12.48 32.20 23.54
C LEU A 171 -11.80 32.34 24.90
N LEU A 172 -10.71 31.58 25.12
CA LEU A 172 -9.99 31.70 26.37
C LEU A 172 -9.21 33.00 26.44
N GLY A 173 -8.79 33.54 25.29
CA GLY A 173 -8.15 34.84 25.31
C GLY A 173 -9.09 35.93 25.81
N ALA A 174 -10.36 35.85 25.39
CA ALA A 174 -11.36 36.85 25.78
C ALA A 174 -11.81 36.65 27.21
N LYS A 175 -11.90 35.40 27.67
CA LYS A 175 -12.31 35.10 29.04
C LYS A 175 -11.41 34.02 29.58
N PRO A 176 -10.34 34.40 30.27
CA PRO A 176 -9.28 33.45 30.60
C PRO A 176 -9.78 32.29 31.43
N ALA A 177 -9.16 31.13 31.20
CA ALA A 177 -9.28 29.98 32.08
C ALA A 177 -8.37 30.20 33.28
N ASP A 178 -8.20 29.17 34.13
CA ASP A 178 -7.38 29.32 35.32
C ASP A 178 -5.90 29.51 35.00
N VAL A 179 -5.45 29.01 33.85
CA VAL A 179 -4.10 29.26 33.35
C VAL A 179 -4.22 29.68 31.89
N PRO A 180 -3.19 30.30 31.33
CA PRO A 180 -3.28 30.78 29.96
C PRO A 180 -3.01 29.70 28.92
N VAL A 181 -3.39 30.01 27.69
CA VAL A 181 -2.93 29.29 26.52
C VAL A 181 -1.50 29.72 26.25
N VAL A 182 -0.52 28.81 26.40
CA VAL A 182 0.89 29.20 26.22
C VAL A 182 1.39 28.97 24.81
N LEU A 183 0.65 28.23 23.99
CA LEU A 183 1.03 27.88 22.63
C LEU A 183 -0.19 27.25 21.99
N GLN A 184 -0.47 27.55 20.73
CA GLN A 184 -1.49 26.82 19.99
C GLN A 184 -0.89 26.23 18.72
N VAL A 185 -1.38 25.06 18.34
CA VAL A 185 -0.82 24.34 17.18
C VAL A 185 -1.96 23.92 16.24
N PRO A 186 -2.51 24.83 15.44
CA PRO A 186 -3.52 24.42 14.45
C PRO A 186 -2.85 23.76 13.25
N ILE A 187 -3.21 22.50 12.98
CA ILE A 187 -2.60 21.70 11.93
C ILE A 187 -3.60 21.57 10.79
N PHE A 188 -3.13 21.86 9.55
CA PHE A 188 -3.93 22.19 8.37
C PHE A 188 -5.33 22.64 8.77
N PRO A 189 -5.47 23.80 9.42
CA PRO A 189 -6.76 24.23 9.95
C PRO A 189 -7.66 24.84 8.88
N LEU A 190 -8.94 24.87 9.20
CA LEU A 190 -9.90 25.71 8.51
C LEU A 190 -10.05 26.99 9.32
N ALA A 191 -9.49 28.09 8.82
CA ALA A 191 -9.57 29.37 9.51
C ALA A 191 -10.43 30.38 8.77
N SER A 192 -10.19 30.55 7.48
CA SER A 192 -11.05 31.29 6.58
C SER A 192 -11.89 30.31 5.75
N ASP A 193 -12.99 30.81 5.22
CA ASP A 193 -13.82 30.02 4.33
C ASP A 193 -13.01 29.57 3.11
N ALA A 194 -13.00 28.28 2.83
CA ALA A 194 -12.21 27.78 1.69
C ALA A 194 -12.88 28.05 0.35
N VAL A 195 -14.18 28.34 0.34
CA VAL A 195 -14.89 28.56 -0.92
C VAL A 195 -14.24 29.73 -1.66
N GLY A 196 -13.97 29.53 -2.94
CA GLY A 196 -13.32 30.54 -3.76
C GLY A 196 -11.81 30.55 -3.69
N SER A 197 -11.20 29.75 -2.83
CA SER A 197 -9.74 29.77 -2.71
C SER A 197 -9.09 29.03 -3.86
N ALA A 198 -7.87 29.45 -4.20
CA ALA A 198 -7.14 28.82 -5.29
C ALA A 198 -6.75 27.39 -4.95
N SER A 199 -6.38 27.13 -3.69
CA SER A 199 -6.05 25.76 -3.32
C SER A 199 -7.27 24.85 -3.45
N LEU A 200 -8.48 25.36 -3.12
CA LEU A 200 -9.65 24.49 -3.19
C LEU A 200 -9.90 24.01 -4.61
N GLU A 201 -9.80 24.90 -5.60
CA GLU A 201 -9.97 24.49 -7.00
C GLU A 201 -8.83 23.58 -7.45
N ALA A 202 -7.60 23.90 -7.05
CA ALA A 202 -6.44 23.14 -7.54
C ALA A 202 -6.43 21.71 -7.02
N PHE A 203 -6.89 21.49 -5.79
CA PHE A 203 -6.78 20.19 -5.14
C PHE A 203 -8.14 19.59 -4.83
N ALA A 204 -9.15 19.91 -5.65
CA ALA A 204 -10.53 19.53 -5.37
C ALA A 204 -10.75 18.02 -5.40
N GLU A 205 -9.96 17.28 -6.19
CA GLU A 205 -10.10 15.84 -6.29
C GLU A 205 -8.74 15.17 -6.27
N GLY A 206 -8.68 13.98 -5.68
CA GLY A 206 -7.49 13.17 -5.77
C GLY A 206 -6.41 13.46 -4.75
N PHE A 207 -6.68 14.25 -3.71
CA PHE A 207 -5.67 14.56 -2.70
C PHE A 207 -6.20 14.29 -1.29
N VAL A 208 -6.81 13.12 -1.13
CA VAL A 208 -7.33 12.60 0.14
C VAL A 208 -8.56 13.39 0.57
N LEU A 209 -8.38 14.63 1.02
CA LEU A 209 -9.51 15.48 1.31
C LEU A 209 -10.03 16.10 0.01
N THR A 210 -11.29 15.86 -0.31
CA THR A 210 -11.88 16.32 -1.57
C THR A 210 -12.83 17.48 -1.33
N LYS A 211 -13.07 18.24 -2.39
CA LYS A 211 -14.08 19.29 -2.34
C LYS A 211 -15.45 18.73 -1.97
N ALA A 212 -15.77 17.52 -2.46
CA ALA A 212 -17.06 16.91 -2.13
C ALA A 212 -17.19 16.65 -0.63
N SER A 213 -16.11 16.17 0.02
CA SER A 213 -16.16 15.93 1.45
C SER A 213 -16.30 17.24 2.22
N ILE A 214 -15.58 18.27 1.79
CA ILE A 214 -15.66 19.57 2.43
C ILE A 214 -17.09 20.09 2.40
N GLU A 215 -17.78 19.93 1.26
CA GLU A 215 -19.17 20.35 1.15
C GLU A 215 -20.09 19.48 2.01
N PHE A 216 -19.84 18.16 2.04
CA PHE A 216 -20.57 17.26 2.93
C PHE A 216 -20.45 17.70 4.40
N PHE A 217 -19.23 17.98 4.86
CA PHE A 217 -19.03 18.42 6.24
C PHE A 217 -19.72 19.76 6.50
N ASP A 218 -19.57 20.70 5.56
CA ASP A 218 -20.18 22.02 5.70
C ASP A 218 -21.70 21.92 5.84
N THR A 219 -22.33 21.09 5.01
CA THR A 219 -23.79 20.96 5.06
C THR A 219 -24.25 20.37 6.39
N ALA A 220 -23.47 19.46 6.97
CA ALA A 220 -23.87 18.86 8.24
C ALA A 220 -23.65 19.80 9.40
N TYR A 221 -22.54 20.55 9.40
CA TYR A 221 -22.14 21.35 10.56
C TYR A 221 -22.91 22.65 10.67
N LYS A 222 -23.16 23.31 9.53
CA LYS A 222 -24.00 24.51 9.48
C LYS A 222 -23.38 25.67 10.26
N ALA A 223 -22.07 25.89 10.10
CA ALA A 223 -21.45 27.07 10.69
C ALA A 223 -21.86 28.32 9.93
N ASP A 224 -22.17 29.37 10.66
CA ASP A 224 -22.53 30.65 10.06
C ASP A 224 -21.27 31.38 9.58
N ARG A 225 -21.30 31.84 8.32
CA ARG A 225 -20.13 32.44 7.66
C ARG A 225 -19.66 33.72 8.33
N ALA A 226 -20.52 34.38 9.09
CA ALA A 226 -20.17 35.61 9.78
C ALA A 226 -19.79 35.38 11.23
N ASP A 227 -19.84 34.14 11.70
CA ASP A 227 -19.58 33.82 13.09
C ASP A 227 -18.10 33.48 13.28
N PRO A 228 -17.36 34.24 14.09
CA PRO A 228 -15.94 33.93 14.29
C PRO A 228 -15.69 32.60 14.97
N ARG A 229 -16.70 32.00 15.63
CA ARG A 229 -16.56 30.65 16.14
C ARG A 229 -16.65 29.60 15.04
N GLY A 230 -17.13 29.98 13.86
CA GLY A 230 -17.13 29.10 12.70
C GLY A 230 -15.93 29.37 11.82
N PHE A 231 -15.56 30.63 11.65
CA PHE A 231 -14.47 31.03 10.75
C PHE A 231 -13.57 32.00 11.53
N PRO A 232 -12.62 31.47 12.31
CA PRO A 232 -11.91 32.33 13.27
C PRO A 232 -10.94 33.30 12.63
N ILE A 233 -10.77 33.28 11.30
CA ILE A 233 -10.08 34.38 10.65
C ILE A 233 -10.77 35.70 10.98
N LEU A 234 -12.07 35.66 11.27
CA LEU A 234 -12.83 36.86 11.56
C LEU A 234 -12.60 37.37 12.99
N GLY A 235 -11.92 36.62 13.83
CA GLY A 235 -11.72 37.01 15.20
C GLY A 235 -10.65 38.06 15.39
N ASP A 236 -10.43 38.40 16.66
CA ASP A 236 -9.45 39.39 17.08
C ASP A 236 -8.11 38.71 17.28
N HIS A 237 -7.13 39.04 16.45
CA HIS A 237 -5.81 38.40 16.51
C HIS A 237 -4.80 39.16 17.35
N THR A 238 -5.17 40.33 17.90
CA THR A 238 -4.18 41.22 18.49
C THR A 238 -3.50 40.66 19.74
N ALA A 239 -4.11 39.68 20.40
CA ALA A 239 -3.48 39.05 21.56
C ALA A 239 -3.34 37.54 21.37
N ALA A 240 -3.26 37.07 20.13
CA ALA A 240 -3.17 35.64 19.88
C ALA A 240 -1.94 35.07 20.57
N PRO A 241 -2.02 33.88 21.16
CA PRO A 241 -0.87 33.29 21.84
C PRO A 241 0.18 32.87 20.83
N PRO A 242 1.38 32.48 21.27
CA PRO A 242 2.38 31.96 20.33
C PRO A 242 1.78 30.81 19.54
N THR A 243 2.09 30.77 18.24
CA THR A 243 1.37 29.87 17.33
C THR A 243 2.32 29.12 16.42
N ILE A 244 2.00 27.85 16.16
CA ILE A 244 2.60 27.10 15.07
C ILE A 244 1.49 26.71 14.11
N VAL A 245 1.54 27.20 12.88
CA VAL A 245 0.59 26.82 11.84
C VAL A 245 1.29 25.85 10.90
N ALA A 246 0.73 24.65 10.75
CA ALA A 246 1.26 23.64 9.85
C ALA A 246 0.23 23.37 8.75
N THR A 247 0.65 23.44 7.49
CA THR A 247 -0.21 23.14 6.35
C THR A 247 0.47 22.10 5.46
N ALA A 248 -0.26 21.70 4.41
CA ALA A 248 0.25 20.78 3.39
C ALA A 248 0.15 21.45 2.03
N SER A 249 1.21 21.34 1.21
CA SER A 249 1.22 22.04 -0.07
C SER A 249 0.12 21.56 -1.01
N LEU A 250 -0.38 20.34 -0.83
CA LEU A 250 -1.41 19.78 -1.72
C LEU A 250 -2.81 19.81 -1.11
N ASP A 251 -3.01 20.63 -0.07
CA ASP A 251 -4.28 20.64 0.67
C ASP A 251 -5.27 21.59 -0.01
N PRO A 252 -6.50 21.16 -0.32
CA PRO A 252 -7.50 22.13 -0.82
C PRO A 252 -7.77 23.27 0.16
N ILE A 253 -7.55 23.09 1.47
CA ILE A 253 -7.73 24.20 2.41
C ILE A 253 -6.37 24.77 2.87
N ARG A 254 -5.32 24.50 2.10
CA ARG A 254 -4.01 25.08 2.37
C ARG A 254 -4.09 26.60 2.52
N ASP A 255 -4.80 27.26 1.61
CA ASP A 255 -4.81 28.73 1.61
C ASP A 255 -5.50 29.30 2.84
N SER A 256 -6.39 28.52 3.46
CA SER A 256 -7.01 28.93 4.71
C SER A 256 -5.96 29.03 5.81
N GLY A 257 -5.02 28.08 5.83
CA GLY A 257 -3.93 28.15 6.79
C GLY A 257 -2.97 29.28 6.50
N ARG A 258 -2.63 29.48 5.21
CA ARG A 258 -1.84 30.64 4.82
C ARG A 258 -2.47 31.93 5.30
N ASP A 259 -3.79 32.07 5.08
CA ASP A 259 -4.51 33.27 5.51
C ASP A 259 -4.37 33.51 7.01
N TYR A 260 -4.49 32.46 7.81
CA TYR A 260 -4.43 32.66 9.26
C TYR A 260 -3.04 33.09 9.71
N ALA A 261 -1.99 32.43 9.21
CA ALA A 261 -0.64 32.83 9.60
C ALA A 261 -0.34 34.26 9.17
N LYS A 262 -0.80 34.65 7.97
CA LYS A 262 -0.61 36.03 7.52
C LYS A 262 -1.29 37.02 8.45
N ALA A 263 -2.49 36.66 8.94
CA ALA A 263 -3.23 37.55 9.82
C ALA A 263 -2.51 37.70 11.17
N LEU A 264 -1.88 36.63 11.65
CA LEU A 264 -1.10 36.72 12.87
C LEU A 264 0.12 37.62 12.69
N VAL A 265 0.83 37.49 11.57
CA VAL A 265 1.96 38.41 11.32
C VAL A 265 1.46 39.84 11.22
N GLU A 266 0.33 40.05 10.53
CA GLU A 266 -0.25 41.38 10.38
C GLU A 266 -0.54 42.01 11.74
N ALA A 267 -0.93 41.20 12.72
CA ALA A 267 -1.21 41.69 14.06
C ALA A 267 0.03 41.69 14.96
N GLY A 268 1.22 41.36 14.42
CA GLY A 268 2.43 41.40 15.21
C GLY A 268 2.62 40.26 16.19
N ARG A 269 2.03 39.10 15.92
CA ARG A 269 2.08 37.97 16.85
C ARG A 269 3.17 37.00 16.41
N ASP A 270 3.74 36.26 17.36
CA ASP A 270 4.80 35.31 17.02
C ASP A 270 4.20 34.06 16.39
N VAL A 271 4.71 33.65 15.24
CA VAL A 271 4.13 32.49 14.56
C VAL A 271 5.21 31.77 13.77
N VAL A 272 5.18 30.44 13.83
CA VAL A 272 5.94 29.57 12.96
C VAL A 272 5.00 29.04 11.89
N TYR A 273 5.30 29.32 10.63
CA TYR A 273 4.49 28.79 9.54
C TYR A 273 5.31 27.72 8.82
N LEU A 274 4.78 26.48 8.81
CA LEU A 274 5.42 25.34 8.13
C LEU A 274 4.45 24.75 7.13
N GLU A 275 4.85 24.72 5.86
CA GLU A 275 4.01 24.17 4.80
C GLU A 275 4.74 22.94 4.26
N MET A 276 4.24 21.76 4.59
CA MET A 276 4.91 20.52 4.23
C MET A 276 4.78 20.28 2.73
N GLU A 277 5.90 19.96 2.09
CA GLU A 277 5.97 19.95 0.64
C GLU A 277 5.73 18.54 0.08
N GLY A 278 4.80 18.43 -0.86
CA GLY A 278 4.57 17.18 -1.55
C GLY A 278 3.69 16.20 -0.82
N VAL A 279 2.99 16.62 0.23
CA VAL A 279 2.05 15.76 0.96
C VAL A 279 0.72 16.47 1.04
N THR A 280 -0.30 15.73 1.48
CA THR A 280 -1.67 16.14 1.48
C THR A 280 -2.16 16.47 2.88
N HIS A 281 -3.38 17.03 2.93
CA HIS A 281 -4.21 16.96 4.12
C HIS A 281 -4.11 15.60 4.78
N SER A 282 -4.28 15.54 6.10
CA SER A 282 -4.27 14.33 6.92
C SER A 282 -2.89 13.71 7.08
N PHE A 283 -1.81 14.42 6.75
CA PHE A 283 -0.50 13.76 6.79
C PHE A 283 -0.13 13.29 8.19
N THR A 284 -0.75 13.86 9.23
CA THR A 284 -0.39 13.45 10.59
C THR A 284 -0.86 12.04 10.93
N ASN A 285 -1.81 11.50 10.16
CA ASN A 285 -2.41 10.21 10.50
C ASN A 285 -2.19 9.16 9.41
N ILE A 286 -1.22 9.36 8.53
CA ILE A 286 -0.95 8.36 7.49
C ILE A 286 0.53 8.00 7.54
N ARG A 287 1.08 7.94 8.75
CA ARG A 287 2.53 7.87 8.90
C ARG A 287 3.10 6.48 8.64
N ALA A 288 2.26 5.45 8.52
CA ALA A 288 2.75 4.15 8.05
C ALA A 288 2.60 3.98 6.55
N ALA A 289 1.46 4.37 5.99
CA ALA A 289 1.26 4.26 4.55
C ALA A 289 2.18 5.18 3.78
N VAL A 290 2.50 6.35 4.33
CA VAL A 290 3.38 7.32 3.69
C VAL A 290 4.49 7.62 4.69
N PRO A 291 5.56 6.81 4.72
CA PRO A 291 6.51 6.91 5.84
C PRO A 291 7.15 8.29 5.99
N SER A 292 7.27 9.07 4.91
CA SER A 292 7.92 10.37 5.03
C SER A 292 7.11 11.35 5.88
N THR A 293 5.81 11.09 6.11
CA THR A 293 5.05 12.00 6.95
C THR A 293 5.40 11.91 8.42
N GLN A 294 6.06 10.82 8.86
CA GLN A 294 6.59 10.83 10.22
C GLN A 294 7.57 11.99 10.43
N GLY A 295 8.41 12.25 9.43
CA GLY A 295 9.32 13.38 9.53
C GLY A 295 8.60 14.72 9.57
N ASP A 296 7.47 14.83 8.87
CA ASP A 296 6.69 16.07 8.91
C ASP A 296 6.15 16.33 10.31
N LEU A 297 5.64 15.28 10.97
CA LEU A 297 5.18 15.44 12.34
C LEU A 297 6.32 15.81 13.26
N GLU A 298 7.50 15.22 13.05
CA GLU A 298 8.63 15.51 13.91
C GLU A 298 9.08 16.96 13.78
N ARG A 299 8.89 17.57 12.61
CA ARG A 299 9.21 19.00 12.47
C ARG A 299 8.25 19.87 13.29
N ILE A 300 6.98 19.49 13.33
CA ILE A 300 6.02 20.20 14.19
C ILE A 300 6.43 20.07 15.65
N ILE A 301 6.81 18.86 16.07
CA ILE A 301 7.27 18.61 17.44
C ILE A 301 8.46 19.51 17.78
N ALA A 302 9.45 19.57 16.88
CA ALA A 302 10.62 20.41 17.11
C ALA A 302 10.23 21.88 17.22
N ALA A 303 9.30 22.34 16.37
CA ALA A 303 8.83 23.73 16.47
C ALA A 303 8.14 23.98 17.80
N MET A 304 7.37 23.00 18.29
CA MET A 304 6.67 23.15 19.55
C MET A 304 7.65 23.30 20.72
N LYS A 305 8.68 22.44 20.76
CA LYS A 305 9.67 22.52 21.83
C LYS A 305 10.38 23.86 21.81
N MET A 306 10.74 24.33 20.61
CA MET A 306 11.38 25.63 20.47
C MET A 306 10.47 26.74 21.02
N MET A 307 9.19 26.75 20.59
CA MET A 307 8.31 27.83 21.00
C MET A 307 7.95 27.76 22.48
N LEU A 308 8.05 26.59 23.11
CA LEU A 308 7.81 26.51 24.55
C LEU A 308 9.02 26.98 25.36
N GLY A 309 10.20 27.06 24.75
CA GLY A 309 11.35 27.71 25.37
C GLY A 309 12.04 26.96 26.48
N THR B 1 0.39 55.43 23.96
CA THR B 1 1.29 54.79 24.91
C THR B 1 1.55 53.34 24.53
N PRO B 2 2.41 53.11 23.56
CA PRO B 2 2.85 51.73 23.27
C PRO B 2 3.68 51.19 24.42
N PHE B 3 3.62 49.88 24.58
CA PHE B 3 4.36 49.25 25.66
C PHE B 3 5.87 49.34 25.42
N ILE B 4 6.62 49.71 26.46
CA ILE B 4 8.08 49.76 26.44
C ILE B 4 8.59 49.09 27.70
N ARG B 5 9.56 48.19 27.55
CA ARG B 5 10.16 47.57 28.72
C ARG B 5 10.83 48.63 29.58
N PRO B 6 10.85 48.44 30.91
CA PRO B 6 11.48 49.44 31.78
C PRO B 6 12.95 49.68 31.47
N ASP B 7 13.74 48.63 31.21
CA ASP B 7 15.14 48.90 30.90
C ASP B 7 15.28 49.58 29.55
N MET B 8 14.45 49.19 28.57
CA MET B 8 14.42 49.86 27.27
C MET B 8 14.08 51.34 27.42
N LYS B 9 13.04 51.64 28.18
CA LYS B 9 12.60 53.02 28.37
C LYS B 9 13.69 53.86 29.02
N ALA B 10 14.40 53.30 30.00
CA ALA B 10 15.50 54.02 30.63
C ALA B 10 16.58 54.41 29.62
N PHE B 11 16.92 53.48 28.71
CA PHE B 11 17.89 53.78 27.67
C PHE B 11 17.41 54.92 26.77
N LEU B 12 16.15 54.85 26.33
CA LEU B 12 15.61 55.89 25.46
C LEU B 12 15.62 57.26 26.15
N GLU B 13 15.31 57.28 27.44
CA GLU B 13 15.24 58.55 28.15
C GLU B 13 16.63 59.15 28.36
N ALA B 14 17.66 58.31 28.53
CA ALA B 14 19.03 58.83 28.61
C ALA B 14 19.48 59.40 27.28
N ILE B 15 19.13 58.74 26.17
CA ILE B 15 19.41 59.29 24.85
C ILE B 15 18.72 60.64 24.68
N ALA B 16 17.44 60.71 25.09
CA ALA B 16 16.71 61.97 25.00
C ALA B 16 17.40 63.08 25.81
N ALA B 17 17.84 62.74 27.03
CA ALA B 17 18.52 63.72 27.88
C ALA B 17 19.82 64.22 27.25
N MET B 18 20.54 63.36 26.53
CA MET B 18 21.76 63.81 25.87
C MET B 18 21.47 64.80 24.75
N ALA B 19 20.33 64.65 24.08
CA ALA B 19 19.86 65.59 23.05
C ALA B 19 20.93 65.86 21.99
N GLY B 20 21.47 64.79 21.42
CA GLY B 20 22.54 64.89 20.47
C GLY B 20 22.07 65.30 19.09
N PRO B 21 23.01 65.58 18.21
CA PRO B 21 22.65 66.04 16.86
C PRO B 21 22.08 64.91 16.01
N THR B 22 21.34 65.31 14.98
CA THR B 22 20.87 64.37 13.98
C THR B 22 22.01 63.98 13.03
N LEU B 23 21.76 62.92 12.25
CA LEU B 23 22.73 62.50 11.25
C LEU B 23 22.99 63.60 10.21
N ALA B 24 21.96 64.37 9.88
CA ALA B 24 22.13 65.47 8.93
C ALA B 24 22.99 66.60 9.52
N GLU B 25 22.92 66.82 10.83
CA GLU B 25 23.69 67.89 11.46
C GLU B 25 25.13 67.51 11.72
N MET B 26 25.50 66.25 11.54
CA MET B 26 26.88 65.82 11.72
C MET B 26 27.56 65.69 10.36
N THR B 27 28.89 65.71 10.40
CA THR B 27 29.64 65.27 9.23
C THR B 27 29.55 63.76 9.10
N LEU B 28 29.89 63.27 7.91
CA LEU B 28 29.92 61.84 7.66
C LEU B 28 30.79 61.11 8.68
N GLU B 29 32.03 61.61 8.89
CA GLU B 29 32.93 60.95 9.83
C GLU B 29 32.41 61.06 11.26
N GLU B 30 31.78 62.18 11.62
CA GLU B 30 31.18 62.31 12.94
C GLU B 30 30.04 61.30 13.12
N ALA B 31 29.20 61.14 12.10
CA ALA B 31 28.10 60.19 12.20
C ALA B 31 28.64 58.77 12.42
N ARG B 32 29.63 58.37 11.64
CA ARG B 32 30.17 57.02 11.75
C ARG B 32 30.85 56.80 13.10
N ALA B 33 31.62 57.77 13.59
CA ALA B 33 32.23 57.60 14.91
C ALA B 33 31.18 57.60 16.00
N SER B 34 30.10 58.36 15.83
CA SER B 34 29.01 58.37 16.80
C SER B 34 28.38 56.99 16.95
N TYR B 35 28.20 56.29 15.83
CA TYR B 35 27.65 54.94 15.85
C TYR B 35 28.63 53.96 16.49
N VAL B 36 29.93 54.11 16.21
CA VAL B 36 30.94 53.26 16.85
C VAL B 36 30.86 53.43 18.37
N ALA B 37 30.66 54.66 18.83
CA ALA B 37 30.67 54.93 20.27
C ALA B 37 29.40 54.44 20.94
N LEU B 38 28.26 54.55 20.26
CA LEU B 38 27.01 54.04 20.81
C LEU B 38 27.10 52.55 21.09
N HIS B 39 27.43 51.77 20.06
CA HIS B 39 27.54 50.32 20.24
C HIS B 39 28.66 49.97 21.19
N GLY B 40 29.76 50.72 21.16
CA GLY B 40 30.85 50.45 22.07
C GLY B 40 30.42 50.53 23.52
N MET B 41 29.52 51.47 23.84
CA MET B 41 29.02 51.61 25.19
C MET B 41 27.83 50.68 25.46
N ALA B 42 26.95 50.52 24.48
CA ALA B 42 25.66 49.89 24.75
C ALA B 42 25.66 48.38 24.61
N ASP B 43 26.58 47.80 23.84
CA ASP B 43 26.53 46.37 23.62
C ASP B 43 27.35 45.62 24.66
N ARG B 44 27.01 44.35 24.84
CA ARG B 44 27.82 43.50 25.69
C ARG B 44 29.21 43.32 25.09
N PRO B 45 30.21 43.00 25.91
CA PRO B 45 31.56 42.82 25.38
C PRO B 45 31.68 41.58 24.50
N ALA B 46 32.76 41.56 23.72
CA ALA B 46 33.01 40.45 22.81
C ALA B 46 33.19 39.15 23.58
N ARG B 47 32.70 38.06 23.01
CA ARG B 47 33.03 36.74 23.52
C ARG B 47 34.45 36.38 23.12
N GLU B 48 35.14 35.63 24.00
CA GLU B 48 36.44 35.08 23.65
C GLU B 48 36.24 33.89 22.71
N LEU B 49 36.94 33.89 21.59
CA LEU B 49 36.81 32.84 20.59
C LEU B 49 38.18 32.36 20.16
N ALA B 50 38.26 31.07 19.82
CA ALA B 50 39.51 30.51 19.31
C ALA B 50 39.98 31.23 18.05
N VAL B 51 39.07 31.62 17.17
CA VAL B 51 39.42 32.21 15.89
C VAL B 51 38.69 33.53 15.73
N ILE B 52 39.46 34.61 15.59
CA ILE B 52 38.96 35.90 15.10
C ILE B 52 40.00 36.38 14.10
N ARG B 53 39.70 36.29 12.81
CA ARG B 53 40.75 36.38 11.79
C ARG B 53 40.27 37.22 10.61
N ASN B 54 41.06 38.22 10.25
CA ASN B 54 40.76 39.02 9.07
C ASN B 54 41.12 38.24 7.82
N LEU B 55 40.22 38.23 6.85
CA LEU B 55 40.42 37.62 5.54
C LEU B 55 39.98 38.64 4.48
N SER B 56 40.04 38.23 3.21
CA SER B 56 39.51 39.06 2.15
C SER B 56 39.18 38.16 0.96
N CYS B 57 38.32 38.67 0.09
CA CYS B 57 37.96 37.93 -1.12
C CYS B 57 37.81 38.91 -2.27
N PRO B 58 38.02 38.45 -3.50
CA PRO B 58 37.84 39.30 -4.66
C PRO B 58 36.41 39.79 -4.77
N GLY B 59 36.26 41.06 -5.16
CA GLY B 59 34.95 41.65 -5.35
C GLY B 59 34.87 42.32 -6.70
N PRO B 60 33.69 42.84 -7.04
CA PRO B 60 33.55 43.51 -8.35
C PRO B 60 34.30 44.83 -8.46
N ALA B 61 34.73 45.41 -7.34
CA ALA B 61 35.48 46.67 -7.35
C ALA B 61 36.77 46.56 -6.54
N GLY B 62 37.33 45.36 -6.45
CA GLY B 62 38.52 45.13 -5.65
C GLY B 62 38.22 44.22 -4.47
N ASP B 63 39.26 44.00 -3.66
CA ASP B 63 39.17 43.07 -2.54
C ASP B 63 38.11 43.53 -1.55
N ILE B 64 37.34 42.58 -1.04
CA ILE B 64 36.35 42.83 0.01
C ILE B 64 36.93 42.35 1.33
N PRO B 65 37.10 43.22 2.34
CA PRO B 65 37.54 42.75 3.65
C PRO B 65 36.47 41.90 4.33
N LEU B 66 36.92 40.85 5.01
CA LEU B 66 36.06 39.94 5.75
C LEU B 66 36.66 39.72 7.13
N ARG B 67 35.83 39.29 8.08
CA ARG B 67 36.34 38.84 9.37
C ARG B 67 35.69 37.52 9.75
N LEU B 68 36.51 36.52 10.04
CA LEU B 68 36.04 35.18 10.39
C LEU B 68 36.02 35.03 11.90
N TYR B 69 34.90 34.54 12.43
CA TYR B 69 34.71 34.27 13.83
C TYR B 69 34.39 32.79 13.98
N ASP B 70 35.13 32.10 14.85
CA ASP B 70 34.84 30.69 15.07
C ASP B 70 35.30 30.31 16.46
N ALA B 71 34.41 29.66 17.21
CA ALA B 71 34.76 29.10 18.50
C ALA B 71 35.71 27.92 18.39
N ARG B 72 35.93 27.39 17.18
CA ARG B 72 36.78 26.23 16.96
C ARG B 72 37.87 26.55 15.93
N GLU B 73 39.10 26.11 16.21
CA GLU B 73 40.16 26.22 15.22
C GLU B 73 39.92 25.28 14.04
N SER B 74 39.34 24.11 14.29
CA SER B 74 39.16 23.06 13.29
C SER B 74 37.80 22.42 13.51
N ARG B 75 37.00 22.30 12.45
CA ARG B 75 35.64 21.78 12.61
C ARG B 75 35.23 20.95 11.39
N GLU B 76 34.22 20.13 11.59
CA GLU B 76 33.60 19.38 10.50
C GLU B 76 32.90 20.33 9.53
N ALA B 77 32.62 19.82 8.34
CA ALA B 77 31.83 20.56 7.37
C ALA B 77 30.45 20.87 7.96
N GLY B 78 29.92 22.04 7.61
CA GLY B 78 28.65 22.48 8.14
C GLY B 78 28.28 23.80 7.52
N PRO B 79 27.12 24.35 7.88
CA PRO B 79 26.74 25.65 7.35
C PRO B 79 27.67 26.72 7.87
N VAL B 80 27.86 27.78 7.08
CA VAL B 80 28.64 28.94 7.48
C VAL B 80 27.74 30.17 7.43
N ILE B 81 27.73 30.92 8.53
CA ILE B 81 26.94 32.12 8.65
C ILE B 81 27.67 33.27 7.95
N THR B 82 26.96 33.99 7.09
CA THR B 82 27.52 35.14 6.38
C THR B 82 26.72 36.38 6.81
N PHE B 83 27.40 37.31 7.49
CA PHE B 83 26.78 38.39 8.25
C PHE B 83 27.03 39.74 7.58
N TYR B 84 25.98 40.57 7.50
CA TYR B 84 26.05 41.91 6.93
C TYR B 84 25.55 42.91 7.95
N HIS B 85 26.39 43.88 8.32
CA HIS B 85 26.07 44.76 9.42
C HIS B 85 25.02 45.81 9.00
N GLY B 86 24.34 46.36 10.00
CA GLY B 86 23.44 47.46 9.78
C GLY B 86 24.16 48.80 9.76
N GLY B 87 23.37 49.86 9.59
CA GLY B 87 23.88 51.21 9.51
C GLY B 87 23.48 51.97 8.27
N GLY B 88 22.33 51.60 7.68
CA GLY B 88 21.73 52.34 6.58
C GLY B 88 22.44 52.20 5.26
N PHE B 89 23.40 51.30 5.16
CA PHE B 89 24.37 51.25 4.06
C PHE B 89 25.29 52.48 4.05
N VAL B 90 25.32 53.24 5.14
CA VAL B 90 26.14 54.45 5.25
C VAL B 90 27.14 54.37 6.39
N ILE B 91 26.73 53.86 7.54
CA ILE B 91 27.60 53.77 8.71
C ILE B 91 27.76 52.31 9.09
N GLY B 92 28.48 52.05 10.19
CA GLY B 92 28.81 50.70 10.59
C GLY B 92 30.00 50.15 9.81
N ASP B 93 30.62 49.13 10.40
CA ASP B 93 31.75 48.42 9.80
C ASP B 93 31.94 47.09 10.53
N LEU B 94 33.12 46.47 10.38
CA LEU B 94 33.38 45.21 11.06
C LEU B 94 33.45 45.39 12.57
N ASP B 95 33.79 46.59 13.04
CA ASP B 95 33.93 46.79 14.47
C ASP B 95 32.62 47.13 15.18
N THR B 96 31.71 47.87 14.54
CA THR B 96 30.46 48.22 15.21
C THR B 96 29.64 46.98 15.56
N HIS B 97 29.79 45.90 14.80
CA HIS B 97 28.99 44.69 15.03
C HIS B 97 29.85 43.51 15.44
N HIS B 98 31.10 43.79 15.82
CA HIS B 98 32.07 42.75 16.18
C HIS B 98 31.57 41.91 17.36
N ASN B 99 31.16 42.57 18.44
CA ASN B 99 30.75 41.81 19.63
C ASN B 99 29.53 40.93 19.34
N LEU B 100 28.55 41.45 18.60
CA LEU B 100 27.41 40.64 18.20
C LEU B 100 27.86 39.42 17.38
N CYS B 101 28.81 39.62 16.46
CA CYS B 101 29.33 38.50 15.68
C CYS B 101 29.95 37.43 16.59
N THR B 102 30.75 37.85 17.57
CA THR B 102 31.33 36.85 18.47
C THR B 102 30.24 36.13 19.26
N GLU B 103 29.16 36.82 19.57
CA GLU B 103 28.06 36.20 20.31
C GLU B 103 27.37 35.15 19.46
N ILE B 104 27.09 35.49 18.19
CA ILE B 104 26.44 34.55 17.30
C ILE B 104 27.32 33.32 17.09
N ALA B 105 28.64 33.53 16.90
CA ALA B 105 29.52 32.39 16.72
C ALA B 105 29.57 31.52 17.97
N ALA B 106 29.64 32.16 19.15
CA ALA B 106 29.71 31.40 20.39
C ALA B 106 28.44 30.58 20.63
N LEU B 107 27.28 31.20 20.44
CA LEU B 107 26.01 30.53 20.77
C LEU B 107 25.58 29.51 19.70
N MET B 108 25.92 29.73 18.43
CA MET B 108 25.57 28.76 17.38
C MET B 108 26.57 27.64 17.24
N ASP B 109 27.81 27.82 17.71
CA ASP B 109 28.92 26.91 17.44
C ASP B 109 29.01 26.64 15.94
N LEU B 110 28.93 27.71 15.17
CA LEU B 110 29.15 27.74 13.73
C LEU B 110 30.08 28.90 13.41
N PRO B 111 30.80 28.83 12.30
CA PRO B 111 31.64 29.96 11.92
C PRO B 111 30.77 31.08 11.36
N VAL B 112 31.23 32.31 11.60
CA VAL B 112 30.59 33.51 11.12
C VAL B 112 31.60 34.29 10.31
N VAL B 113 31.22 34.69 9.10
CA VAL B 113 32.03 35.55 8.25
C VAL B 113 31.28 36.86 8.05
N ALA B 114 31.78 37.94 8.65
CA ALA B 114 31.21 39.27 8.49
C ALA B 114 31.82 39.97 7.28
N VAL B 115 31.01 40.76 6.58
CA VAL B 115 31.39 41.39 5.32
C VAL B 115 31.55 42.90 5.51
N ASP B 116 32.71 43.42 5.10
CA ASP B 116 32.98 44.86 5.15
C ASP B 116 32.67 45.46 3.78
N TYR B 117 31.37 45.56 3.50
CA TYR B 117 30.92 45.99 2.18
C TYR B 117 31.08 47.49 2.00
N ARG B 118 31.10 47.92 0.74
CA ARG B 118 31.28 49.33 0.40
C ARG B 118 30.08 50.16 0.83
N LEU B 119 30.35 51.36 1.34
CA LEU B 119 29.34 52.21 1.95
C LEU B 119 29.03 53.43 1.10
N ALA B 120 27.76 53.85 1.16
CA ALA B 120 27.28 55.12 0.64
C ALA B 120 27.60 56.22 1.65
N PRO B 121 27.62 57.50 1.21
CA PRO B 121 27.35 58.01 -0.14
C PRO B 121 28.52 57.83 -1.11
N GLU B 122 29.68 57.43 -0.62
CA GLU B 122 30.84 57.23 -1.49
C GLU B 122 30.56 56.18 -2.55
N HIS B 123 29.89 55.09 -2.17
CA HIS B 123 29.53 54.01 -3.10
C HIS B 123 28.04 53.75 -2.96
N PRO B 124 27.22 54.39 -3.78
CA PRO B 124 25.76 54.20 -3.64
C PRO B 124 25.30 52.84 -4.15
N PHE B 125 24.00 52.59 -3.98
CA PHE B 125 23.37 51.40 -4.50
C PHE B 125 23.77 51.17 -5.96
N PRO B 126 24.10 49.94 -6.36
CA PRO B 126 24.02 48.68 -5.61
C PRO B 126 25.34 48.15 -5.00
N ALA B 127 26.27 49.04 -4.66
CA ALA B 127 27.61 48.59 -4.27
C ALA B 127 27.58 47.64 -3.08
N ALA B 128 26.83 47.99 -2.03
CA ALA B 128 26.78 47.14 -0.84
C ALA B 128 26.28 45.75 -1.20
N ILE B 129 25.21 45.69 -2.00
CA ILE B 129 24.64 44.42 -2.43
C ILE B 129 25.64 43.61 -3.23
N GLU B 130 26.32 44.27 -4.18
CA GLU B 130 27.32 43.57 -4.97
C GLU B 130 28.36 42.91 -4.09
N ASP B 131 28.84 43.62 -3.08
CA ASP B 131 29.89 43.09 -2.20
C ASP B 131 29.36 41.95 -1.33
N CYS B 132 28.17 42.14 -0.73
CA CYS B 132 27.57 41.09 0.07
C CYS B 132 27.37 39.82 -0.73
N GLU B 133 26.89 39.97 -1.98
CA GLU B 133 26.67 38.80 -2.81
C GLU B 133 27.99 38.11 -3.14
N ALA B 134 29.00 38.89 -3.54
CA ALA B 134 30.29 38.30 -3.89
C ALA B 134 30.90 37.57 -2.70
N ALA B 135 30.86 38.20 -1.52
CA ALA B 135 31.46 37.58 -0.34
C ALA B 135 30.74 36.29 0.04
N THR B 136 29.41 36.28 -0.10
CA THR B 136 28.65 35.08 0.26
C THR B 136 28.93 33.94 -0.71
N ARG B 137 29.00 34.24 -2.01
CA ARG B 137 29.41 33.23 -2.99
C ARG B 137 30.81 32.71 -2.70
N TRP B 138 31.73 33.62 -2.34
CA TRP B 138 33.10 33.19 -2.03
C TRP B 138 33.10 32.21 -0.87
N VAL B 139 32.42 32.56 0.23
CA VAL B 139 32.32 31.65 1.37
C VAL B 139 31.72 30.32 0.95
N ALA B 140 30.66 30.39 0.13
CA ALA B 140 29.93 29.19 -0.27
C ALA B 140 30.78 28.25 -1.12
N SER B 141 31.88 28.74 -1.69
CA SER B 141 32.77 27.90 -2.48
C SER B 141 33.77 27.13 -1.65
N SER B 142 33.74 27.29 -0.32
CA SER B 142 34.68 26.64 0.58
C SER B 142 36.13 26.88 0.13
N PRO B 143 36.56 28.12 0.03
CA PRO B 143 37.93 28.38 -0.40
C PRO B 143 38.94 27.91 0.65
N SER B 144 40.13 27.54 0.18
CA SER B 144 41.15 27.01 1.09
C SER B 144 41.40 28.00 2.24
N GLU B 145 41.39 29.30 1.93
CA GLU B 145 41.74 30.31 2.91
C GLU B 145 40.69 30.42 4.03
N LEU B 146 39.48 29.93 3.81
CA LEU B 146 38.46 30.00 4.86
C LEU B 146 38.76 29.03 6.00
N GLY B 147 39.41 27.90 5.70
CA GLY B 147 39.85 26.99 6.75
C GLY B 147 38.78 26.06 7.27
N ARG B 148 37.58 26.06 6.69
CA ARG B 148 36.54 25.10 7.03
C ARG B 148 35.63 24.95 5.81
N THR B 149 34.96 23.80 5.73
CA THR B 149 34.11 23.51 4.58
C THR B 149 32.68 23.95 4.83
N ALA B 150 32.10 24.68 3.88
CA ALA B 150 30.70 25.09 3.94
C ALA B 150 29.84 24.08 3.21
N SER B 151 28.88 23.48 3.91
CA SER B 151 27.86 22.66 3.28
C SER B 151 26.65 23.49 2.87
N GLY B 152 26.60 24.74 3.31
CA GLY B 152 25.51 25.66 3.01
C GLY B 152 25.88 26.98 3.65
N VAL B 153 25.13 28.02 3.29
CA VAL B 153 25.39 29.33 3.88
C VAL B 153 24.12 29.83 4.57
N ILE B 154 24.32 30.68 5.58
CA ILE B 154 23.22 31.25 6.36
C ILE B 154 23.37 32.77 6.35
N PRO B 155 22.75 33.48 5.40
CA PRO B 155 22.82 34.95 5.43
C PRO B 155 22.05 35.49 6.62
N ILE B 156 22.64 36.49 7.27
CA ILE B 156 22.05 37.12 8.44
C ILE B 156 22.53 38.56 8.49
N GLY B 157 21.69 39.46 8.98
CA GLY B 157 22.09 40.84 9.08
C GLY B 157 20.99 41.64 9.74
N ASP B 158 21.40 42.76 10.35
CA ASP B 158 20.46 43.64 11.02
C ASP B 158 20.19 44.87 10.17
N SER B 159 18.92 45.19 10.00
CA SER B 159 18.46 46.41 9.35
C SER B 159 18.88 46.50 7.88
N ALA B 160 19.79 47.42 7.52
CA ALA B 160 20.36 47.40 6.17
C ALA B 160 20.94 46.02 5.86
N GLY B 161 21.54 45.38 6.87
CA GLY B 161 22.04 44.03 6.68
C GLY B 161 20.92 43.00 6.55
N GLY B 162 19.75 43.28 7.14
CA GLY B 162 18.61 42.42 6.91
C GLY B 162 18.08 42.56 5.50
N ASN B 163 18.09 43.78 4.98
CA ASN B 163 17.83 44.01 3.56
C ASN B 163 18.80 43.21 2.69
N ALA B 164 20.10 43.31 2.99
CA ALA B 164 21.11 42.60 2.22
C ALA B 164 20.93 41.09 2.31
N THR B 165 20.58 40.60 3.51
CA THR B 165 20.27 39.19 3.72
C THR B 165 19.24 38.68 2.71
N ILE B 166 18.11 39.36 2.60
CA ILE B 166 17.05 38.92 1.69
C ILE B 166 17.52 39.02 0.23
N VAL B 167 18.16 40.13 -0.12
CA VAL B 167 18.61 40.33 -1.50
C VAL B 167 19.62 39.26 -1.89
N VAL B 168 20.57 38.95 -0.99
CA VAL B 168 21.54 37.89 -1.28
C VAL B 168 20.82 36.57 -1.49
N SER B 169 19.86 36.25 -0.61
CA SER B 169 19.13 34.99 -0.76
C SER B 169 18.42 34.94 -2.11
N GLN B 170 17.84 36.05 -2.57
CA GLN B 170 17.18 36.06 -3.87
C GLN B 170 18.20 35.90 -5.01
N LEU B 171 19.35 36.56 -4.92
CA LEU B 171 20.33 36.46 -6.01
C LEU B 171 20.91 35.05 -6.09
N LEU B 172 21.22 34.45 -4.95
CA LEU B 172 21.72 33.08 -4.96
C LEU B 172 20.62 32.10 -5.34
N GLY B 173 19.37 32.42 -5.04
CA GLY B 173 18.28 31.57 -5.51
C GLY B 173 18.17 31.53 -7.02
N ALA B 174 18.32 32.69 -7.68
CA ALA B 174 18.24 32.74 -9.13
C ALA B 174 19.48 32.17 -9.79
N LYS B 175 20.65 32.37 -9.18
CA LYS B 175 21.91 31.87 -9.71
C LYS B 175 22.69 31.22 -8.58
N PRO B 176 22.56 29.90 -8.42
CA PRO B 176 23.10 29.24 -7.23
C PRO B 176 24.59 29.41 -7.06
N ALA B 177 25.03 29.53 -5.81
CA ALA B 177 26.44 29.40 -5.48
C ALA B 177 26.75 27.91 -5.38
N ASP B 178 27.96 27.57 -4.92
CA ASP B 178 28.35 26.15 -4.88
C ASP B 178 27.53 25.35 -3.88
N VAL B 179 26.97 26.00 -2.87
CA VAL B 179 26.09 25.32 -1.91
C VAL B 179 24.87 26.21 -1.69
N PRO B 180 23.76 25.66 -1.23
CA PRO B 180 22.53 26.45 -1.13
C PRO B 180 22.49 27.35 0.10
N VAL B 181 21.65 28.37 0.04
CA VAL B 181 21.21 29.10 1.23
C VAL B 181 20.30 28.15 2.03
N VAL B 182 20.76 27.69 3.19
CA VAL B 182 19.95 26.73 3.96
C VAL B 182 19.01 27.41 4.96
N LEU B 183 19.23 28.69 5.24
CA LEU B 183 18.44 29.47 6.20
C LEU B 183 18.85 30.92 6.01
N GLN B 184 17.89 31.84 6.12
CA GLN B 184 18.22 33.26 6.14
C GLN B 184 17.59 33.89 7.37
N VAL B 185 18.31 34.86 7.97
CA VAL B 185 17.83 35.47 9.21
C VAL B 185 17.87 36.99 9.06
N PRO B 186 16.89 37.60 8.37
CA PRO B 186 16.82 39.07 8.32
C PRO B 186 16.29 39.63 9.64
N ILE B 187 17.08 40.47 10.31
CA ILE B 187 16.73 41.05 11.60
C ILE B 187 16.39 42.52 11.38
N PHE B 188 15.24 42.94 11.94
CA PHE B 188 14.49 44.13 11.59
C PHE B 188 14.86 44.64 10.20
N PRO B 189 14.53 43.89 9.16
CA PRO B 189 14.97 44.24 7.81
C PRO B 189 14.13 45.35 7.19
N LEU B 190 14.75 46.06 6.26
CA LEU B 190 14.01 46.89 5.31
C LEU B 190 13.78 46.03 4.07
N ALA B 191 12.56 45.53 3.92
CA ALA B 191 12.17 44.73 2.77
C ALA B 191 11.28 45.50 1.81
N SER B 192 10.25 46.17 2.33
CA SER B 192 9.39 47.07 1.57
C SER B 192 9.70 48.51 1.99
N ASP B 193 9.43 49.44 1.08
CA ASP B 193 9.58 50.87 1.37
C ASP B 193 8.78 51.25 2.61
N ALA B 194 9.45 51.88 3.58
CA ALA B 194 8.77 52.24 4.83
C ALA B 194 7.84 53.44 4.67
N VAL B 195 8.05 54.25 3.62
CA VAL B 195 7.27 55.47 3.46
C VAL B 195 5.79 55.12 3.31
N GLY B 196 4.96 55.74 4.14
CA GLY B 196 3.54 55.46 4.18
C GLY B 196 3.11 54.40 5.17
N SER B 197 4.02 53.68 5.79
CA SER B 197 3.64 52.64 6.74
C SER B 197 3.19 53.24 8.06
N ALA B 198 2.28 52.53 8.73
CA ALA B 198 1.81 52.97 10.04
C ALA B 198 2.94 52.98 11.06
N SER B 199 3.84 52.00 10.98
CA SER B 199 4.92 51.95 11.96
C SER B 199 5.82 53.18 11.82
N LEU B 200 6.06 53.65 10.59
CA LEU B 200 6.96 54.80 10.41
C LEU B 200 6.40 56.04 11.10
N GLU B 201 5.09 56.30 10.97
CA GLU B 201 4.49 57.44 11.65
C GLU B 201 4.47 57.25 13.17
N ALA B 202 4.13 56.06 13.63
CA ALA B 202 3.96 55.86 15.06
C ALA B 202 5.28 55.99 15.81
N PHE B 203 6.40 55.62 15.19
CA PHE B 203 7.68 55.58 15.87
C PHE B 203 8.72 56.48 15.19
N ALA B 204 8.25 57.58 14.58
CA ALA B 204 9.12 58.47 13.81
C ALA B 204 10.21 59.11 14.67
N GLU B 205 9.96 59.30 15.96
CA GLU B 205 10.95 59.94 16.82
C GLU B 205 11.01 59.24 18.17
N GLY B 206 12.20 59.23 18.76
CA GLY B 206 12.37 58.77 20.12
C GLY B 206 12.60 57.28 20.30
N PHE B 207 12.73 56.52 19.20
CA PHE B 207 12.92 55.07 19.32
C PHE B 207 14.20 54.59 18.65
N VAL B 208 15.33 55.25 18.97
CA VAL B 208 16.67 54.93 18.46
C VAL B 208 16.76 55.23 16.97
N LEU B 209 16.11 54.44 16.13
CA LEU B 209 16.04 54.74 14.70
C LEU B 209 14.91 55.72 14.46
N THR B 210 15.23 56.85 13.83
CA THR B 210 14.26 57.92 13.61
C THR B 210 13.91 58.00 12.13
N LYS B 211 12.75 58.61 11.86
CA LYS B 211 12.38 58.87 10.47
C LYS B 211 13.41 59.75 9.78
N ALA B 212 13.96 60.74 10.49
CA ALA B 212 14.99 61.60 9.92
C ALA B 212 16.21 60.79 9.46
N SER B 213 16.65 59.84 10.28
CA SER B 213 17.80 59.01 9.89
C SER B 213 17.46 58.14 8.68
N ILE B 214 16.26 57.55 8.66
CA ILE B 214 15.82 56.75 7.52
C ILE B 214 15.90 57.58 6.23
N GLU B 215 15.43 58.83 6.29
CA GLU B 215 15.53 59.71 5.13
C GLU B 215 16.98 60.02 4.78
N PHE B 216 17.82 60.24 5.81
CA PHE B 216 19.24 60.51 5.57
C PHE B 216 19.91 59.33 4.88
N PHE B 217 19.69 58.11 5.39
CA PHE B 217 20.27 56.94 4.73
C PHE B 217 19.77 56.80 3.30
N ASP B 218 18.47 57.04 3.10
CA ASP B 218 17.88 56.83 1.79
C ASP B 218 18.50 57.76 0.74
N THR B 219 18.70 59.04 1.10
CA THR B 219 19.31 59.98 0.16
C THR B 219 20.76 59.62 -0.14
N ALA B 220 21.49 59.09 0.84
CA ALA B 220 22.87 58.69 0.59
C ALA B 220 22.95 57.44 -0.30
N TYR B 221 22.10 56.43 -0.03
CA TYR B 221 22.21 55.16 -0.72
C TYR B 221 21.65 55.21 -2.14
N LYS B 222 20.54 55.94 -2.32
CA LYS B 222 19.93 56.15 -3.65
C LYS B 222 19.53 54.84 -4.29
N ALA B 223 18.75 54.03 -3.57
CA ALA B 223 18.25 52.78 -4.11
C ALA B 223 17.07 53.05 -5.05
N ASP B 224 17.07 52.35 -6.17
CA ASP B 224 15.98 52.42 -7.13
C ASP B 224 14.73 51.79 -6.53
N ARG B 225 13.65 52.56 -6.45
CA ARG B 225 12.41 52.10 -5.81
C ARG B 225 11.77 50.91 -6.53
N ALA B 226 12.08 50.71 -7.81
CA ALA B 226 11.51 49.62 -8.57
C ALA B 226 12.43 48.41 -8.64
N ASP B 227 13.60 48.47 -7.99
CA ASP B 227 14.60 47.43 -8.12
C ASP B 227 14.46 46.46 -6.96
N PRO B 228 14.23 45.16 -7.22
CA PRO B 228 14.18 44.21 -6.10
C PRO B 228 15.49 44.09 -5.33
N ARG B 229 16.62 44.51 -5.90
CA ARG B 229 17.84 44.54 -5.10
C ARG B 229 17.84 45.70 -4.11
N GLY B 230 16.98 46.68 -4.30
CA GLY B 230 16.83 47.75 -3.34
C GLY B 230 15.70 47.47 -2.38
N PHE B 231 14.63 46.87 -2.88
CA PHE B 231 13.44 46.62 -2.07
C PHE B 231 12.97 45.21 -2.37
N PRO B 232 13.53 44.21 -1.67
CA PRO B 232 13.33 42.82 -2.05
C PRO B 232 11.91 42.29 -1.81
N ILE B 233 11.00 43.07 -1.21
CA ILE B 233 9.60 42.68 -1.24
C ILE B 233 9.13 42.50 -2.69
N LEU B 234 9.78 43.18 -3.63
CA LEU B 234 9.43 43.11 -5.04
C LEU B 234 9.95 41.85 -5.71
N GLY B 235 10.81 41.09 -5.04
CA GLY B 235 11.41 39.92 -5.64
C GLY B 235 10.46 38.74 -5.74
N ASP B 236 10.99 37.64 -6.28
CA ASP B 236 10.25 36.40 -6.46
C ASP B 236 10.41 35.58 -5.18
N HIS B 237 9.31 35.38 -4.44
CA HIS B 237 9.38 34.68 -3.18
C HIS B 237 9.12 33.18 -3.31
N THR B 238 8.82 32.68 -4.52
CA THR B 238 8.27 31.33 -4.64
C THR B 238 9.26 30.24 -4.24
N ALA B 239 10.56 30.54 -4.22
CA ALA B 239 11.56 29.56 -3.81
C ALA B 239 12.41 30.09 -2.65
N ALA B 240 11.86 30.97 -1.83
CA ALA B 240 12.66 31.54 -0.74
C ALA B 240 13.14 30.43 0.19
N PRO B 241 14.36 30.51 0.70
CA PRO B 241 14.85 29.52 1.68
C PRO B 241 14.09 29.63 2.98
N PRO B 242 14.20 28.62 3.87
CA PRO B 242 13.64 28.78 5.22
C PRO B 242 14.11 30.09 5.82
N THR B 243 13.21 30.77 6.53
CA THR B 243 13.45 32.15 6.96
C THR B 243 13.05 32.36 8.43
N ILE B 244 13.87 33.12 9.15
CA ILE B 244 13.49 33.67 10.45
C ILE B 244 13.50 35.19 10.29
N VAL B 245 12.32 35.81 10.39
CA VAL B 245 12.20 37.26 10.38
C VAL B 245 12.03 37.69 11.83
N ALA B 246 12.95 38.54 12.31
CA ALA B 246 12.83 39.12 13.65
C ALA B 246 12.60 40.62 13.50
N THR B 247 11.59 41.14 14.19
CA THR B 247 11.31 42.57 14.19
C THR B 247 11.21 43.06 15.63
N ALA B 248 11.03 44.37 15.79
CA ALA B 248 10.83 44.98 17.09
C ALA B 248 9.51 45.75 17.08
N SER B 249 8.76 45.67 18.18
CA SER B 249 7.41 46.23 18.19
C SER B 249 7.41 47.75 18.13
N LEU B 250 8.52 48.41 18.52
CA LEU B 250 8.63 49.86 18.49
C LEU B 250 9.45 50.37 17.30
N ASP B 251 9.65 49.55 16.30
CA ASP B 251 10.52 49.90 15.17
C ASP B 251 9.73 50.67 14.11
N PRO B 252 10.18 51.84 13.67
CA PRO B 252 9.49 52.51 12.54
C PRO B 252 9.44 51.68 11.27
N ILE B 253 10.35 50.73 11.04
CA ILE B 253 10.26 49.85 9.89
C ILE B 253 9.76 48.45 10.27
N ARG B 254 9.16 48.31 11.46
CA ARG B 254 8.50 47.07 11.85
C ARG B 254 7.58 46.53 10.75
N ASP B 255 6.75 47.41 10.16
CA ASP B 255 5.75 46.95 9.20
C ASP B 255 6.38 46.40 7.93
N SER B 256 7.59 46.86 7.59
CA SER B 256 8.31 46.31 6.45
C SER B 256 8.67 44.84 6.69
N GLY B 257 9.08 44.51 7.92
CA GLY B 257 9.36 43.12 8.26
C GLY B 257 8.10 42.27 8.33
N ARG B 258 7.01 42.82 8.89
CA ARG B 258 5.72 42.16 8.80
C ARG B 258 5.35 41.84 7.35
N ASP B 259 5.50 42.84 6.46
CA ASP B 259 5.15 42.65 5.06
C ASP B 259 5.94 41.50 4.45
N TYR B 260 7.23 41.39 4.76
CA TYR B 260 8.05 40.35 4.14
C TYR B 260 7.63 38.98 4.64
N ALA B 261 7.44 38.81 5.95
CA ALA B 261 7.01 37.52 6.48
C ALA B 261 5.65 37.11 5.91
N LYS B 262 4.72 38.07 5.80
CA LYS B 262 3.43 37.77 5.16
C LYS B 262 3.61 37.32 3.71
N ALA B 263 4.52 37.97 2.98
CA ALA B 263 4.74 37.57 1.59
C ALA B 263 5.29 36.15 1.48
N LEU B 264 6.12 35.73 2.43
CA LEU B 264 6.64 34.36 2.40
C LEU B 264 5.54 33.33 2.66
N VAL B 265 4.68 33.60 3.66
CA VAL B 265 3.54 32.72 3.91
C VAL B 265 2.65 32.65 2.67
N GLU B 266 2.38 33.81 2.05
CA GLU B 266 1.55 33.84 0.85
C GLU B 266 2.14 32.96 -0.25
N ALA B 267 3.47 32.88 -0.31
CA ALA B 267 4.15 32.05 -1.28
C ALA B 267 4.35 30.62 -0.80
N GLY B 268 3.86 30.28 0.39
CA GLY B 268 3.96 28.92 0.90
C GLY B 268 5.34 28.54 1.41
N ARG B 269 6.14 29.51 1.85
CA ARG B 269 7.49 29.24 2.32
C ARG B 269 7.52 29.13 3.84
N ASP B 270 8.47 28.34 4.36
CA ASP B 270 8.57 28.15 5.81
C ASP B 270 9.18 29.40 6.45
N VAL B 271 8.50 29.95 7.45
CA VAL B 271 9.01 31.17 8.07
C VAL B 271 8.66 31.17 9.55
N VAL B 272 9.63 31.59 10.36
CA VAL B 272 9.42 31.93 11.76
C VAL B 272 9.35 33.45 11.84
N TYR B 273 8.24 33.99 12.36
CA TYR B 273 8.11 35.43 12.54
C TYR B 273 8.14 35.73 14.04
N LEU B 274 9.13 36.51 14.48
CA LEU B 274 9.26 36.89 15.89
C LEU B 274 9.25 38.40 15.97
N GLU B 275 8.30 38.95 16.73
CA GLU B 275 8.20 40.39 16.94
C GLU B 275 8.46 40.63 18.43
N MET B 276 9.67 41.13 18.72
CA MET B 276 10.07 41.35 20.11
C MET B 276 9.28 42.51 20.73
N GLU B 277 8.72 42.27 21.91
CA GLU B 277 7.74 43.17 22.50
C GLU B 277 8.41 44.19 23.43
N GLY B 278 8.17 45.47 23.16
CA GLY B 278 8.62 46.52 24.05
C GLY B 278 10.06 46.93 23.87
N VAL B 279 10.68 46.60 22.73
CA VAL B 279 12.05 47.00 22.43
C VAL B 279 12.06 47.63 21.05
N THR B 280 13.19 48.25 20.71
CA THR B 280 13.33 49.08 19.53
C THR B 280 14.17 48.38 18.48
N HIS B 281 14.20 48.99 17.29
CA HIS B 281 15.28 48.82 16.33
C HIS B 281 16.64 48.78 17.04
N SER B 282 17.58 48.00 16.49
CA SER B 282 18.94 47.85 16.99
C SER B 282 19.04 47.07 18.29
N PHE B 283 18.02 46.30 18.69
CA PHE B 283 18.12 45.61 19.97
C PHE B 283 19.27 44.60 20.00
N THR B 284 19.72 44.11 18.85
CA THR B 284 20.82 43.12 18.85
C THR B 284 22.15 43.72 19.33
N ASN B 285 22.28 45.05 19.34
CA ASN B 285 23.57 45.67 19.64
C ASN B 285 23.52 46.60 20.85
N ILE B 286 22.49 46.49 21.69
CA ILE B 286 22.40 47.32 22.88
C ILE B 286 22.21 46.42 24.09
N ARG B 287 22.86 45.26 24.07
CA ARG B 287 22.57 44.19 25.03
C ARG B 287 23.16 44.43 26.42
N ALA B 288 24.06 45.41 26.57
CA ALA B 288 24.50 45.81 27.91
C ALA B 288 23.66 46.96 28.46
N ALA B 289 23.33 47.95 27.63
CA ALA B 289 22.51 49.05 28.09
C ALA B 289 21.08 48.62 28.37
N VAL B 290 20.59 47.62 27.65
CA VAL B 290 19.22 47.11 27.82
C VAL B 290 19.36 45.61 28.00
N PRO B 291 19.63 45.12 29.22
CA PRO B 291 20.02 43.72 29.37
C PRO B 291 18.97 42.71 28.93
N SER B 292 17.68 43.09 28.91
CA SER B 292 16.66 42.17 28.44
C SER B 292 16.81 41.85 26.95
N THR B 293 17.54 42.66 26.18
CA THR B 293 17.68 42.35 24.76
C THR B 293 18.61 41.17 24.51
N GLN B 294 19.43 40.76 25.49
CA GLN B 294 20.18 39.53 25.34
C GLN B 294 19.23 38.34 25.19
N GLY B 295 18.15 38.34 25.97
CA GLY B 295 17.14 37.31 25.79
C GLY B 295 16.48 37.32 24.42
N ASP B 296 16.29 38.51 23.83
CA ASP B 296 15.72 38.56 22.48
C ASP B 296 16.66 37.92 21.47
N LEU B 297 17.95 38.23 21.56
CA LEU B 297 18.93 37.56 20.69
C LEU B 297 18.90 36.05 20.90
N GLU B 298 18.79 35.62 22.16
CA GLU B 298 18.81 34.18 22.43
C GLU B 298 17.59 33.48 21.85
N ARG B 299 16.45 34.16 21.75
CA ARG B 299 15.29 33.56 21.08
C ARG B 299 15.55 33.37 19.59
N ILE B 300 16.21 34.33 18.95
CA ILE B 300 16.56 34.18 17.54
C ILE B 300 17.47 32.98 17.35
N ILE B 301 18.48 32.86 18.21
CA ILE B 301 19.40 31.72 18.19
C ILE B 301 18.64 30.40 18.30
N ALA B 302 17.70 30.32 19.25
CA ALA B 302 16.95 29.06 19.43
C ALA B 302 16.14 28.72 18.19
N ALA B 303 15.54 29.74 17.56
CA ALA B 303 14.83 29.53 16.31
C ALA B 303 15.78 29.06 15.20
N MET B 304 16.99 29.62 15.16
CA MET B 304 17.96 29.21 14.16
C MET B 304 18.33 27.74 14.31
N LYS B 305 18.60 27.30 15.54
CA LYS B 305 18.94 25.90 15.77
C LYS B 305 17.80 24.98 15.37
N MET B 306 16.57 25.34 15.73
CA MET B 306 15.40 24.56 15.33
C MET B 306 15.28 24.48 13.81
N MET B 307 15.40 25.61 13.11
CA MET B 307 15.19 25.60 11.67
C MET B 307 16.34 24.91 10.92
N LEU B 308 17.51 24.78 11.54
CA LEU B 308 18.59 24.03 10.91
C LEU B 308 18.46 22.53 11.12
N GLY B 309 17.65 22.10 12.09
CA GLY B 309 17.37 20.68 12.26
C GLY B 309 18.45 19.92 12.99
N THR C 1 9.67 -23.43 8.99
CA THR C 1 8.43 -22.68 8.81
C THR C 1 7.96 -22.83 7.36
N PRO C 2 6.66 -22.62 7.10
CA PRO C 2 6.14 -22.84 5.76
C PRO C 2 6.69 -21.81 4.77
N PHE C 3 6.72 -22.21 3.50
CA PHE C 3 7.21 -21.32 2.45
C PHE C 3 6.25 -20.15 2.25
N ILE C 4 6.82 -18.94 2.20
CA ILE C 4 6.07 -17.72 1.93
C ILE C 4 6.82 -16.93 0.86
N ARG C 5 6.11 -16.47 -0.16
CA ARG C 5 6.74 -15.63 -1.17
C ARG C 5 7.24 -14.34 -0.54
N PRO C 6 8.35 -13.77 -1.06
CA PRO C 6 8.84 -12.52 -0.47
C PRO C 6 7.83 -11.38 -0.52
N ASP C 7 7.12 -11.18 -1.64
CA ASP C 7 6.15 -10.08 -1.62
C ASP C 7 4.98 -10.40 -0.70
N MET C 8 4.61 -11.67 -0.59
CA MET C 8 3.57 -12.05 0.37
C MET C 8 4.03 -11.77 1.80
N LYS C 9 5.28 -12.10 2.12
CA LYS C 9 5.76 -11.93 3.49
C LYS C 9 5.78 -10.45 3.89
N ALA C 10 6.15 -9.57 2.95
CA ALA C 10 6.15 -8.13 3.23
C ALA C 10 4.76 -7.62 3.57
N PHE C 11 3.74 -8.13 2.87
CA PHE C 11 2.36 -7.76 3.17
C PHE C 11 1.95 -8.22 4.57
N LEU C 12 2.33 -9.46 4.94
CA LEU C 12 2.01 -9.97 6.27
C LEU C 12 2.72 -9.15 7.35
N GLU C 13 3.97 -8.75 7.08
CA GLU C 13 4.71 -7.94 8.05
C GLU C 13 4.04 -6.58 8.24
N ALA C 14 3.55 -5.98 7.15
CA ALA C 14 2.80 -4.73 7.28
C ALA C 14 1.55 -4.92 8.14
N ILE C 15 0.83 -6.02 7.95
CA ILE C 15 -0.37 -6.25 8.75
C ILE C 15 -0.01 -6.44 10.21
N ALA C 16 1.04 -7.22 10.47
CA ALA C 16 1.47 -7.44 11.85
C ALA C 16 1.88 -6.13 12.51
N ALA C 17 2.61 -5.27 11.79
CA ALA C 17 3.05 -4.01 12.37
C ALA C 17 1.87 -3.11 12.70
N MET C 18 0.82 -3.17 11.88
CA MET C 18 -0.38 -2.38 12.16
C MET C 18 -1.00 -2.79 13.49
N ALA C 19 -1.01 -4.08 13.79
CA ALA C 19 -1.47 -4.60 15.09
C ALA C 19 -2.87 -4.11 15.43
N GLY C 20 -3.80 -4.32 14.50
CA GLY C 20 -5.14 -3.85 14.67
C GLY C 20 -5.95 -4.72 15.60
N PRO C 21 -7.17 -4.28 15.88
CA PRO C 21 -8.10 -5.11 16.64
C PRO C 21 -8.67 -6.22 15.77
N THR C 22 -9.24 -7.23 16.44
CA THR C 22 -9.97 -8.29 15.74
C THR C 22 -11.30 -7.75 15.23
N LEU C 23 -11.89 -8.50 14.28
CA LEU C 23 -13.20 -8.10 13.78
C LEU C 23 -14.22 -8.02 14.91
N ALA C 24 -14.14 -8.95 15.87
CA ALA C 24 -15.10 -8.98 16.96
C ALA C 24 -14.98 -7.77 17.87
N GLU C 25 -13.78 -7.20 17.98
CA GLU C 25 -13.56 -6.02 18.82
C GLU C 25 -14.00 -4.71 18.17
N MET C 26 -14.26 -4.70 16.86
CA MET C 26 -14.76 -3.53 16.16
C MET C 26 -16.27 -3.51 16.20
N THR C 27 -16.87 -2.36 15.91
CA THR C 27 -18.28 -2.41 15.57
C THR C 27 -18.46 -3.15 14.24
N LEU C 28 -19.68 -3.60 14.00
CA LEU C 28 -19.94 -4.36 12.77
C LEU C 28 -19.63 -3.52 11.54
N GLU C 29 -20.07 -2.25 11.54
CA GLU C 29 -19.76 -1.40 10.39
C GLU C 29 -18.27 -1.09 10.29
N GLU C 30 -17.56 -1.03 11.42
CA GLU C 30 -16.10 -0.87 11.35
C GLU C 30 -15.43 -2.11 10.78
N ALA C 31 -15.95 -3.30 11.11
CA ALA C 31 -15.40 -4.52 10.52
C ALA C 31 -15.60 -4.52 9.01
N ARG C 32 -16.81 -4.16 8.56
CA ARG C 32 -17.08 -4.05 7.13
C ARG C 32 -16.17 -3.03 6.47
N ALA C 33 -16.00 -1.86 7.10
CA ALA C 33 -15.13 -0.83 6.55
C ALA C 33 -13.67 -1.26 6.48
N SER C 34 -13.21 -2.07 7.45
CA SER C 34 -11.82 -2.50 7.41
C SER C 34 -11.57 -3.41 6.21
N TYR C 35 -12.59 -4.18 5.80
CA TYR C 35 -12.46 -5.05 4.63
C TYR C 35 -12.48 -4.25 3.33
N VAL C 36 -13.35 -3.25 3.25
CA VAL C 36 -13.34 -2.31 2.13
C VAL C 36 -11.95 -1.71 1.95
N ALA C 37 -11.34 -1.29 3.06
CA ALA C 37 -10.02 -0.67 2.99
C ALA C 37 -8.94 -1.69 2.64
N LEU C 38 -9.06 -2.92 3.14
CA LEU C 38 -8.05 -3.94 2.83
C LEU C 38 -8.00 -4.21 1.32
N HIS C 39 -9.14 -4.57 0.74
CA HIS C 39 -9.19 -4.80 -0.70
C HIS C 39 -8.97 -3.51 -1.48
N GLY C 40 -9.58 -2.42 -1.00
CA GLY C 40 -9.48 -1.17 -1.74
C GLY C 40 -8.05 -0.73 -1.93
N MET C 41 -7.25 -0.83 -0.88
CA MET C 41 -5.88 -0.38 -0.95
C MET C 41 -4.92 -1.43 -1.50
N ALA C 42 -5.26 -2.72 -1.42
CA ALA C 42 -4.30 -3.75 -1.82
C ALA C 42 -4.52 -4.31 -3.22
N ASP C 43 -5.70 -4.13 -3.82
CA ASP C 43 -5.98 -4.73 -5.10
C ASP C 43 -5.60 -3.78 -6.24
N ARG C 44 -5.42 -4.37 -7.43
CA ARG C 44 -5.19 -3.60 -8.63
C ARG C 44 -6.42 -2.77 -8.97
N PRO C 45 -6.24 -1.69 -9.74
CA PRO C 45 -7.38 -0.91 -10.19
C PRO C 45 -8.26 -1.72 -11.13
N ALA C 46 -9.50 -1.26 -11.26
CA ALA C 46 -10.46 -1.91 -12.14
C ALA C 46 -10.04 -1.79 -13.59
N ARG C 47 -10.37 -2.81 -14.37
CA ARG C 47 -10.27 -2.71 -15.82
C ARG C 47 -11.35 -1.79 -16.34
N GLU C 48 -11.06 -1.12 -17.45
CA GLU C 48 -12.08 -0.39 -18.18
C GLU C 48 -12.87 -1.40 -19.00
N LEU C 49 -14.18 -1.30 -18.96
CA LEU C 49 -15.06 -2.23 -19.64
C LEU C 49 -16.12 -1.45 -20.40
N ALA C 50 -16.65 -2.07 -21.46
CA ALA C 50 -17.76 -1.45 -22.18
C ALA C 50 -18.99 -1.30 -21.30
N VAL C 51 -19.27 -2.30 -20.46
CA VAL C 51 -20.51 -2.35 -19.70
C VAL C 51 -20.19 -2.61 -18.24
N ILE C 52 -20.58 -1.69 -17.37
CA ILE C 52 -20.65 -1.92 -15.93
C ILE C 52 -21.98 -1.31 -15.49
N ARG C 53 -22.92 -2.15 -15.08
CA ARG C 53 -24.31 -1.72 -14.96
C ARG C 53 -24.95 -2.33 -13.72
N ASN C 54 -25.55 -1.50 -12.88
CA ASN C 54 -26.29 -2.00 -11.74
C ASN C 54 -27.69 -2.42 -12.15
N LEU C 55 -28.12 -3.58 -11.65
CA LEU C 55 -29.46 -4.09 -11.94
C LEU C 55 -29.96 -4.80 -10.68
N SER C 56 -31.13 -5.42 -10.78
CA SER C 56 -31.65 -6.20 -9.66
C SER C 56 -32.58 -7.28 -10.22
N CYS C 57 -32.80 -8.32 -9.42
CA CYS C 57 -33.76 -9.35 -9.78
C CYS C 57 -34.59 -9.70 -8.55
N PRO C 58 -35.76 -10.31 -8.74
CA PRO C 58 -36.58 -10.69 -7.59
C PRO C 58 -35.93 -11.82 -6.80
N GLY C 59 -36.09 -11.76 -5.48
CA GLY C 59 -35.61 -12.80 -4.60
C GLY C 59 -36.67 -13.12 -3.55
N PRO C 60 -36.44 -14.18 -2.75
CA PRO C 60 -37.46 -14.57 -1.75
C PRO C 60 -37.70 -13.52 -0.68
N ALA C 61 -36.74 -12.64 -0.41
CA ALA C 61 -36.92 -11.62 0.63
C ALA C 61 -37.28 -10.26 0.07
N GLY C 62 -37.21 -10.07 -1.25
CA GLY C 62 -37.30 -8.79 -1.91
C GLY C 62 -36.34 -8.76 -3.09
N ASP C 63 -36.02 -7.58 -3.59
CA ASP C 63 -35.12 -7.48 -4.73
C ASP C 63 -33.68 -7.76 -4.33
N ILE C 64 -32.93 -8.38 -5.24
CA ILE C 64 -31.52 -8.69 -5.05
C ILE C 64 -30.71 -7.77 -5.96
N PRO C 65 -29.86 -6.90 -5.40
CA PRO C 65 -29.05 -6.04 -6.27
C PRO C 65 -27.97 -6.85 -6.95
N LEU C 66 -27.68 -6.48 -8.20
CA LEU C 66 -26.72 -7.18 -9.05
C LEU C 66 -25.85 -6.14 -9.74
N ARG C 67 -24.68 -6.57 -10.20
CA ARG C 67 -23.85 -5.72 -11.05
C ARG C 67 -23.36 -6.55 -12.23
N LEU C 68 -23.64 -6.06 -13.44
CA LEU C 68 -23.23 -6.71 -14.68
C LEU C 68 -21.93 -6.09 -15.17
N TYR C 69 -20.97 -6.95 -15.52
CA TYR C 69 -19.69 -6.54 -16.09
C TYR C 69 -19.54 -7.20 -17.46
N ASP C 70 -19.22 -6.42 -18.49
CA ASP C 70 -18.95 -7.02 -19.79
C ASP C 70 -17.99 -6.16 -20.59
N ALA C 71 -16.94 -6.78 -21.11
CA ALA C 71 -16.02 -6.09 -22.01
C ALA C 71 -16.66 -5.76 -23.35
N ARG C 72 -17.81 -6.34 -23.67
CA ARG C 72 -18.48 -6.14 -24.95
C ARG C 72 -19.83 -5.46 -24.73
N GLU C 73 -20.16 -4.49 -25.59
CA GLU C 73 -21.46 -3.83 -25.45
C GLU C 73 -22.60 -4.76 -25.84
N SER C 74 -22.38 -5.65 -26.80
CA SER C 74 -23.38 -6.64 -27.15
C SER C 74 -22.68 -7.94 -27.49
N ARG C 75 -23.32 -9.06 -27.18
CA ARG C 75 -22.72 -10.34 -27.51
C ARG C 75 -23.79 -11.40 -27.68
N GLU C 76 -23.41 -12.44 -28.40
CA GLU C 76 -24.28 -13.57 -28.69
C GLU C 76 -24.45 -14.44 -27.45
N ALA C 77 -25.35 -15.42 -27.55
CA ALA C 77 -25.54 -16.38 -26.48
C ALA C 77 -24.22 -17.06 -26.14
N GLY C 78 -24.00 -17.28 -24.86
CA GLY C 78 -22.81 -17.94 -24.38
C GLY C 78 -22.94 -18.15 -22.88
N PRO C 79 -21.93 -18.75 -22.25
CA PRO C 79 -21.98 -18.92 -20.80
C PRO C 79 -21.92 -17.57 -20.09
N VAL C 80 -22.57 -17.49 -18.93
CA VAL C 80 -22.56 -16.27 -18.12
C VAL C 80 -21.99 -16.63 -16.75
N ILE C 81 -21.00 -15.86 -16.32
CA ILE C 81 -20.38 -16.05 -15.02
C ILE C 81 -21.26 -15.40 -13.95
N THR C 82 -21.57 -16.13 -12.88
CA THR C 82 -22.34 -15.59 -11.77
C THR C 82 -21.45 -15.63 -10.53
N PHE C 83 -21.14 -14.45 -9.99
CA PHE C 83 -20.07 -14.28 -9.01
C PHE C 83 -20.63 -13.96 -7.63
N TYR C 84 -20.09 -14.63 -6.60
CA TYR C 84 -20.50 -14.40 -5.21
C TYR C 84 -19.27 -14.03 -4.39
N HIS C 85 -19.30 -12.84 -3.78
CA HIS C 85 -18.11 -12.34 -3.11
C HIS C 85 -17.86 -13.05 -1.78
N GLY C 86 -16.61 -12.99 -1.31
CA GLY C 86 -16.24 -13.46 0.00
C GLY C 86 -16.49 -12.43 1.10
N GLY C 87 -16.12 -12.82 2.32
CA GLY C 87 -16.39 -12.02 3.52
C GLY C 87 -17.18 -12.72 4.61
N GLY C 88 -17.11 -14.04 4.66
CA GLY C 88 -17.72 -14.81 5.74
C GLY C 88 -19.22 -14.81 5.79
N PHE C 89 -19.89 -14.33 4.74
CA PHE C 89 -21.33 -14.05 4.73
C PHE C 89 -21.70 -12.90 5.69
N VAL C 90 -20.71 -12.15 6.16
CA VAL C 90 -20.91 -11.05 7.08
C VAL C 90 -20.46 -9.72 6.50
N ILE C 91 -19.33 -9.71 5.80
CA ILE C 91 -18.77 -8.48 5.25
C ILE C 91 -18.59 -8.64 3.74
N GLY C 92 -18.00 -7.64 3.11
CA GLY C 92 -17.92 -7.60 1.66
C GLY C 92 -19.22 -7.14 1.02
N ASP C 93 -19.10 -6.72 -0.25
CA ASP C 93 -20.26 -6.30 -1.03
C ASP C 93 -19.85 -6.19 -2.50
N LEU C 94 -20.62 -5.46 -3.31
CA LEU C 94 -20.30 -5.35 -4.73
C LEU C 94 -19.02 -4.57 -4.97
N ASP C 95 -18.68 -3.67 -4.04
CA ASP C 95 -17.50 -2.83 -4.22
C ASP C 95 -16.22 -3.47 -3.76
N THR C 96 -16.27 -4.30 -2.71
CA THR C 96 -15.05 -4.93 -2.22
C THR C 96 -14.44 -5.85 -3.26
N HIS C 97 -15.24 -6.42 -4.15
CA HIS C 97 -14.75 -7.35 -5.16
C HIS C 97 -14.94 -6.81 -6.57
N HIS C 98 -15.24 -5.51 -6.69
CA HIS C 98 -15.54 -4.91 -7.99
C HIS C 98 -14.35 -4.99 -8.93
N ASN C 99 -13.15 -4.66 -8.46
CA ASN C 99 -11.99 -4.67 -9.34
C ASN C 99 -11.67 -6.07 -9.83
N LEU C 100 -11.74 -7.07 -8.93
CA LEU C 100 -11.56 -8.47 -9.34
C LEU C 100 -12.59 -8.87 -10.40
N CYS C 101 -13.85 -8.46 -10.24
CA CYS C 101 -14.88 -8.75 -11.23
C CYS C 101 -14.54 -8.18 -12.59
N THR C 102 -14.06 -6.93 -12.63
CA THR C 102 -13.71 -6.36 -13.93
C THR C 102 -12.56 -7.14 -14.55
N GLU C 103 -11.66 -7.65 -13.71
CA GLU C 103 -10.54 -8.44 -14.23
C GLU C 103 -11.00 -9.77 -14.78
N ILE C 104 -11.91 -10.45 -14.08
CA ILE C 104 -12.46 -11.71 -14.60
C ILE C 104 -13.16 -11.47 -15.92
N ALA C 105 -14.00 -10.44 -15.98
CA ALA C 105 -14.69 -10.11 -17.22
C ALA C 105 -13.71 -9.80 -18.36
N ALA C 106 -12.64 -9.04 -18.06
CA ALA C 106 -11.68 -8.69 -19.11
C ALA C 106 -10.92 -9.91 -19.59
N LEU C 107 -10.41 -10.72 -18.66
CA LEU C 107 -9.55 -11.83 -19.06
C LEU C 107 -10.33 -13.00 -19.63
N MET C 108 -11.58 -13.22 -19.19
CA MET C 108 -12.38 -14.31 -19.75
C MET C 108 -13.09 -13.92 -21.04
N ASP C 109 -13.31 -12.62 -21.26
CA ASP C 109 -14.16 -12.17 -22.36
C ASP C 109 -15.51 -12.88 -22.30
N LEU C 110 -16.10 -12.88 -21.10
CA LEU C 110 -17.44 -13.37 -20.82
C LEU C 110 -18.11 -12.38 -19.90
N PRO C 111 -19.44 -12.29 -19.93
CA PRO C 111 -20.13 -11.40 -18.99
C PRO C 111 -20.09 -11.97 -17.58
N VAL C 112 -20.00 -11.07 -16.60
CA VAL C 112 -19.99 -11.43 -15.18
C VAL C 112 -21.15 -10.71 -14.51
N VAL C 113 -21.92 -11.45 -13.72
CA VAL C 113 -22.99 -10.88 -12.90
C VAL C 113 -22.64 -11.16 -11.45
N ALA C 114 -22.32 -10.11 -10.70
CA ALA C 114 -22.03 -10.25 -9.27
C ALA C 114 -23.30 -10.02 -8.47
N VAL C 115 -23.41 -10.75 -7.36
CA VAL C 115 -24.63 -10.82 -6.55
C VAL C 115 -24.41 -10.10 -5.23
N ASP C 116 -25.27 -9.13 -4.92
CA ASP C 116 -25.19 -8.41 -3.65
C ASP C 116 -26.11 -9.10 -2.65
N TYR C 117 -25.72 -10.30 -2.22
CA TYR C 117 -26.61 -11.13 -1.41
C TYR C 117 -26.72 -10.58 0.03
N ARG C 118 -27.80 -10.98 0.72
CA ARG C 118 -28.04 -10.52 2.08
C ARG C 118 -27.02 -11.10 3.05
N LEU C 119 -26.59 -10.27 4.01
CA LEU C 119 -25.50 -10.57 4.92
C LEU C 119 -26.00 -10.84 6.33
N ALA C 120 -25.28 -11.72 7.02
CA ALA C 120 -25.37 -11.89 8.46
C ALA C 120 -24.58 -10.79 9.17
N PRO C 121 -24.83 -10.54 10.47
CA PRO C 121 -25.81 -11.19 11.36
C PRO C 121 -27.25 -10.76 11.11
N GLU C 122 -27.48 -9.68 10.36
CA GLU C 122 -28.84 -9.20 10.12
C GLU C 122 -29.70 -10.27 9.46
N HIS C 123 -29.12 -11.03 8.52
CA HIS C 123 -29.84 -12.10 7.81
C HIS C 123 -28.97 -13.34 7.94
N PRO C 124 -29.25 -14.19 8.92
CA PRO C 124 -28.43 -15.39 9.11
C PRO C 124 -28.70 -16.43 8.02
N PHE C 125 -27.87 -17.48 8.05
CA PHE C 125 -28.04 -18.68 7.24
C PHE C 125 -29.51 -19.06 7.18
N PRO C 126 -30.06 -19.39 6.00
CA PRO C 126 -29.41 -19.48 4.68
C PRO C 126 -29.65 -18.29 3.74
N ALA C 127 -29.78 -17.08 4.29
CA ALA C 127 -30.15 -15.92 3.47
C ALA C 127 -29.20 -15.73 2.31
N ALA C 128 -27.89 -15.79 2.56
CA ALA C 128 -26.92 -15.60 1.48
C ALA C 128 -27.15 -16.62 0.36
N ILE C 129 -27.33 -17.89 0.74
CA ILE C 129 -27.57 -18.95 -0.23
C ILE C 129 -28.84 -18.72 -1.03
N GLU C 130 -29.94 -18.34 -0.34
CA GLU C 130 -31.20 -18.05 -1.03
C GLU C 130 -31.00 -17.05 -2.14
N ASP C 131 -30.28 -15.96 -1.83
CA ASP C 131 -30.10 -14.90 -2.81
C ASP C 131 -29.17 -15.33 -3.93
N CYS C 132 -28.08 -16.02 -3.60
CA CYS C 132 -27.17 -16.46 -4.65
C CYS C 132 -27.86 -17.43 -5.60
N GLU C 133 -28.62 -18.38 -5.04
CA GLU C 133 -29.35 -19.32 -5.90
C GLU C 133 -30.35 -18.59 -6.78
N ALA C 134 -31.12 -17.66 -6.18
CA ALA C 134 -32.17 -16.97 -6.93
C ALA C 134 -31.58 -16.13 -8.06
N ALA C 135 -30.52 -15.39 -7.76
CA ALA C 135 -29.86 -14.59 -8.80
C ALA C 135 -29.33 -15.48 -9.93
N THR C 136 -28.73 -16.62 -9.58
CA THR C 136 -28.15 -17.49 -10.60
C THR C 136 -29.24 -18.07 -11.50
N ARG C 137 -30.36 -18.52 -10.91
CA ARG C 137 -31.49 -18.99 -11.71
C ARG C 137 -32.02 -17.89 -12.62
N TRP C 138 -32.05 -16.66 -12.12
CA TRP C 138 -32.57 -15.54 -12.90
C TRP C 138 -31.68 -15.27 -14.11
N VAL C 139 -30.36 -15.19 -13.87
CA VAL C 139 -29.43 -15.07 -14.99
C VAL C 139 -29.61 -16.22 -15.97
N ALA C 140 -29.76 -17.43 -15.45
CA ALA C 140 -29.89 -18.60 -16.33
C ALA C 140 -31.15 -18.56 -17.17
N SER C 141 -32.12 -17.72 -16.81
CA SER C 141 -33.37 -17.60 -17.56
C SER C 141 -33.25 -16.62 -18.73
N SER C 142 -32.08 -16.05 -18.96
CA SER C 142 -31.86 -15.04 -19.99
C SER C 142 -32.92 -13.95 -19.94
N PRO C 143 -33.01 -13.19 -18.85
CA PRO C 143 -33.98 -12.10 -18.79
C PRO C 143 -33.57 -10.97 -19.71
N SER C 144 -34.58 -10.25 -20.23
CA SER C 144 -34.28 -9.19 -21.19
C SER C 144 -33.51 -8.04 -20.54
N GLU C 145 -33.71 -7.82 -19.24
CA GLU C 145 -32.99 -6.77 -18.52
C GLU C 145 -31.48 -6.99 -18.56
N LEU C 146 -31.04 -8.24 -18.70
CA LEU C 146 -29.60 -8.49 -18.72
C LEU C 146 -29.02 -8.27 -20.10
N GLY C 147 -29.81 -8.51 -21.15
CA GLY C 147 -29.32 -8.30 -22.49
C GLY C 147 -28.23 -9.25 -22.92
N ARG C 148 -28.13 -10.42 -22.27
CA ARG C 148 -27.12 -11.41 -22.58
C ARG C 148 -27.77 -12.78 -22.48
N THR C 149 -27.99 -13.44 -23.61
CA THR C 149 -28.56 -14.78 -23.55
C THR C 149 -27.55 -15.74 -22.94
N ALA C 150 -28.01 -16.55 -21.99
CA ALA C 150 -27.17 -17.51 -21.30
C ALA C 150 -27.40 -18.90 -21.89
N SER C 151 -26.32 -19.51 -22.39
CA SER C 151 -26.33 -20.91 -22.76
C SER C 151 -25.99 -21.82 -21.60
N GLY C 152 -25.46 -21.24 -20.53
CA GLY C 152 -25.04 -21.96 -19.34
C GLY C 152 -24.57 -20.93 -18.34
N VAL C 153 -24.40 -21.38 -17.10
CA VAL C 153 -23.90 -20.46 -16.07
C VAL C 153 -22.62 -21.02 -15.46
N ILE C 154 -21.80 -20.10 -14.95
CA ILE C 154 -20.51 -20.42 -14.34
C ILE C 154 -20.46 -19.81 -12.94
N PRO C 155 -20.90 -20.53 -11.91
CA PRO C 155 -20.79 -20.00 -10.53
C PRO C 155 -19.34 -19.90 -10.11
N ILE C 156 -18.98 -18.76 -9.51
CA ILE C 156 -17.62 -18.55 -9.06
C ILE C 156 -17.68 -17.63 -7.85
N GLY C 157 -16.78 -17.84 -6.90
CA GLY C 157 -16.73 -16.98 -5.74
C GLY C 157 -15.56 -17.37 -4.86
N ASP C 158 -15.16 -16.43 -4.00
CA ASP C 158 -14.01 -16.61 -3.14
C ASP C 158 -14.49 -16.81 -1.71
N SER C 159 -13.92 -17.81 -1.05
CA SER C 159 -14.15 -18.06 0.37
C SER C 159 -15.61 -18.40 0.67
N ALA C 160 -16.32 -17.55 1.44
CA ALA C 160 -17.77 -17.75 1.59
C ALA C 160 -18.46 -17.80 0.22
N GLY C 161 -17.97 -16.99 -0.72
CA GLY C 161 -18.49 -17.07 -2.07
C GLY C 161 -18.16 -18.39 -2.75
N GLY C 162 -17.05 -19.02 -2.35
CA GLY C 162 -16.74 -20.36 -2.84
C GLY C 162 -17.64 -21.42 -2.22
N ASN C 163 -17.97 -21.25 -0.94
CA ASN C 163 -19.05 -22.02 -0.34
C ASN C 163 -20.34 -21.88 -1.15
N ALA C 164 -20.75 -20.63 -1.41
CA ALA C 164 -21.98 -20.40 -2.16
C ALA C 164 -21.92 -21.01 -3.54
N THR C 165 -20.77 -20.92 -4.20
CA THR C 165 -20.58 -21.53 -5.52
C THR C 165 -20.98 -23.00 -5.52
N ILE C 166 -20.48 -23.76 -4.55
CA ILE C 166 -20.72 -25.21 -4.50
C ILE C 166 -22.17 -25.49 -4.14
N VAL C 167 -22.71 -24.76 -3.15
CA VAL C 167 -24.12 -24.95 -2.76
C VAL C 167 -25.05 -24.66 -3.95
N VAL C 168 -24.80 -23.54 -4.64
CA VAL C 168 -25.64 -23.18 -5.79
C VAL C 168 -25.59 -24.28 -6.84
N SER C 169 -24.38 -24.80 -7.12
CA SER C 169 -24.27 -25.86 -8.12
C SER C 169 -25.02 -27.11 -7.68
N GLN C 170 -25.01 -27.42 -6.37
CA GLN C 170 -25.76 -28.56 -5.87
C GLN C 170 -27.26 -28.32 -5.96
N LEU C 171 -27.71 -27.12 -5.59
CA LEU C 171 -29.13 -26.81 -5.68
C LEU C 171 -29.62 -26.84 -7.12
N LEU C 172 -28.83 -26.29 -8.04
CA LEU C 172 -29.24 -26.29 -9.45
C LEU C 172 -29.08 -27.69 -10.06
N GLY C 173 -28.14 -28.48 -9.56
CA GLY C 173 -28.03 -29.86 -10.00
C GLY C 173 -29.29 -30.64 -9.66
N ALA C 174 -29.86 -30.41 -8.47
CA ALA C 174 -31.02 -31.15 -8.02
C ALA C 174 -32.31 -30.65 -8.66
N LYS C 175 -32.43 -29.35 -8.90
CA LYS C 175 -33.61 -28.75 -9.54
C LYS C 175 -33.10 -27.78 -10.59
N PRO C 176 -32.95 -28.24 -11.84
CA PRO C 176 -32.24 -27.45 -12.85
C PRO C 176 -32.88 -26.08 -13.11
N ALA C 177 -32.01 -25.11 -13.40
CA ALA C 177 -32.44 -23.83 -13.94
C ALA C 177 -32.70 -24.01 -15.44
N ASP C 178 -32.92 -22.90 -16.16
CA ASP C 178 -33.23 -23.00 -17.59
C ASP C 178 -32.03 -23.51 -18.40
N VAL C 179 -30.81 -23.28 -17.92
CA VAL C 179 -29.61 -23.82 -18.56
C VAL C 179 -28.75 -24.44 -17.46
N PRO C 180 -27.82 -25.31 -17.84
CA PRO C 180 -27.03 -26.01 -16.82
C PRO C 180 -25.87 -25.17 -16.30
N VAL C 181 -25.37 -25.60 -15.15
CA VAL C 181 -24.06 -25.18 -14.66
C VAL C 181 -23.02 -25.89 -15.52
N VAL C 182 -22.27 -25.13 -16.34
CA VAL C 182 -21.30 -25.77 -17.21
C VAL C 182 -19.92 -25.85 -16.57
N LEU C 183 -19.69 -25.10 -15.50
CA LEU C 183 -18.40 -25.08 -14.80
C LEU C 183 -18.63 -24.34 -13.49
N GLN C 184 -17.99 -24.79 -12.41
CA GLN C 184 -18.00 -24.01 -11.16
C GLN C 184 -16.57 -23.79 -10.71
N VAL C 185 -16.33 -22.64 -10.09
CA VAL C 185 -14.96 -22.27 -9.71
C VAL C 185 -14.97 -21.80 -8.25
N PRO C 186 -14.99 -22.70 -7.27
CA PRO C 186 -14.86 -22.27 -5.86
C PRO C 186 -13.40 -21.95 -5.54
N ILE C 187 -13.16 -20.71 -5.13
CA ILE C 187 -11.81 -20.22 -4.83
C ILE C 187 -11.67 -20.10 -3.32
N PHE C 188 -10.59 -20.66 -2.78
CA PHE C 188 -10.38 -21.01 -1.38
C PHE C 188 -11.73 -21.15 -0.65
N PRO C 189 -12.55 -22.13 -1.02
CA PRO C 189 -13.89 -22.25 -0.45
C PRO C 189 -13.90 -22.87 0.93
N LEU C 190 -14.97 -22.60 1.67
CA LEU C 190 -15.33 -23.36 2.85
C LEU C 190 -16.33 -24.42 2.40
N ALA C 191 -15.88 -25.67 2.30
CA ALA C 191 -16.76 -26.78 1.92
C ALA C 191 -17.06 -27.71 3.08
N SER C 192 -16.03 -28.08 3.84
CA SER C 192 -16.17 -28.81 5.08
C SER C 192 -15.88 -27.87 6.25
N ASP C 193 -16.41 -28.24 7.41
CA ASP C 193 -16.11 -27.52 8.65
C ASP C 193 -14.60 -27.49 8.88
N ALA C 194 -14.05 -26.28 9.08
CA ALA C 194 -12.61 -26.16 9.27
C ALA C 194 -12.16 -26.53 10.68
N VAL C 195 -13.09 -26.58 11.64
CA VAL C 195 -12.72 -26.91 13.00
C VAL C 195 -12.07 -28.28 13.03
N GLY C 196 -10.95 -28.39 13.73
CA GLY C 196 -10.22 -29.63 13.81
C GLY C 196 -9.20 -29.86 12.71
N SER C 197 -9.22 -29.08 11.64
CA SER C 197 -8.31 -29.33 10.53
C SER C 197 -6.88 -28.89 10.86
N ALA C 198 -5.91 -29.56 10.24
CA ALA C 198 -4.52 -29.21 10.45
C ALA C 198 -4.21 -27.79 9.99
N SER C 199 -4.80 -27.37 8.87
CA SER C 199 -4.47 -26.03 8.36
C SER C 199 -4.99 -24.94 9.29
N LEU C 200 -6.13 -25.16 9.94
CA LEU C 200 -6.67 -24.15 10.84
C LEU C 200 -5.71 -23.90 12.01
N GLU C 201 -5.16 -24.96 12.60
CA GLU C 201 -4.16 -24.81 13.64
C GLU C 201 -2.87 -24.18 13.11
N ALA C 202 -2.40 -24.63 11.94
CA ALA C 202 -1.12 -24.15 11.44
C ALA C 202 -1.15 -22.68 11.06
N PHE C 203 -2.28 -22.18 10.56
CA PHE C 203 -2.36 -20.81 10.05
C PHE C 203 -3.39 -20.00 10.80
N ALA C 204 -3.55 -20.27 12.11
CA ALA C 204 -4.60 -19.62 12.89
C ALA C 204 -4.34 -18.12 13.05
N GLU C 205 -3.08 -17.69 13.04
CA GLU C 205 -2.74 -16.28 13.18
C GLU C 205 -1.67 -15.90 12.18
N GLY C 206 -1.77 -14.67 11.68
CA GLY C 206 -0.72 -14.06 10.91
C GLY C 206 -0.78 -14.28 9.41
N PHE C 207 -1.89 -14.81 8.88
CA PHE C 207 -1.98 -15.13 7.45
C PHE C 207 -3.25 -14.55 6.84
N VAL C 208 -3.53 -13.28 7.16
CA VAL C 208 -4.65 -12.48 6.65
C VAL C 208 -5.97 -12.97 7.25
N LEU C 209 -6.44 -14.14 6.82
CA LEU C 209 -7.62 -14.75 7.45
C LEU C 209 -7.18 -15.47 8.71
N THR C 210 -7.80 -15.13 9.84
CA THR C 210 -7.43 -15.71 11.12
C THR C 210 -8.54 -16.61 11.65
N LYS C 211 -8.13 -17.52 12.54
CA LYS C 211 -9.09 -18.34 13.27
C LYS C 211 -10.13 -17.48 13.99
N ALA C 212 -9.70 -16.37 14.60
CA ALA C 212 -10.64 -15.50 15.29
C ALA C 212 -11.69 -14.95 14.32
N SER C 213 -11.26 -14.56 13.12
CA SER C 213 -12.21 -14.06 12.13
C SER C 213 -13.17 -15.15 11.69
N ILE C 214 -12.66 -16.36 11.44
CA ILE C 214 -13.52 -17.47 11.07
C ILE C 214 -14.60 -17.69 12.12
N GLU C 215 -14.23 -17.59 13.40
CA GLU C 215 -15.18 -17.77 14.48
C GLU C 215 -16.18 -16.63 14.54
N PHE C 216 -15.72 -15.40 14.36
CA PHE C 216 -16.61 -14.24 14.26
C PHE C 216 -17.67 -14.45 13.17
N PHE C 217 -17.24 -14.88 11.98
CA PHE C 217 -18.18 -15.10 10.89
C PHE C 217 -19.15 -16.22 11.23
N ASP C 218 -18.64 -17.32 11.77
CA ASP C 218 -19.48 -18.46 12.09
C ASP C 218 -20.55 -18.08 13.10
N THR C 219 -20.19 -17.28 14.11
CA THR C 219 -21.17 -16.87 15.10
C THR C 219 -22.27 -16.01 14.48
N ALA C 220 -21.92 -15.14 13.52
CA ALA C 220 -22.94 -14.28 12.95
C ALA C 220 -23.84 -15.04 11.98
N TYR C 221 -23.28 -15.97 11.19
CA TYR C 221 -24.05 -16.60 10.12
C TYR C 221 -24.92 -17.74 10.61
N LYS C 222 -24.44 -18.52 11.60
CA LYS C 222 -25.26 -19.55 12.25
C LYS C 222 -25.63 -20.70 11.30
N ALA C 223 -24.69 -21.17 10.51
CA ALA C 223 -24.97 -22.30 9.63
C ALA C 223 -25.10 -23.58 10.44
N ASP C 224 -26.12 -24.36 10.10
CA ASP C 224 -26.32 -25.68 10.71
C ASP C 224 -25.24 -26.66 10.23
N ARG C 225 -24.54 -27.27 11.18
CA ARG C 225 -23.41 -28.16 10.87
C ARG C 225 -23.83 -29.41 10.10
N ALA C 226 -25.10 -29.77 10.13
CA ALA C 226 -25.60 -30.95 9.44
C ALA C 226 -26.26 -30.62 8.11
N ASP C 227 -26.33 -29.34 7.75
CA ASP C 227 -27.09 -28.89 6.59
C ASP C 227 -26.13 -28.74 5.41
N PRO C 228 -26.29 -29.50 4.32
CA PRO C 228 -25.36 -29.34 3.18
C PRO C 228 -25.41 -27.96 2.54
N ARG C 229 -26.44 -27.15 2.82
CA ARG C 229 -26.39 -25.77 2.37
C ARG C 229 -25.42 -24.95 3.19
N GLY C 230 -25.05 -25.43 4.38
CA GLY C 230 -24.04 -24.79 5.19
C GLY C 230 -22.66 -25.34 4.88
N PHE C 231 -22.56 -26.65 4.74
CA PHE C 231 -21.28 -27.33 4.57
C PHE C 231 -21.45 -28.32 3.43
N PRO C 232 -21.23 -27.87 2.19
CA PRO C 232 -21.62 -28.67 1.02
C PRO C 232 -20.77 -29.91 0.80
N ILE C 233 -19.71 -30.13 1.58
CA ILE C 233 -19.04 -31.44 1.55
C ILE C 233 -20.03 -32.54 1.87
N LEU C 234 -21.08 -32.23 2.65
CA LEU C 234 -22.11 -33.20 3.00
C LEU C 234 -23.06 -33.50 1.87
N GLY C 235 -23.00 -32.73 0.77
CA GLY C 235 -23.96 -32.91 -0.31
C GLY C 235 -23.62 -34.08 -1.22
N ASP C 236 -24.47 -34.28 -2.22
CA ASP C 236 -24.33 -35.36 -3.18
C ASP C 236 -23.39 -34.91 -4.31
N HIS C 237 -22.24 -35.56 -4.42
CA HIS C 237 -21.24 -35.14 -5.40
C HIS C 237 -21.30 -35.93 -6.71
N THR C 238 -22.23 -36.89 -6.84
CA THR C 238 -22.15 -37.85 -7.94
C THR C 238 -22.43 -37.21 -9.30
N ALA C 239 -23.09 -36.06 -9.34
CA ALA C 239 -23.33 -35.38 -10.61
C ALA C 239 -22.74 -33.97 -10.61
N ALA C 240 -21.69 -33.75 -9.82
CA ALA C 240 -21.12 -32.41 -9.73
C ALA C 240 -20.64 -31.94 -11.10
N PRO C 241 -20.86 -30.68 -11.45
CA PRO C 241 -20.42 -30.18 -12.76
C PRO C 241 -18.91 -30.13 -12.82
N PRO C 242 -18.32 -29.91 -14.01
CA PRO C 242 -16.87 -29.70 -14.09
C PRO C 242 -16.45 -28.59 -13.13
N THR C 243 -15.32 -28.78 -12.45
CA THR C 243 -14.94 -27.95 -11.31
C THR C 243 -13.47 -27.54 -11.38
N ILE C 244 -13.20 -26.30 -10.99
CA ILE C 244 -11.85 -25.85 -10.66
C ILE C 244 -11.86 -25.43 -9.19
N VAL C 245 -11.11 -26.13 -8.35
CA VAL C 245 -10.92 -25.75 -6.96
C VAL C 245 -9.54 -25.09 -6.85
N ALA C 246 -9.49 -23.85 -6.40
CA ALA C 246 -8.24 -23.14 -6.15
C ALA C 246 -8.11 -22.86 -4.66
N THR C 247 -6.96 -23.21 -4.07
CA THR C 247 -6.69 -22.97 -2.67
C THR C 247 -5.37 -22.20 -2.55
N ALA C 248 -5.04 -21.82 -1.32
CA ALA C 248 -3.78 -21.18 -1.00
C ALA C 248 -3.06 -22.04 0.02
N SER C 249 -1.74 -22.21 -0.18
CA SER C 249 -1.01 -23.11 0.70
C SER C 249 -0.95 -22.63 2.14
N LEU C 250 -1.16 -21.33 2.40
CA LEU C 250 -1.07 -20.76 3.74
C LEU C 250 -2.43 -20.43 4.35
N ASP C 251 -3.48 -21.04 3.86
CA ASP C 251 -4.84 -20.70 4.23
C ASP C 251 -5.30 -21.57 5.39
N PRO C 252 -5.84 -21.00 6.48
CA PRO C 252 -6.38 -21.86 7.54
C PRO C 252 -7.50 -22.78 7.07
N ILE C 253 -8.25 -22.42 6.03
CA ILE C 253 -9.28 -23.32 5.51
C ILE C 253 -8.81 -24.03 4.24
N ARG C 254 -7.49 -24.07 4.00
CA ARG C 254 -6.93 -24.82 2.88
C ARG C 254 -7.42 -26.26 2.86
N ASP C 255 -7.40 -26.94 4.01
CA ASP C 255 -7.78 -28.35 4.04
C ASP C 255 -9.24 -28.58 3.68
N SER C 256 -10.10 -27.56 3.86
CA SER C 256 -11.49 -27.68 3.44
C SER C 256 -11.58 -27.73 1.92
N GLY C 257 -10.75 -26.96 1.23
CA GLY C 257 -10.71 -27.04 -0.22
C GLY C 257 -10.11 -28.35 -0.72
N ARG C 258 -9.01 -28.79 -0.09
CA ARG C 258 -8.50 -30.13 -0.38
C ARG C 258 -9.58 -31.19 -0.20
N ASP C 259 -10.33 -31.12 0.90
CA ASP C 259 -11.38 -32.12 1.14
C ASP C 259 -12.38 -32.15 0.01
N TYR C 260 -12.80 -30.98 -0.48
CA TYR C 260 -13.81 -30.97 -1.53
C TYR C 260 -13.28 -31.57 -2.82
N ALA C 261 -12.07 -31.19 -3.23
CA ALA C 261 -11.53 -31.74 -4.48
C ALA C 261 -11.33 -33.24 -4.36
N LYS C 262 -10.91 -33.73 -3.19
CA LYS C 262 -10.79 -35.19 -3.01
C LYS C 262 -12.15 -35.88 -3.11
N ALA C 263 -13.19 -35.24 -2.58
CA ALA C 263 -14.53 -35.82 -2.65
C ALA C 263 -15.01 -35.88 -4.10
N LEU C 264 -14.66 -34.88 -4.91
CA LEU C 264 -15.01 -34.92 -6.32
C LEU C 264 -14.31 -36.07 -7.03
N VAL C 265 -13.01 -36.25 -6.78
CA VAL C 265 -12.29 -37.38 -7.38
C VAL C 265 -12.90 -38.70 -6.93
N GLU C 266 -13.14 -38.83 -5.62
CA GLU C 266 -13.77 -40.04 -5.07
C GLU C 266 -15.08 -40.36 -5.76
N ALA C 267 -15.83 -39.34 -6.20
CA ALA C 267 -17.09 -39.54 -6.91
C ALA C 267 -16.93 -39.63 -8.42
N GLY C 268 -15.70 -39.65 -8.93
CA GLY C 268 -15.47 -39.77 -10.36
C GLY C 268 -15.74 -38.53 -11.19
N ARG C 269 -15.67 -37.34 -10.59
CA ARG C 269 -15.99 -36.10 -11.29
C ARG C 269 -14.71 -35.42 -11.79
N ASP C 270 -14.81 -34.71 -12.91
CA ASP C 270 -13.64 -34.01 -13.44
C ASP C 270 -13.33 -32.77 -12.60
N VAL C 271 -12.08 -32.60 -12.18
CA VAL C 271 -11.74 -31.46 -11.33
C VAL C 271 -10.29 -31.07 -11.57
N VAL C 272 -10.07 -29.76 -11.69
CA VAL C 272 -8.74 -29.15 -11.63
C VAL C 272 -8.51 -28.65 -10.21
N TYR C 273 -7.50 -29.17 -9.55
CA TYR C 273 -7.12 -28.69 -8.22
C TYR C 273 -5.82 -27.91 -8.32
N LEU C 274 -5.88 -26.63 -7.95
CA LEU C 274 -4.71 -25.74 -7.95
C LEU C 274 -4.49 -25.18 -6.54
N GLU C 275 -3.32 -25.45 -5.96
CA GLU C 275 -2.98 -24.93 -4.64
C GLU C 275 -1.84 -23.94 -4.83
N MET C 276 -2.15 -22.65 -4.65
CA MET C 276 -1.15 -21.60 -4.91
C MET C 276 -0.12 -21.58 -3.79
N GLU C 277 1.16 -21.64 -4.17
CA GLU C 277 2.24 -21.86 -3.22
C GLU C 277 2.77 -20.55 -2.65
N GLY C 278 2.79 -20.45 -1.33
CA GLY C 278 3.43 -19.32 -0.67
C GLY C 278 2.61 -18.06 -0.60
N VAL C 279 1.30 -18.15 -0.87
CA VAL C 279 0.37 -17.04 -0.68
C VAL C 279 -0.75 -17.50 0.25
N THR C 280 -1.55 -16.53 0.68
CA THR C 280 -2.59 -16.72 1.68
C THR C 280 -3.97 -16.71 1.07
N HIS C 281 -4.96 -17.02 1.92
CA HIS C 281 -6.35 -16.65 1.69
C HIS C 281 -6.44 -15.21 1.15
N SER C 282 -7.47 -14.93 0.33
CA SER C 282 -7.72 -13.61 -0.25
C SER C 282 -6.71 -13.20 -1.33
N PHE C 283 -5.95 -14.13 -1.92
CA PHE C 283 -4.93 -13.69 -2.88
C PHE C 283 -5.53 -13.08 -4.14
N THR C 284 -6.81 -13.32 -4.43
CA THR C 284 -7.44 -12.75 -5.61
C THR C 284 -7.64 -11.24 -5.51
N ASN C 285 -7.61 -10.67 -4.29
CA ASN C 285 -7.96 -9.27 -4.10
C ASN C 285 -6.81 -8.45 -3.51
N ILE C 286 -5.59 -8.96 -3.59
CA ILE C 286 -4.45 -8.19 -3.07
C ILE C 286 -3.41 -8.08 -4.18
N ARG C 287 -3.88 -7.95 -5.41
CA ARG C 287 -2.99 -8.12 -6.56
C ARG C 287 -2.09 -6.93 -6.82
N ALA C 288 -2.33 -5.77 -6.19
CA ALA C 288 -1.36 -4.68 -6.24
C ALA C 288 -0.33 -4.77 -5.12
N ALA C 289 -0.79 -5.00 -3.88
CA ALA C 289 0.13 -5.07 -2.75
C ALA C 289 1.05 -6.28 -2.83
N VAL C 290 0.57 -7.38 -3.39
CA VAL C 290 1.36 -8.60 -3.55
C VAL C 290 1.34 -8.94 -5.04
N PRO C 291 2.23 -8.34 -5.84
CA PRO C 291 2.07 -8.42 -7.31
C PRO C 291 2.08 -9.82 -7.88
N SER C 292 2.75 -10.77 -7.23
CA SER C 292 2.78 -12.13 -7.76
C SER C 292 1.42 -12.80 -7.76
N THR C 293 0.44 -12.29 -7.00
CA THR C 293 -0.87 -12.93 -7.00
C THR C 293 -1.64 -12.69 -8.28
N GLN C 294 -1.27 -11.67 -9.07
CA GLN C 294 -1.88 -11.55 -10.39
C GLN C 294 -1.65 -12.80 -11.23
N GLY C 295 -0.44 -13.36 -11.17
CA GLY C 295 -0.17 -14.60 -11.88
C GLY C 295 -1.02 -15.76 -11.39
N ASP C 296 -1.31 -15.79 -10.08
CA ASP C 296 -2.17 -16.84 -9.53
C ASP C 296 -3.57 -16.75 -10.13
N LEU C 297 -4.15 -15.55 -10.14
CA LEU C 297 -5.44 -15.38 -10.78
C LEU C 297 -5.39 -15.81 -12.25
N GLU C 298 -4.30 -15.47 -12.93
CA GLU C 298 -4.22 -15.79 -14.36
C GLU C 298 -4.17 -17.30 -14.60
N ARG C 299 -3.62 -18.05 -13.65
CA ARG C 299 -3.65 -19.51 -13.77
C ARG C 299 -5.07 -20.04 -13.62
N ILE C 300 -5.86 -19.45 -12.73
CA ILE C 300 -7.26 -19.84 -12.63
C ILE C 300 -7.98 -19.57 -13.95
N ILE C 301 -7.76 -18.38 -14.53
CA ILE C 301 -8.38 -18.02 -15.80
C ILE C 301 -8.01 -19.03 -16.90
N ALA C 302 -6.73 -19.39 -16.99
CA ALA C 302 -6.29 -20.38 -17.98
C ALA C 302 -7.01 -21.71 -17.78
N ALA C 303 -7.15 -22.15 -16.52
CA ALA C 303 -7.86 -23.40 -16.25
C ALA C 303 -9.33 -23.30 -16.65
N MET C 304 -9.95 -22.13 -16.42
CA MET C 304 -11.35 -21.95 -16.80
C MET C 304 -11.54 -22.06 -18.30
N LYS C 305 -10.66 -21.41 -19.06
CA LYS C 305 -10.77 -21.47 -20.51
C LYS C 305 -10.63 -22.90 -21.02
N MET C 306 -9.69 -23.64 -20.44
CA MET C 306 -9.50 -25.04 -20.81
C MET C 306 -10.75 -25.86 -20.52
N MET C 307 -11.31 -25.70 -19.32
CA MET C 307 -12.43 -26.54 -18.91
C MET C 307 -13.72 -26.16 -19.62
N LEU C 308 -13.81 -24.95 -20.16
CA LEU C 308 -14.94 -24.56 -20.99
C LEU C 308 -14.80 -25.05 -22.41
N GLY C 309 -13.60 -25.45 -22.83
CA GLY C 309 -13.37 -25.91 -24.19
C GLY C 309 -13.07 -24.75 -25.13
N THR D 1 -26.87 -51.02 -13.84
CA THR D 1 -26.09 -50.99 -15.07
C THR D 1 -25.32 -49.68 -15.21
N PRO D 2 -24.00 -49.76 -15.25
CA PRO D 2 -23.20 -48.54 -15.43
C PRO D 2 -23.39 -47.95 -16.83
N PHE D 3 -23.20 -46.64 -16.92
CA PHE D 3 -23.34 -45.96 -18.20
C PHE D 3 -22.23 -46.40 -19.15
N ILE D 4 -22.61 -46.78 -20.38
CA ILE D 4 -21.68 -47.13 -21.45
C ILE D 4 -22.11 -46.37 -22.70
N ARG D 5 -21.16 -45.72 -23.37
CA ARG D 5 -21.50 -45.07 -24.61
C ARG D 5 -21.96 -46.09 -25.64
N PRO D 6 -22.90 -45.73 -26.52
CA PRO D 6 -23.31 -46.67 -27.57
C PRO D 6 -22.17 -47.17 -28.43
N ASP D 7 -21.22 -46.31 -28.82
CA ASP D 7 -20.15 -46.83 -29.67
C ASP D 7 -19.24 -47.75 -28.88
N MET D 8 -19.01 -47.43 -27.59
CA MET D 8 -18.22 -48.30 -26.73
C MET D 8 -18.90 -49.66 -26.51
N LYS D 9 -20.21 -49.65 -26.29
CA LYS D 9 -20.92 -50.91 -26.05
C LYS D 9 -20.85 -51.84 -27.26
N ALA D 10 -21.02 -51.29 -28.46
CA ALA D 10 -20.93 -52.10 -29.67
C ALA D 10 -19.56 -52.75 -29.84
N PHE D 11 -18.49 -52.02 -29.52
CA PHE D 11 -17.16 -52.60 -29.56
C PHE D 11 -17.01 -53.73 -28.56
N LEU D 12 -17.54 -53.54 -27.35
CA LEU D 12 -17.53 -54.62 -26.37
C LEU D 12 -18.31 -55.82 -26.87
N GLU D 13 -19.44 -55.58 -27.55
CA GLU D 13 -20.22 -56.68 -28.09
C GLU D 13 -19.47 -57.42 -29.19
N ALA D 14 -18.74 -56.68 -30.04
CA ALA D 14 -17.95 -57.32 -31.09
C ALA D 14 -16.85 -58.17 -30.50
N ILE D 15 -16.16 -57.67 -29.47
CA ILE D 15 -15.13 -58.45 -28.79
C ILE D 15 -15.72 -59.74 -28.24
N ALA D 16 -16.88 -59.64 -27.56
CA ALA D 16 -17.53 -60.82 -27.02
C ALA D 16 -17.93 -61.79 -28.13
N ALA D 17 -18.44 -61.26 -29.25
CA ALA D 17 -18.82 -62.11 -30.38
C ALA D 17 -17.62 -62.83 -30.97
N MET D 18 -16.47 -62.15 -31.06
CA MET D 18 -15.27 -62.80 -31.57
C MET D 18 -14.75 -63.87 -30.64
N ALA D 19 -14.97 -63.69 -29.32
CA ALA D 19 -14.75 -64.73 -28.31
C ALA D 19 -13.37 -65.36 -28.40
N GLY D 20 -12.33 -64.51 -28.41
CA GLY D 20 -10.98 -64.99 -28.42
C GLY D 20 -10.60 -65.65 -27.11
N PRO D 21 -9.41 -66.22 -27.04
CA PRO D 21 -8.94 -66.85 -25.81
C PRO D 21 -8.32 -65.85 -24.85
N THR D 22 -8.16 -66.29 -23.61
CA THR D 22 -7.55 -65.46 -22.58
C THR D 22 -6.03 -65.41 -22.76
N LEU D 23 -5.39 -64.50 -22.01
CA LEU D 23 -3.94 -64.38 -22.07
C LEU D 23 -3.25 -65.61 -21.49
N ALA D 24 -3.84 -66.23 -20.49
CA ALA D 24 -3.27 -67.45 -19.93
C ALA D 24 -3.38 -68.61 -20.92
N GLU D 25 -4.44 -68.64 -21.74
CA GLU D 25 -4.61 -69.72 -22.71
C GLU D 25 -3.63 -69.61 -23.87
N MET D 26 -3.24 -68.39 -24.25
CA MET D 26 -2.34 -68.19 -25.37
C MET D 26 -0.89 -68.41 -24.96
N THR D 27 -0.05 -68.64 -25.96
CA THR D 27 1.39 -68.54 -25.72
C THR D 27 1.79 -67.08 -25.62
N LEU D 28 2.92 -66.84 -24.94
CA LEU D 28 3.44 -65.49 -24.79
C LEU D 28 3.55 -64.79 -26.14
N GLU D 29 4.10 -65.48 -27.14
CA GLU D 29 4.19 -64.90 -28.47
C GLU D 29 2.81 -64.61 -29.05
N GLU D 30 1.83 -65.49 -28.76
CA GLU D 30 0.48 -65.27 -29.27
C GLU D 30 -0.20 -64.11 -28.55
N ALA D 31 -0.01 -64.01 -27.23
CA ALA D 31 -0.58 -62.90 -26.47
C ALA D 31 -0.05 -61.57 -26.96
N ARG D 32 1.27 -61.48 -27.14
CA ARG D 32 1.88 -60.27 -27.68
C ARG D 32 1.37 -59.98 -29.09
N ALA D 33 1.18 -61.01 -29.91
CA ALA D 33 0.68 -60.79 -31.26
C ALA D 33 -0.78 -60.34 -31.27
N SER D 34 -1.58 -60.80 -30.31
CA SER D 34 -2.98 -60.40 -30.28
C SER D 34 -3.13 -58.93 -29.89
N TYR D 35 -2.26 -58.46 -28.99
CA TYR D 35 -2.25 -57.04 -28.64
C TYR D 35 -1.92 -56.19 -29.86
N VAL D 36 -0.89 -56.58 -30.62
CA VAL D 36 -0.57 -55.89 -31.87
C VAL D 36 -1.81 -55.84 -32.77
N ALA D 37 -2.51 -56.98 -32.89
CA ALA D 37 -3.66 -57.05 -33.79
C ALA D 37 -4.81 -56.19 -33.31
N LEU D 38 -5.06 -56.17 -32.00
CA LEU D 38 -6.17 -55.36 -31.47
C LEU D 38 -5.99 -53.88 -31.78
N HIS D 39 -4.83 -53.31 -31.38
CA HIS D 39 -4.59 -51.91 -31.68
C HIS D 39 -4.46 -51.64 -33.17
N GLY D 40 -3.80 -52.55 -33.91
CA GLY D 40 -3.72 -52.36 -35.35
C GLY D 40 -5.10 -52.26 -35.95
N MET D 41 -6.01 -53.06 -35.43
CA MET D 41 -7.41 -53.01 -35.86
C MET D 41 -8.02 -51.73 -35.27
N ALA D 42 -8.07 -51.63 -33.94
CA ALA D 42 -9.01 -50.70 -33.28
C ALA D 42 -8.61 -49.22 -33.38
N ASP D 43 -7.32 -48.91 -33.53
CA ASP D 43 -6.90 -47.52 -33.40
C ASP D 43 -6.94 -46.78 -34.73
N ARG D 44 -7.02 -45.45 -34.65
CA ARG D 44 -6.95 -44.62 -35.84
C ARG D 44 -5.57 -44.74 -36.49
N PRO D 45 -5.47 -44.49 -37.80
CA PRO D 45 -4.18 -44.61 -38.48
C PRO D 45 -3.16 -43.61 -37.96
N ALA D 46 -1.90 -43.97 -38.12
CA ALA D 46 -0.81 -43.08 -37.71
C ALA D 46 -0.87 -41.76 -38.46
N ARG D 47 -0.50 -40.68 -37.77
CA ARG D 47 -0.29 -39.40 -38.44
C ARG D 47 0.98 -39.45 -39.26
N GLU D 48 0.98 -38.72 -40.38
CA GLU D 48 2.19 -38.44 -41.12
C GLU D 48 3.00 -37.38 -40.37
N LEU D 49 4.28 -37.68 -40.13
CA LEU D 49 5.17 -36.79 -39.40
C LEU D 49 6.49 -36.68 -40.15
N ALA D 50 7.10 -35.50 -40.08
CA ALA D 50 8.43 -35.32 -40.66
C ALA D 50 9.44 -36.31 -40.11
N VAL D 51 9.37 -36.61 -38.81
CA VAL D 51 10.38 -37.43 -38.15
C VAL D 51 9.70 -38.61 -37.46
N ILE D 52 10.02 -39.83 -37.90
CA ILE D 52 9.75 -41.04 -37.13
C ILE D 52 11.04 -41.85 -37.24
N ARG D 53 11.84 -41.85 -36.17
CA ARG D 53 13.23 -42.30 -36.23
C ARG D 53 13.55 -43.21 -35.05
N ASN D 54 14.13 -44.37 -35.34
CA ASN D 54 14.58 -45.25 -34.27
C ASN D 54 15.89 -44.74 -33.69
N LEU D 55 16.01 -44.82 -32.37
CA LEU D 55 17.20 -44.43 -31.62
C LEU D 55 17.42 -45.49 -30.56
N SER D 56 18.46 -45.28 -29.75
CA SER D 56 18.71 -46.12 -28.58
C SER D 56 19.60 -45.35 -27.62
N CYS D 57 19.63 -45.81 -26.37
CA CYS D 57 20.46 -45.21 -25.35
C CYS D 57 20.99 -46.30 -24.45
N PRO D 58 22.10 -46.05 -23.76
CA PRO D 58 22.61 -47.04 -22.80
C PRO D 58 21.63 -47.26 -21.65
N GLY D 59 21.52 -48.52 -21.24
CA GLY D 59 20.72 -48.88 -20.09
C GLY D 59 21.51 -49.73 -19.13
N PRO D 60 20.91 -50.05 -17.98
CA PRO D 60 21.62 -50.86 -16.98
C PRO D 60 21.84 -52.31 -17.40
N ALA D 61 21.17 -52.78 -18.46
CA ALA D 61 21.30 -54.16 -18.92
C ALA D 61 21.55 -54.21 -20.42
N GLY D 62 22.14 -53.17 -20.98
CA GLY D 62 22.31 -53.05 -22.40
C GLY D 62 21.52 -51.89 -22.97
N ASP D 63 21.57 -51.76 -24.29
CA ASP D 63 20.97 -50.61 -24.94
C ASP D 63 19.45 -50.71 -24.93
N ILE D 64 18.79 -49.57 -24.78
CA ILE D 64 17.33 -49.47 -24.76
C ILE D 64 16.88 -48.92 -26.12
N PRO D 65 16.12 -49.67 -26.90
CA PRO D 65 15.57 -49.10 -28.14
C PRO D 65 14.55 -48.01 -27.84
N LEU D 66 14.56 -46.97 -28.68
CA LEU D 66 13.65 -45.83 -28.58
C LEU D 66 13.09 -45.52 -29.94
N ARG D 67 11.98 -44.80 -29.98
CA ARG D 67 11.49 -44.25 -31.23
C ARG D 67 11.12 -42.78 -31.01
N LEU D 68 11.68 -41.92 -31.85
CA LEU D 68 11.44 -40.48 -31.80
C LEU D 68 10.38 -40.12 -32.83
N TYR D 69 9.37 -39.36 -32.38
CA TYR D 69 8.32 -38.83 -33.24
C TYR D 69 8.36 -37.31 -33.15
N ASP D 70 8.36 -36.63 -34.29
CA ASP D 70 8.33 -35.17 -34.28
C ASP D 70 7.72 -34.66 -35.57
N ALA D 71 6.77 -33.74 -35.45
CA ALA D 71 6.22 -33.10 -36.63
C ALA D 71 7.21 -32.17 -37.32
N ARG D 72 8.34 -31.85 -36.67
CA ARG D 72 9.35 -30.93 -37.18
C ARG D 72 10.71 -31.62 -37.25
N GLU D 73 11.40 -31.48 -38.40
CA GLU D 73 12.78 -31.94 -38.47
C GLU D 73 13.69 -31.11 -37.58
N SER D 74 13.41 -29.82 -37.46
CA SER D 74 14.25 -28.91 -36.68
C SER D 74 13.38 -28.01 -35.81
N ARG D 75 13.70 -27.91 -34.52
CA ARG D 75 12.85 -27.11 -33.64
C ARG D 75 13.68 -26.46 -32.54
N GLU D 76 13.10 -25.41 -31.96
CA GLU D 76 13.68 -24.72 -30.81
C GLU D 76 13.64 -25.62 -29.59
N ALA D 77 14.43 -25.23 -28.57
CA ALA D 77 14.43 -25.96 -27.31
C ALA D 77 13.04 -25.92 -26.67
N GLY D 78 12.67 -26.99 -26.00
CA GLY D 78 11.36 -27.10 -25.40
C GLY D 78 11.24 -28.40 -24.63
N PRO D 79 10.08 -28.64 -24.01
CA PRO D 79 9.91 -29.92 -23.30
C PRO D 79 9.86 -31.07 -24.29
N VAL D 80 10.29 -32.23 -23.83
CA VAL D 80 10.24 -33.45 -24.64
C VAL D 80 9.37 -34.46 -23.90
N ILE D 81 8.44 -35.05 -24.62
CA ILE D 81 7.55 -36.05 -24.06
C ILE D 81 8.25 -37.40 -24.08
N THR D 82 8.23 -38.11 -22.95
CA THR D 82 8.84 -39.43 -22.85
C THR D 82 7.73 -40.42 -22.53
N PHE D 83 7.47 -41.33 -23.46
CA PHE D 83 6.27 -42.16 -23.45
C PHE D 83 6.61 -43.62 -23.11
N TYR D 84 5.79 -44.23 -22.24
CA TYR D 84 5.94 -45.63 -21.85
C TYR D 84 4.64 -46.37 -22.14
N HIS D 85 4.71 -47.39 -22.99
CA HIS D 85 3.49 -48.05 -23.47
C HIS D 85 2.86 -48.94 -22.40
N GLY D 86 1.57 -49.22 -22.57
CA GLY D 86 0.89 -50.17 -21.72
C GLY D 86 1.07 -51.61 -22.19
N GLY D 87 0.47 -52.53 -21.43
CA GLY D 87 0.60 -53.96 -21.72
C GLY D 87 1.02 -54.80 -20.53
N GLY D 88 0.83 -54.27 -19.33
CA GLY D 88 1.03 -55.05 -18.12
C GLY D 88 2.45 -55.27 -17.75
N PHE D 89 3.39 -54.58 -18.40
CA PHE D 89 4.81 -54.88 -18.38
C PHE D 89 5.13 -56.25 -19.02
N VAL D 90 4.17 -56.83 -19.75
CA VAL D 90 4.35 -58.13 -20.38
C VAL D 90 4.20 -58.06 -21.90
N ILE D 91 3.20 -57.34 -22.38
CA ILE D 91 2.97 -57.23 -23.82
C ILE D 91 3.12 -55.77 -24.24
N GLY D 92 2.89 -55.49 -25.52
CA GLY D 92 3.10 -54.17 -26.08
C GLY D 92 4.57 -53.91 -26.43
N ASP D 93 4.77 -52.93 -27.31
CA ASP D 93 6.10 -52.52 -27.73
C ASP D 93 6.01 -51.18 -28.46
N LEU D 94 7.02 -50.85 -29.26
CA LEU D 94 7.01 -49.57 -29.97
C LEU D 94 5.94 -49.52 -31.05
N ASP D 95 5.51 -50.67 -31.57
CA ASP D 95 4.49 -50.65 -32.62
C ASP D 95 3.07 -50.67 -32.07
N THR D 96 2.82 -51.30 -30.92
CA THR D 96 1.44 -51.36 -30.43
C THR D 96 0.88 -49.97 -30.15
N HIS D 97 1.74 -49.04 -29.72
CA HIS D 97 1.32 -47.70 -29.33
C HIS D 97 1.82 -46.66 -30.32
N HIS D 98 2.26 -47.10 -31.50
CA HIS D 98 2.88 -46.23 -32.50
C HIS D 98 1.93 -45.14 -32.97
N ASN D 99 0.70 -45.51 -33.34
CA ASN D 99 -0.22 -44.52 -33.87
C ASN D 99 -0.58 -43.47 -32.81
N LEU D 100 -0.79 -43.92 -31.58
CA LEU D 100 -1.03 -42.99 -30.48
C LEU D 100 0.13 -41.99 -30.34
N CYS D 101 1.36 -42.49 -30.38
CA CYS D 101 2.53 -41.63 -30.30
C CYS D 101 2.53 -40.57 -31.41
N THR D 102 2.19 -40.97 -32.64
CA THR D 102 2.14 -40.00 -33.72
C THR D 102 1.03 -38.98 -33.47
N GLU D 103 -0.07 -39.41 -32.86
CA GLU D 103 -1.16 -38.49 -32.58
C GLU D 103 -0.75 -37.48 -31.51
N ILE D 104 -0.07 -37.94 -30.45
CA ILE D 104 0.38 -37.03 -29.40
C ILE D 104 1.36 -36.01 -29.97
N ALA D 105 2.34 -36.49 -30.76
CA ALA D 105 3.31 -35.57 -31.35
C ALA D 105 2.64 -34.57 -32.30
N ALA D 106 1.67 -35.02 -33.11
CA ALA D 106 1.00 -34.10 -34.03
C ALA D 106 0.18 -33.05 -33.28
N LEU D 107 -0.56 -33.47 -32.26
CA LEU D 107 -1.48 -32.56 -31.58
C LEU D 107 -0.76 -31.66 -30.58
N MET D 108 0.32 -32.11 -29.97
CA MET D 108 1.09 -31.26 -29.06
C MET D 108 2.12 -30.37 -29.76
N ASP D 109 2.54 -30.72 -30.99
CA ASP D 109 3.66 -30.05 -31.64
C ASP D 109 4.88 -30.03 -30.70
N LEU D 110 5.14 -31.18 -30.10
CA LEU D 110 6.32 -31.45 -29.29
C LEU D 110 6.88 -32.78 -29.73
N PRO D 111 8.17 -33.02 -29.51
CA PRO D 111 8.72 -34.35 -29.79
C PRO D 111 8.30 -35.34 -28.72
N VAL D 112 8.12 -36.59 -29.17
CA VAL D 112 7.77 -37.72 -28.31
C VAL D 112 8.83 -38.78 -28.48
N VAL D 113 9.34 -39.30 -27.38
CA VAL D 113 10.30 -40.41 -27.40
C VAL D 113 9.66 -41.59 -26.67
N ALA D 114 9.33 -42.64 -27.41
CA ALA D 114 8.77 -43.87 -26.83
C ALA D 114 9.87 -44.84 -26.44
N VAL D 115 9.69 -45.52 -25.32
CA VAL D 115 10.71 -46.40 -24.74
C VAL D 115 10.31 -47.86 -24.95
N ASP D 116 11.22 -48.64 -25.54
CA ASP D 116 11.02 -50.08 -25.71
C ASP D 116 11.68 -50.80 -24.52
N TYR D 117 11.02 -50.72 -23.38
CA TYR D 117 11.61 -51.23 -22.14
C TYR D 117 11.49 -52.76 -22.06
N ARG D 118 12.35 -53.35 -21.24
CA ARG D 118 12.35 -54.80 -21.05
C ARG D 118 11.03 -55.30 -20.46
N LEU D 119 10.58 -56.45 -20.93
CA LEU D 119 9.28 -57.02 -20.58
C LEU D 119 9.44 -58.27 -19.72
N ALA D 120 8.47 -58.47 -18.84
CA ALA D 120 8.29 -59.70 -18.09
C ALA D 120 7.52 -60.71 -18.93
N PRO D 121 7.57 -62.01 -18.57
CA PRO D 121 8.28 -62.65 -17.45
C PRO D 121 9.78 -62.82 -17.68
N GLU D 122 10.25 -62.63 -18.92
CA GLU D 122 11.67 -62.73 -19.20
C GLU D 122 12.47 -61.79 -18.31
N HIS D 123 11.98 -60.58 -18.09
CA HIS D 123 12.65 -59.58 -17.27
C HIS D 123 11.63 -59.03 -16.27
N PRO D 124 11.58 -59.57 -15.06
CA PRO D 124 10.56 -59.14 -14.11
C PRO D 124 10.93 -57.82 -13.46
N PHE D 125 9.99 -57.32 -12.65
CA PHE D 125 10.22 -56.14 -11.86
C PHE D 125 11.57 -56.24 -11.16
N PRO D 126 12.38 -55.16 -11.14
CA PRO D 126 12.10 -53.80 -11.60
C PRO D 126 12.66 -53.45 -12.99
N ALA D 127 12.76 -54.42 -13.90
CA ALA D 127 13.43 -54.20 -15.17
C ALA D 127 12.79 -53.06 -15.96
N ALA D 128 11.47 -53.12 -16.17
CA ALA D 128 10.80 -52.08 -16.96
C ALA D 128 11.08 -50.70 -16.39
N ILE D 129 11.04 -50.56 -15.07
CA ILE D 129 11.22 -49.28 -14.42
C ILE D 129 12.64 -48.77 -14.62
N GLU D 130 13.63 -49.64 -14.42
CA GLU D 130 15.02 -49.24 -14.66
C GLU D 130 15.20 -48.66 -16.06
N ASP D 131 14.61 -49.32 -17.07
CA ASP D 131 14.77 -48.86 -18.45
C ASP D 131 14.01 -47.56 -18.70
N CYS D 132 12.76 -47.47 -18.21
CA CYS D 132 12.03 -46.21 -18.35
C CYS D 132 12.77 -45.07 -17.68
N GLU D 133 13.31 -45.29 -16.47
CA GLU D 133 14.07 -44.23 -15.82
C GLU D 133 15.31 -43.86 -16.63
N ALA D 134 16.08 -44.86 -17.07
CA ALA D 134 17.31 -44.56 -17.79
C ALA D 134 17.03 -43.80 -19.08
N ALA D 135 16.02 -44.23 -19.83
CA ALA D 135 15.69 -43.55 -21.08
C ALA D 135 15.27 -42.11 -20.83
N THR D 136 14.52 -41.87 -19.75
CA THR D 136 14.04 -40.51 -19.49
C THR D 136 15.20 -39.59 -19.11
N ARG D 137 16.12 -40.08 -18.27
CA ARG D 137 17.32 -39.31 -17.95
C ARG D 137 18.14 -39.01 -19.21
N TRP D 138 18.26 -40.00 -20.10
CA TRP D 138 19.02 -39.80 -21.33
C TRP D 138 18.38 -38.69 -22.17
N VAL D 139 17.07 -38.77 -22.37
CA VAL D 139 16.38 -37.71 -23.10
C VAL D 139 16.61 -36.37 -22.41
N ALA D 140 16.47 -36.35 -21.09
CA ALA D 140 16.61 -35.10 -20.32
C ALA D 140 18.00 -34.50 -20.45
N SER D 141 19.01 -35.28 -20.87
CA SER D 141 20.37 -34.75 -20.99
C SER D 141 20.60 -34.04 -22.31
N SER D 142 19.58 -33.97 -23.16
CA SER D 142 19.70 -33.40 -24.51
C SER D 142 20.89 -34.00 -25.26
N PRO D 143 20.92 -35.31 -25.46
CA PRO D 143 22.05 -35.92 -26.18
C PRO D 143 22.06 -35.52 -27.64
N SER D 144 23.26 -35.52 -28.24
CA SER D 144 23.40 -35.13 -29.65
C SER D 144 22.45 -35.94 -30.53
N GLU D 145 22.32 -37.23 -30.26
CA GLU D 145 21.53 -38.11 -31.13
C GLU D 145 20.04 -37.78 -31.11
N LEU D 146 19.55 -37.14 -30.04
CA LEU D 146 18.13 -36.76 -29.99
C LEU D 146 17.79 -35.75 -31.08
N GLY D 147 18.72 -34.86 -31.42
CA GLY D 147 18.50 -33.88 -32.47
C GLY D 147 17.66 -32.68 -32.08
N ARG D 148 17.26 -32.57 -30.82
CA ARG D 148 16.60 -31.36 -30.33
C ARG D 148 16.91 -31.23 -28.84
N THR D 149 16.84 -30.01 -28.34
CA THR D 149 17.21 -29.72 -26.97
C THR D 149 15.99 -29.80 -26.06
N ALA D 150 16.13 -30.49 -24.93
CA ALA D 150 15.07 -30.64 -23.94
C ALA D 150 15.27 -29.60 -22.84
N SER D 151 14.24 -28.78 -22.60
CA SER D 151 14.21 -27.87 -21.46
C SER D 151 13.53 -28.48 -20.24
N GLY D 152 12.87 -29.62 -20.43
CA GLY D 152 12.22 -30.38 -19.37
C GLY D 152 11.66 -31.61 -20.04
N VAL D 153 11.20 -32.56 -19.23
CA VAL D 153 10.62 -33.78 -19.78
C VAL D 153 9.19 -33.93 -19.27
N ILE D 154 8.38 -34.62 -20.07
CA ILE D 154 6.96 -34.88 -19.78
C ILE D 154 6.73 -36.39 -19.84
N PRO D 155 6.84 -37.10 -18.72
CA PRO D 155 6.53 -38.53 -18.73
C PRO D 155 5.04 -38.77 -18.95
N ILE D 156 4.74 -39.78 -19.77
CA ILE D 156 3.35 -40.08 -20.12
C ILE D 156 3.28 -41.55 -20.49
N GLY D 157 2.17 -42.19 -20.17
CA GLY D 157 2.02 -43.59 -20.54
C GLY D 157 0.66 -44.08 -20.08
N ASP D 158 0.22 -45.16 -20.73
CA ASP D 158 -1.08 -45.74 -20.44
C ASP D 158 -0.91 -47.01 -19.61
N SER D 159 -1.71 -47.12 -18.56
CA SER D 159 -1.80 -48.33 -17.74
C SER D 159 -0.47 -48.69 -17.07
N ALA D 160 0.16 -49.81 -17.46
CA ALA D 160 1.50 -50.07 -16.93
C ALA D 160 2.43 -48.91 -17.23
N GLY D 161 2.26 -48.26 -18.39
CA GLY D 161 3.02 -47.06 -18.68
C GLY D 161 2.64 -45.89 -17.78
N GLY D 162 1.39 -45.86 -17.30
CA GLY D 162 1.00 -44.84 -16.33
C GLY D 162 1.63 -45.08 -14.98
N ASN D 163 1.73 -46.36 -14.59
CA ASN D 163 2.55 -46.74 -13.44
C ASN D 163 3.99 -46.28 -13.62
N ALA D 164 4.57 -46.53 -14.80
CA ALA D 164 5.95 -46.12 -15.04
C ALA D 164 6.09 -44.60 -15.00
N THR D 165 5.11 -43.89 -15.57
CA THR D 165 5.10 -42.43 -15.52
C THR D 165 5.30 -41.91 -14.10
N ILE D 166 4.49 -42.41 -13.16
CA ILE D 166 4.55 -41.91 -11.79
C ILE D 166 5.87 -42.31 -11.13
N VAL D 167 6.28 -43.56 -11.33
CA VAL D 167 7.53 -44.03 -10.72
C VAL D 167 8.70 -43.21 -11.25
N VAL D 168 8.71 -42.93 -12.56
CA VAL D 168 9.80 -42.15 -13.13
C VAL D 168 9.82 -40.74 -12.53
N SER D 169 8.65 -40.11 -12.42
CA SER D 169 8.58 -38.77 -11.84
C SER D 169 9.09 -38.77 -10.40
N GLN D 170 8.77 -39.82 -9.64
CA GLN D 170 9.27 -39.90 -8.26
C GLN D 170 10.78 -40.12 -8.22
N LEU D 171 11.31 -40.98 -9.09
CA LEU D 171 12.75 -41.22 -9.08
C LEU D 171 13.54 -39.99 -9.50
N LEU D 172 13.07 -39.29 -10.54
CA LEU D 172 13.73 -38.06 -10.95
C LEU D 172 13.51 -36.95 -9.93
N GLY D 173 12.37 -36.97 -9.22
CA GLY D 173 12.19 -36.02 -8.15
C GLY D 173 13.22 -36.19 -7.04
N ALA D 174 13.54 -37.43 -6.69
CA ALA D 174 14.49 -37.69 -5.61
C ALA D 174 15.93 -37.43 -6.05
N LYS D 175 16.25 -37.77 -7.30
CA LYS D 175 17.58 -37.55 -7.87
C LYS D 175 17.40 -36.92 -9.25
N PRO D 176 17.47 -35.60 -9.35
CA PRO D 176 17.08 -34.91 -10.59
C PRO D 176 17.93 -35.33 -11.80
N ALA D 177 17.27 -35.36 -12.96
CA ALA D 177 17.96 -35.45 -14.23
C ALA D 177 18.45 -34.05 -14.61
N ASP D 178 19.01 -33.89 -15.81
CA ASP D 178 19.59 -32.59 -16.20
C ASP D 178 18.54 -31.50 -16.31
N VAL D 179 17.28 -31.85 -16.55
CA VAL D 179 16.17 -30.90 -16.59
C VAL D 179 15.04 -31.51 -15.78
N PRO D 180 14.10 -30.68 -15.31
CA PRO D 180 13.03 -31.20 -14.45
C PRO D 180 11.93 -31.90 -15.25
N VAL D 181 11.17 -32.71 -14.51
CA VAL D 181 9.86 -33.16 -14.96
C VAL D 181 8.92 -31.98 -14.84
N VAL D 182 8.48 -31.41 -15.99
CA VAL D 182 7.62 -30.23 -15.93
C VAL D 182 6.14 -30.59 -15.88
N LEU D 183 5.78 -31.84 -16.16
CA LEU D 183 4.40 -32.30 -16.19
C LEU D 183 4.45 -33.81 -16.33
N GLN D 184 3.55 -34.52 -15.65
CA GLN D 184 3.40 -35.95 -15.85
C GLN D 184 1.94 -36.26 -16.21
N VAL D 185 1.75 -37.23 -17.10
CA VAL D 185 0.42 -37.58 -17.57
C VAL D 185 0.20 -39.09 -17.45
N PRO D 186 -0.07 -39.61 -16.24
CA PRO D 186 -0.42 -41.03 -16.11
C PRO D 186 -1.85 -41.27 -16.60
N ILE D 187 -2.00 -42.14 -17.59
CA ILE D 187 -3.28 -42.45 -18.21
C ILE D 187 -3.70 -43.85 -17.79
N PHE D 188 -4.95 -43.98 -17.32
CA PHE D 188 -5.45 -45.08 -16.50
C PHE D 188 -4.31 -45.84 -15.82
N PRO D 189 -3.61 -45.21 -14.89
CA PRO D 189 -2.44 -45.84 -14.28
C PRO D 189 -2.81 -46.89 -13.24
N LEU D 190 -1.86 -47.78 -13.00
CA LEU D 190 -1.87 -48.64 -11.82
C LEU D 190 -0.95 -47.97 -10.79
N ALA D 191 -1.56 -47.30 -9.81
CA ALA D 191 -0.84 -46.59 -8.77
C ALA D 191 -0.90 -47.30 -7.43
N SER D 192 -2.10 -47.67 -7.00
CA SER D 192 -2.30 -48.54 -5.85
C SER D 192 -2.70 -49.93 -6.31
N ASP D 193 -2.44 -50.92 -5.47
CA ASP D 193 -2.90 -52.29 -5.71
C ASP D 193 -4.41 -52.31 -5.95
N ALA D 194 -4.82 -52.89 -7.09
CA ALA D 194 -6.23 -52.95 -7.43
C ALA D 194 -6.98 -54.02 -6.63
N VAL D 195 -6.25 -54.96 -6.00
CA VAL D 195 -6.88 -56.03 -5.26
C VAL D 195 -7.71 -55.46 -4.13
N GLY D 196 -8.98 -55.85 -4.07
CA GLY D 196 -9.90 -55.31 -3.09
C GLY D 196 -10.68 -54.09 -3.53
N SER D 197 -10.32 -53.48 -4.66
CA SER D 197 -10.99 -52.25 -5.08
C SER D 197 -12.39 -52.56 -5.62
N ALA D 198 -13.30 -51.61 -5.39
CA ALA D 198 -14.67 -51.75 -5.87
C ALA D 198 -14.73 -51.78 -7.40
N SER D 199 -13.85 -51.02 -8.07
CA SER D 199 -13.87 -51.02 -9.53
C SER D 199 -13.42 -52.37 -10.08
N LEU D 200 -12.46 -53.04 -9.42
CA LEU D 200 -11.99 -54.33 -9.90
C LEU D 200 -13.12 -55.36 -9.91
N GLU D 201 -13.93 -55.37 -8.85
CA GLU D 201 -15.08 -56.28 -8.79
C GLU D 201 -16.14 -55.90 -9.82
N ALA D 202 -16.47 -54.61 -9.93
CA ALA D 202 -17.53 -54.17 -10.82
C ALA D 202 -17.22 -54.43 -12.29
N PHE D 203 -15.96 -54.31 -12.69
CA PHE D 203 -15.60 -54.39 -14.11
C PHE D 203 -14.63 -55.54 -14.38
N ALA D 204 -14.77 -56.62 -13.62
CA ALA D 204 -13.84 -57.75 -13.70
C ALA D 204 -13.90 -58.44 -15.05
N GLU D 205 -15.05 -58.40 -15.73
CA GLU D 205 -15.18 -59.08 -17.01
C GLU D 205 -15.94 -58.20 -17.98
N GLY D 206 -15.59 -58.33 -19.27
CA GLY D 206 -16.34 -57.71 -20.34
C GLY D 206 -16.03 -56.26 -20.64
N PHE D 207 -14.94 -55.71 -20.09
CA PHE D 207 -14.61 -54.29 -20.27
C PHE D 207 -13.17 -54.14 -20.77
N VAL D 208 -12.83 -54.93 -21.80
CA VAL D 208 -11.54 -54.91 -22.49
C VAL D 208 -10.45 -55.45 -21.58
N LEU D 209 -10.09 -54.71 -20.54
CA LEU D 209 -9.15 -55.20 -19.54
C LEU D 209 -9.92 -56.01 -18.51
N THR D 210 -9.49 -57.25 -18.28
CA THR D 210 -10.19 -58.14 -17.37
C THR D 210 -9.39 -58.39 -16.12
N LYS D 211 -10.11 -58.83 -15.08
CA LYS D 211 -9.46 -59.31 -13.87
C LYS D 211 -8.47 -60.43 -14.16
N ALA D 212 -8.84 -61.35 -15.06
CA ALA D 212 -7.94 -62.45 -15.42
C ALA D 212 -6.63 -61.92 -15.97
N SER D 213 -6.71 -60.93 -16.87
CA SER D 213 -5.49 -60.39 -17.46
C SER D 213 -4.64 -59.68 -16.41
N ILE D 214 -5.29 -58.88 -15.55
CA ILE D 214 -4.57 -58.19 -14.47
C ILE D 214 -3.79 -59.20 -13.63
N GLU D 215 -4.42 -60.32 -13.29
CA GLU D 215 -3.72 -61.34 -12.51
C GLU D 215 -2.61 -61.99 -13.34
N PHE D 216 -2.86 -62.23 -14.62
CA PHE D 216 -1.82 -62.75 -15.51
C PHE D 216 -0.61 -61.84 -15.52
N PHE D 217 -0.81 -60.54 -15.77
CA PHE D 217 0.31 -59.59 -15.78
C PHE D 217 1.04 -59.60 -14.45
N ASP D 218 0.28 -59.67 -13.36
CA ASP D 218 0.88 -59.57 -12.03
C ASP D 218 1.77 -60.77 -11.74
N THR D 219 1.33 -61.98 -12.12
CA THR D 219 2.17 -63.16 -11.91
C THR D 219 3.46 -63.06 -12.72
N ALA D 220 3.40 -62.49 -13.92
CA ALA D 220 4.59 -62.40 -14.76
C ALA D 220 5.56 -61.35 -14.23
N TYR D 221 5.06 -60.18 -13.80
CA TYR D 221 5.93 -59.05 -13.47
C TYR D 221 6.54 -59.18 -12.07
N LYS D 222 5.79 -59.75 -11.13
CA LYS D 222 6.29 -60.02 -9.77
C LYS D 222 6.78 -58.75 -9.07
N ALA D 223 5.93 -57.72 -9.08
CA ALA D 223 6.24 -56.51 -8.36
C ALA D 223 6.08 -56.72 -6.86
N ASP D 224 6.99 -56.13 -6.09
CA ASP D 224 6.95 -56.19 -4.63
C ASP D 224 5.86 -55.24 -4.12
N ARG D 225 4.90 -55.79 -3.37
CA ARG D 225 3.75 -55.00 -2.90
C ARG D 225 4.15 -53.84 -2.01
N ALA D 226 5.32 -53.90 -1.38
CA ALA D 226 5.77 -52.87 -0.46
C ALA D 226 6.70 -51.85 -1.10
N ASP D 227 7.04 -52.04 -2.38
CA ASP D 227 8.02 -51.21 -3.06
C ASP D 227 7.32 -50.08 -3.79
N PRO D 228 7.65 -48.81 -3.52
CA PRO D 228 7.01 -47.71 -4.27
C PRO D 228 7.30 -47.76 -5.76
N ARG D 229 8.35 -48.43 -6.21
CA ARG D 229 8.58 -48.59 -7.64
C ARG D 229 7.60 -49.57 -8.25
N GLY D 230 6.97 -50.41 -7.44
CA GLY D 230 5.91 -51.28 -7.92
C GLY D 230 4.56 -50.63 -7.80
N PHE D 231 4.34 -49.93 -6.68
CA PHE D 231 3.03 -49.34 -6.40
C PHE D 231 3.27 -47.93 -5.88
N PRO D 232 3.34 -46.94 -6.78
CA PRO D 232 3.84 -45.61 -6.41
C PRO D 232 2.90 -44.81 -5.55
N ILE D 233 1.68 -45.30 -5.27
CA ILE D 233 0.87 -44.66 -4.24
C ILE D 233 1.64 -44.62 -2.93
N LEU D 234 2.58 -45.57 -2.75
CA LEU D 234 3.39 -45.63 -1.53
C LEU D 234 4.50 -44.60 -1.50
N GLY D 235 4.78 -43.91 -2.61
CA GLY D 235 5.88 -42.97 -2.65
C GLY D 235 5.59 -41.65 -1.96
N ASP D 236 6.60 -40.79 -1.98
CA ASP D 236 6.51 -39.45 -1.41
C ASP D 236 5.87 -38.51 -2.43
N HIS D 237 4.67 -38.01 -2.13
CA HIS D 237 3.94 -37.16 -3.06
C HIS D 237 4.17 -35.66 -2.83
N THR D 238 4.92 -35.28 -1.80
CA THR D 238 4.97 -33.88 -1.37
C THR D 238 5.60 -32.95 -2.40
N ALA D 239 6.42 -33.47 -3.30
CA ALA D 239 7.01 -32.64 -4.35
C ALA D 239 6.60 -33.12 -5.75
N ALA D 240 5.46 -33.80 -5.88
CA ALA D 240 5.06 -34.33 -7.17
C ALA D 240 4.96 -33.20 -8.19
N PRO D 241 5.40 -33.42 -9.42
CA PRO D 241 5.30 -32.38 -10.44
C PRO D 241 3.84 -32.14 -10.82
N PRO D 242 3.55 -31.07 -11.57
CA PRO D 242 2.17 -30.89 -12.07
C PRO D 242 1.69 -32.15 -12.79
N THR D 243 0.43 -32.54 -12.53
CA THR D 243 -0.03 -33.86 -12.95
C THR D 243 -1.39 -33.79 -13.64
N ILE D 244 -1.56 -34.60 -14.67
CA ILE D 244 -2.87 -34.87 -15.25
C ILE D 244 -3.13 -36.36 -15.12
N VAL D 245 -4.13 -36.72 -14.32
CA VAL D 245 -4.54 -38.12 -14.19
C VAL D 245 -5.80 -38.32 -15.02
N ALA D 246 -5.74 -39.25 -15.98
CA ALA D 246 -6.91 -39.60 -16.76
C ALA D 246 -7.29 -41.05 -16.48
N THR D 247 -8.56 -41.29 -16.16
CA THR D 247 -9.10 -42.62 -15.94
C THR D 247 -10.28 -42.84 -16.85
N ALA D 248 -10.84 -44.05 -16.81
CA ALA D 248 -12.05 -44.41 -17.52
C ALA D 248 -13.07 -44.95 -16.52
N SER D 249 -14.33 -44.53 -16.70
CA SER D 249 -15.37 -44.86 -15.71
C SER D 249 -15.67 -46.36 -15.62
N LEU D 250 -15.37 -47.13 -16.66
CA LEU D 250 -15.60 -48.58 -16.68
C LEU D 250 -14.31 -49.38 -16.50
N ASP D 251 -13.30 -48.81 -15.90
CA ASP D 251 -12.00 -49.46 -15.80
C ASP D 251 -11.90 -50.26 -14.50
N PRO D 252 -11.54 -51.55 -14.55
CA PRO D 252 -11.29 -52.28 -13.29
C PRO D 252 -10.25 -51.63 -12.39
N ILE D 253 -9.27 -50.90 -12.95
CA ILE D 253 -8.30 -50.20 -12.10
C ILE D 253 -8.60 -48.70 -12.03
N ARG D 254 -9.84 -48.29 -12.33
CA ARG D 254 -10.24 -46.90 -12.16
C ARG D 254 -9.93 -46.37 -10.76
N ASP D 255 -10.29 -47.13 -9.73
CA ASP D 255 -10.12 -46.63 -8.36
C ASP D 255 -8.66 -46.43 -8.00
N SER D 256 -7.76 -47.15 -8.68
CA SER D 256 -6.33 -46.89 -8.53
C SER D 256 -5.96 -45.48 -8.95
N GLY D 257 -6.49 -45.02 -10.08
CA GLY D 257 -6.21 -43.66 -10.51
C GLY D 257 -6.88 -42.61 -9.64
N ARG D 258 -8.12 -42.87 -9.22
CA ARG D 258 -8.76 -42.02 -8.21
C ARG D 258 -7.90 -41.88 -6.97
N ASP D 259 -7.41 -43.02 -6.45
CA ASP D 259 -6.56 -42.99 -5.25
C ASP D 259 -5.35 -42.08 -5.45
N TYR D 260 -4.72 -42.15 -6.62
CA TYR D 260 -3.51 -41.36 -6.83
C TYR D 260 -3.82 -39.87 -6.89
N ALA D 261 -4.84 -39.50 -7.66
CA ALA D 261 -5.24 -38.09 -7.72
C ALA D 261 -5.61 -37.56 -6.34
N LYS D 262 -6.37 -38.34 -5.56
CA LYS D 262 -6.69 -37.94 -4.19
C LYS D 262 -5.43 -37.73 -3.35
N ALA D 263 -4.44 -38.61 -3.48
CA ALA D 263 -3.21 -38.47 -2.72
C ALA D 263 -2.46 -37.21 -3.11
N LEU D 264 -2.52 -36.82 -4.39
CA LEU D 264 -1.86 -35.58 -4.81
C LEU D 264 -2.55 -34.37 -4.18
N VAL D 265 -3.89 -34.33 -4.22
CA VAL D 265 -4.62 -33.25 -3.55
C VAL D 265 -4.30 -33.23 -2.06
N GLU D 266 -4.29 -34.41 -1.43
CA GLU D 266 -3.98 -34.48 0.00
C GLU D 266 -2.61 -33.89 0.30
N ALA D 267 -1.67 -34.02 -0.63
CA ALA D 267 -0.31 -33.47 -0.49
C ALA D 267 -0.20 -32.02 -0.98
N GLY D 268 -1.30 -31.40 -1.40
CA GLY D 268 -1.27 -30.02 -1.87
C GLY D 268 -0.67 -29.81 -3.24
N ARG D 269 -0.68 -30.84 -4.11
CA ARG D 269 -0.07 -30.75 -5.43
C ARG D 269 -1.12 -30.41 -6.49
N ASP D 270 -0.70 -29.68 -7.52
CA ASP D 270 -1.61 -29.32 -8.61
C ASP D 270 -1.91 -30.55 -9.47
N VAL D 271 -3.18 -30.82 -9.72
CA VAL D 271 -3.54 -32.01 -10.48
C VAL D 271 -4.85 -31.75 -11.23
N VAL D 272 -4.89 -32.20 -12.49
CA VAL D 272 -6.11 -32.29 -13.26
C VAL D 272 -6.56 -33.74 -13.22
N TYR D 273 -7.78 -33.99 -12.74
CA TYR D 273 -8.37 -35.32 -12.72
C TYR D 273 -9.48 -35.36 -13.76
N LEU D 274 -9.34 -36.25 -14.75
CA LEU D 274 -10.33 -36.43 -15.80
C LEU D 274 -10.74 -37.90 -15.81
N GLU D 275 -12.04 -38.16 -15.59
CA GLU D 275 -12.58 -39.51 -15.65
C GLU D 275 -13.52 -39.58 -16.84
N MET D 276 -13.07 -40.25 -17.90
CA MET D 276 -13.83 -40.34 -19.14
C MET D 276 -15.06 -41.22 -18.93
N GLU D 277 -16.24 -40.69 -19.24
CA GLU D 277 -17.50 -41.33 -18.88
C GLU D 277 -17.96 -42.30 -19.96
N GLY D 278 -18.25 -43.53 -19.54
CA GLY D 278 -18.85 -44.51 -20.43
C GLY D 278 -17.90 -45.18 -21.39
N VAL D 279 -16.60 -45.15 -21.10
CA VAL D 279 -15.59 -45.85 -21.89
C VAL D 279 -14.71 -46.66 -20.95
N THR D 280 -13.89 -47.51 -21.54
CA THR D 280 -13.09 -48.49 -20.84
C THR D 280 -11.62 -48.09 -20.79
N HIS D 281 -10.88 -48.84 -19.98
CA HIS D 281 -9.45 -49.01 -20.14
C HIS D 281 -9.09 -49.12 -21.62
N SER D 282 -7.90 -48.63 -21.99
CA SER D 282 -7.34 -48.68 -23.35
C SER D 282 -8.02 -47.71 -24.31
N PHE D 283 -8.79 -46.73 -23.82
CA PHE D 283 -9.52 -45.88 -24.76
C PHE D 283 -8.60 -45.05 -25.65
N THR D 284 -7.35 -44.82 -25.25
CA THR D 284 -6.44 -44.05 -26.09
C THR D 284 -6.02 -44.78 -27.36
N ASN D 285 -6.25 -46.10 -27.44
CA ASN D 285 -5.76 -46.89 -28.57
C ASN D 285 -6.89 -47.58 -29.32
N ILE D 286 -8.13 -47.14 -29.15
CA ILE D 286 -9.25 -47.75 -29.85
C ILE D 286 -10.04 -46.66 -30.56
N ARG D 287 -9.33 -45.64 -31.05
CA ARG D 287 -9.97 -44.41 -31.49
C ARG D 287 -10.67 -44.54 -32.84
N ALA D 288 -10.47 -45.63 -33.57
CA ALA D 288 -11.26 -45.87 -34.78
C ALA D 288 -12.47 -46.76 -34.50
N ALA D 289 -12.29 -47.84 -33.75
CA ALA D 289 -13.41 -48.73 -33.41
C ALA D 289 -14.44 -48.02 -32.53
N VAL D 290 -13.99 -47.15 -31.63
CA VAL D 290 -14.88 -46.36 -30.78
C VAL D 290 -14.56 -44.91 -31.07
N PRO D 291 -15.18 -44.29 -32.08
CA PRO D 291 -14.67 -42.98 -32.56
C PRO D 291 -14.71 -41.88 -31.51
N SER D 292 -15.64 -41.93 -30.55
CA SER D 292 -15.72 -40.89 -29.54
C SER D 292 -14.51 -40.84 -28.62
N THR D 293 -13.67 -41.88 -28.59
CA THR D 293 -12.49 -41.85 -27.74
C THR D 293 -11.41 -40.90 -28.27
N GLN D 294 -11.50 -40.49 -29.54
CA GLN D 294 -10.62 -39.44 -30.03
C GLN D 294 -10.84 -38.14 -29.26
N GLY D 295 -12.11 -37.80 -29.00
CA GLY D 295 -12.42 -36.63 -28.20
C GLY D 295 -11.91 -36.73 -26.79
N ASP D 296 -11.89 -37.95 -26.22
CA ASP D 296 -11.30 -38.13 -24.91
C ASP D 296 -9.81 -37.82 -24.93
N LEU D 297 -9.09 -38.34 -25.93
CA LEU D 297 -7.67 -38.03 -26.04
C LEU D 297 -7.46 -36.52 -26.20
N GLU D 298 -8.31 -35.88 -27.01
CA GLU D 298 -8.17 -34.44 -27.25
C GLU D 298 -8.39 -33.63 -25.97
N ARG D 299 -9.20 -34.14 -25.03
CA ARG D 299 -9.35 -33.43 -23.75
C ARG D 299 -8.07 -33.52 -22.94
N ILE D 300 -7.39 -34.67 -22.96
CA ILE D 300 -6.11 -34.80 -22.29
C ILE D 300 -5.11 -33.82 -22.89
N ILE D 301 -5.03 -33.78 -24.22
CA ILE D 301 -4.16 -32.85 -24.94
C ILE D 301 -4.42 -31.41 -24.50
N ALA D 302 -5.70 -31.00 -24.45
CA ALA D 302 -6.03 -29.65 -24.04
C ALA D 302 -5.57 -29.36 -22.62
N ALA D 303 -5.74 -30.33 -21.73
CA ALA D 303 -5.25 -30.18 -20.35
C ALA D 303 -3.74 -30.07 -20.31
N MET D 304 -3.03 -30.87 -21.12
CA MET D 304 -1.58 -30.79 -21.18
C MET D 304 -1.11 -29.41 -21.61
N LYS D 305 -1.72 -28.85 -22.66
CA LYS D 305 -1.33 -27.52 -23.12
C LYS D 305 -1.56 -26.48 -22.04
N MET D 306 -2.71 -26.54 -21.37
CA MET D 306 -2.99 -25.61 -20.27
C MET D 306 -1.96 -25.76 -19.15
N MET D 307 -1.63 -27.01 -18.78
CA MET D 307 -0.75 -27.18 -17.63
C MET D 307 0.70 -26.85 -17.97
N LEU D 308 1.07 -26.86 -19.25
CA LEU D 308 2.42 -26.42 -19.63
C LEU D 308 2.52 -24.90 -19.72
N GLY D 309 1.41 -24.18 -19.69
CA GLY D 309 1.44 -22.74 -19.86
C GLY D 309 1.46 -22.37 -21.33
CAF D8F E . -10.66 12.71 5.13
CAG D8F E . -11.84 13.45 5.75
CAH D8F E . -11.07 12.04 3.83
CAI D8F E . -11.57 13.86 7.20
CAJ D8F E . -12.19 11.05 4.09
CAK D8F E . -10.54 14.97 7.28
CAL D8F E . -11.09 17.08 8.19
CAM D8F E . -11.16 17.55 6.89
CAN D8F E . -11.57 17.83 9.21
CAO D8F E . -12.25 19.53 7.60
CAP D8F E . -11.75 18.76 6.57
CAQ D8F E . -12.15 19.07 8.90
NAE D8F E . -12.83 20.77 7.33
OAA D8F E . -10.51 15.86 8.43
OAB D8F E . -9.73 15.14 6.39
OAC D8F E . -13.01 21.59 8.23
OAD D8F E . -13.20 21.04 6.01
S SO4 F . 7.28 7.57 35.67
O1 SO4 F . 6.52 8.41 36.59
O2 SO4 F . 7.95 6.51 36.42
O3 SO4 F . 6.37 6.96 34.70
O4 SO4 F . 8.28 8.38 34.98
C1 EDO G . -13.44 28.09 34.19
O1 EDO G . -12.88 26.92 34.83
C2 EDO G . -12.38 28.59 33.24
O2 EDO G . -12.88 29.77 32.61
C1 EDO H . 1.22 29.38 -4.61
O1 EDO H . -0.15 29.74 -4.39
C2 EDO H . 1.36 27.91 -4.96
O2 EDO H . 2.19 27.32 -3.95
C1 GOL I . -19.06 12.02 20.28
O1 GOL I . -20.33 12.37 20.82
C2 GOL I . -19.29 10.89 19.24
O2 GOL I . -19.92 9.78 19.80
C3 GOL I . -17.87 10.55 18.65
O3 GOL I . -17.29 9.59 19.50
CAF D8F J . 20.24 54.47 14.00
CAG D8F J . 20.98 54.21 12.69
CAH D8F J . 21.20 54.96 15.08
CAI D8F J . 21.59 52.80 12.58
CAJ D8F J . 21.91 56.23 14.64
CAK D8F J . 20.52 51.76 12.32
CAL D8F J . 19.89 50.86 10.15
CAM D8F J . 18.69 51.56 10.17
CAN D8F J . 20.29 50.25 8.98
CAO D8F J . 18.31 51.08 7.85
CAP D8F J . 17.89 51.68 9.04
CAQ D8F J . 19.50 50.37 7.84
NAE D8F J . 17.56 51.18 6.69
OAA D8F J . 20.67 50.74 11.28
OAB D8F J . 19.52 51.72 13.01
OAC D8F J . 17.83 50.46 5.72
OAD D8F J . 16.56 52.15 6.67
S SO4 K . 33.62 34.64 27.41
O1 SO4 K . 34.74 34.01 28.11
O2 SO4 K . 33.24 35.88 28.09
O3 SO4 K . 34.01 34.95 26.04
O4 SO4 K . 32.47 33.74 27.39
S SO4 L . 10.77 23.75 -2.10
O1 SO4 L . 11.47 24.84 -2.79
O2 SO4 L . 11.34 23.57 -0.76
O3 SO4 L . 10.90 22.52 -2.88
O4 SO4 L . 9.35 24.07 -1.97
S SO4 M . 33.15 19.00 21.56
O1 SO4 M . 33.13 20.42 21.93
O2 SO4 M . 33.41 18.20 22.75
O3 SO4 M . 34.19 18.75 20.57
O4 SO4 M . 31.85 18.62 21.00
C1 EDO N . 39.97 23.93 19.26
O1 EDO N . 39.59 25.19 18.71
C2 EDO N . 39.20 22.91 18.46
O2 EDO N . 39.51 23.12 17.07
C1 EDO O . 15.04 38.33 28.09
O1 EDO O . 15.34 38.65 29.45
C2 EDO O . 14.02 39.30 27.51
O2 EDO O . 13.86 39.19 26.10
C1 EDO P . 34.69 65.50 10.63
O1 EDO P . 35.21 64.90 11.83
C2 EDO P . 35.58 65.17 9.43
O2 EDO P . 34.88 65.39 8.19
C1 EDO Q . 9.12 57.27 24.63
O1 EDO Q . 9.53 57.82 23.36
C2 EDO Q . 10.36 56.82 25.38
O2 EDO Q . 10.12 56.85 26.80
C1 EDO R . 18.08 63.99 17.78
O1 EDO R . 17.02 64.76 17.20
C2 EDO R . 17.94 63.99 19.30
O2 EDO R . 18.50 62.80 19.86
CAF D8F S . -10.73 -11.81 6.39
CAG D8F S . -11.90 -11.19 5.64
CAH D8F S . -9.67 -10.73 6.59
CAI D8F S . -12.93 -12.19 5.12
CAJ D8F S . -10.22 -9.72 7.58
CAK D8F S . -12.40 -13.11 4.05
CAL D8F S . -13.85 -14.96 3.85
CAM D8F S . -13.07 -15.61 4.82
CAN D8F S . -15.09 -15.46 3.53
CAO D8F S . -14.81 -17.23 5.14
CAP D8F S . -13.54 -16.74 5.47
CAQ D8F S . -15.56 -16.60 4.17
NAE D8F S . -15.32 -18.36 5.77
OAA D8F S . -13.35 -13.84 3.24
OAB D8F S . -11.21 -13.30 3.88
OAC D8F S . -16.31 -18.95 5.34
OAD D8F S . -14.67 -18.76 6.95
C1 EDO T . -36.20 -20.84 -12.41
O1 EDO T . -35.92 -19.84 -13.40
C2 EDO T . -35.11 -21.89 -12.51
O2 EDO T . -35.60 -23.08 -11.90
C1 EDO U . -28.12 -15.21 -29.80
O1 EDO U . -26.73 -15.26 -30.13
C2 EDO U . -28.46 -13.89 -29.12
O2 EDO U . -29.61 -14.06 -28.28
C1 EDO V . -7.48 -8.54 -21.57
O1 EDO V . -6.06 -8.36 -21.37
C2 EDO V . -8.11 -7.21 -21.99
O2 EDO V . -7.57 -6.80 -23.25
C1 EDO W . -1.60 -23.97 -14.61
O1 EDO W . -1.18 -24.98 -13.68
C2 EDO W . -0.46 -22.99 -14.82
O2 EDO W . 0.42 -23.47 -15.85
CA 6NA X . 1.54 -29.50 5.44
C 6NA X . 0.79 -30.01 4.21
O 6NA X . -0.16 -30.85 4.36
CB 6NA X . 1.67 -27.97 5.41
CG 6NA X . 0.75 -27.29 6.44
CD 6NA X . 0.84 -27.96 7.80
C6 6NA X . -0.58 -28.32 8.25
OXT 6NA X . 1.11 -29.59 3.05
CAF D8F Y . -5.31 -56.20 -22.00
CAG D8F Y . -4.10 -55.52 -22.63
CAH D8F Y . -6.38 -56.39 -23.06
CAI D8F Y . -3.18 -54.88 -21.59
CAJ D8F Y . -5.88 -57.33 -24.13
CAK D8F Y . -3.67 -53.49 -21.24
CAL D8F Y . -2.44 -52.75 -19.31
CAM D8F Y . -3.41 -53.25 -18.45
CAN D8F Y . -1.20 -52.42 -18.81
CAO D8F Y . -1.90 -53.11 -16.59
CAP D8F Y . -3.16 -53.44 -17.09
CAQ D8F Y . -0.94 -52.60 -17.45
NAE D8F Y . -1.59 -53.28 -15.24
OAA D8F Y . -2.73 -52.56 -20.63
OAB D8F Y . -4.82 -53.16 -21.44
OAC D8F Y . -0.54 -52.85 -14.76
OAD D8F Y . -2.53 -53.97 -14.44
S SO4 Z . 4.45 -69.62 -23.32
O1 SO4 Z . 5.16 -68.87 -22.28
O2 SO4 Z . 3.08 -69.90 -22.87
O3 SO4 Z . 5.14 -70.89 -23.56
O4 SO4 Z . 4.41 -68.85 -24.55
S SO4 AA . 5.18 -22.38 -37.65
O1 SO4 AA . 4.58 -21.16 -38.19
O2 SO4 AA . 5.95 -22.04 -36.45
O3 SO4 AA . 4.12 -23.32 -37.32
O4 SO4 AA . 6.07 -22.96 -38.66
C1 EDO BA . 22.13 -38.89 -15.69
O1 EDO BA . 21.84 -37.96 -16.75
C2 EDO BA . 21.59 -38.31 -14.39
O2 EDO BA . 20.21 -37.99 -14.59
C1 EDO CA . 10.18 -29.05 -41.13
O1 EDO CA . 10.16 -30.39 -40.62
C2 EDO CA . 10.41 -28.11 -39.97
O2 EDO CA . 11.69 -28.41 -39.41
C1 EDO DA . -19.54 -44.69 -8.80
O1 EDO DA . -18.55 -44.06 -9.63
C2 EDO DA . -18.88 -45.72 -7.89
O2 EDO DA . -17.77 -45.12 -7.19
C1 EDO EA . 26.19 -35.67 -25.66
O1 EDO EA . 25.55 -36.33 -26.75
C2 EDO EA . 26.24 -34.17 -25.91
O2 EDO EA . 27.54 -33.69 -25.51
C1 EDO FA . 0.94 -48.83 -37.17
O1 EDO FA . 0.95 -47.72 -38.09
C2 EDO FA . 2.33 -49.14 -36.62
O2 EDO FA . 2.21 -50.06 -35.52
C1 EDO GA . 8.83 -47.07 -37.44
O1 EDO GA . 8.09 -46.36 -38.44
C2 EDO GA . 10.30 -47.21 -37.86
O2 EDO GA . 11.07 -46.16 -37.25
C1 EDO HA . 1.01 -67.05 -21.47
O1 EDO HA . 0.49 -66.06 -22.36
C2 EDO HA . 2.53 -66.97 -21.42
O2 EDO HA . 2.98 -66.58 -20.12
#